data_3HCK
#
_entry.id   3HCK
#
_cell.length_a   1.000
_cell.length_b   1.000
_cell.length_c   1.000
_cell.angle_alpha   90.00
_cell.angle_beta   90.00
_cell.angle_gamma   90.00
#
_symmetry.space_group_name_H-M   'P 1'
#
_entity_poly.entity_id   1
_entity_poly.type   'polypeptide(L)'
_entity_poly.pdbx_seq_one_letter_code
;METEEWFFKGISRKDAERQLLAPGNMLGSFMIRDSETTKGSYSLSVRDYDPRQGDTVKHYKIRTLDNGGFYISPRSTFST
LQELVDHYKKGNDGLCQKLSVPCMSSK
;
_entity_poly.pdbx_strand_id   A
#
# COMPACT_ATOMS: atom_id res chain seq x y z
N MET A 1 4.79 -2.58 0.47
CA MET A 1 4.61 -3.49 -0.66
C MET A 1 3.74 -2.85 -1.74
N GLU A 2 2.50 -2.54 -1.37
CA GLU A 2 1.57 -1.93 -2.30
C GLU A 2 0.22 -1.71 -1.62
N THR A 3 -0.37 -0.55 -1.91
CA THR A 3 -1.66 -0.21 -1.33
C THR A 3 -2.60 0.33 -2.42
N GLU A 4 -3.89 0.12 -2.20
CA GLU A 4 -4.89 0.57 -3.14
C GLU A 4 -5.99 1.35 -2.41
N GLU A 5 -5.96 2.67 -2.57
CA GLU A 5 -6.94 3.53 -1.93
C GLU A 5 -7.73 4.30 -2.98
N TRP A 6 -8.26 3.56 -3.95
CA TRP A 6 -9.02 4.16 -5.02
C TRP A 6 -10.50 4.15 -4.60
N PHE A 7 -10.79 3.36 -3.58
CA PHE A 7 -12.15 3.25 -3.08
C PHE A 7 -12.32 4.09 -1.80
N PHE A 8 -13.47 4.74 -1.72
CA PHE A 8 -13.77 5.57 -0.57
C PHE A 8 -15.14 5.20 0.04
N LYS A 9 -15.32 5.58 1.29
CA LYS A 9 -16.56 5.30 1.99
C LYS A 9 -17.72 5.97 1.26
N GLY A 10 -18.90 5.85 1.85
CA GLY A 10 -20.09 6.44 1.27
C GLY A 10 -20.02 7.97 1.30
N ILE A 11 -19.13 8.50 0.46
CA ILE A 11 -18.96 9.94 0.39
C ILE A 11 -20.05 10.54 -0.49
N SER A 12 -20.34 11.80 -0.25
CA SER A 12 -21.36 12.50 -1.01
C SER A 12 -20.79 12.95 -2.36
N ARG A 13 -21.70 13.27 -3.27
CA ARG A 13 -21.31 13.70 -4.60
C ARG A 13 -20.67 15.09 -4.53
N LYS A 14 -21.06 15.85 -3.53
CA LYS A 14 -20.53 17.19 -3.33
C LYS A 14 -19.18 17.10 -2.62
N ASP A 15 -19.04 16.06 -1.82
CA ASP A 15 -17.81 15.84 -1.08
C ASP A 15 -16.76 15.23 -2.00
N ALA A 16 -17.23 14.44 -2.95
CA ALA A 16 -16.35 13.79 -3.90
C ALA A 16 -15.86 14.81 -4.92
N GLU A 17 -16.69 15.81 -5.15
CA GLU A 17 -16.36 16.86 -6.10
C GLU A 17 -15.39 17.86 -5.47
N ARG A 18 -15.48 17.96 -4.15
CA ARG A 18 -14.62 18.89 -3.42
C ARG A 18 -13.23 18.25 -3.22
N GLN A 19 -13.20 16.94 -3.26
CA GLN A 19 -11.96 16.20 -3.09
C GLN A 19 -11.19 16.14 -4.40
N LEU A 20 -11.94 16.18 -5.49
CA LEU A 20 -11.35 16.13 -6.83
C LEU A 20 -10.83 17.52 -7.19
N LEU A 21 -11.72 18.50 -7.06
CA LEU A 21 -11.37 19.88 -7.38
C LEU A 21 -10.36 20.39 -6.35
N ALA A 22 -10.24 19.65 -5.27
CA ALA A 22 -9.33 20.03 -4.20
C ALA A 22 -7.92 20.15 -4.77
N PRO A 23 -7.07 20.96 -4.07
CA PRO A 23 -5.70 21.17 -4.49
C PRO A 23 -4.84 19.94 -4.19
N GLY A 24 -4.58 19.17 -5.23
CA GLY A 24 -3.77 17.97 -5.09
C GLY A 24 -4.02 16.99 -6.25
N ASN A 25 -5.27 16.94 -6.68
CA ASN A 25 -5.65 16.06 -7.77
C ASN A 25 -5.58 16.83 -9.09
N MET A 26 -5.54 16.09 -10.17
CA MET A 26 -5.47 16.69 -11.50
C MET A 26 -6.15 15.81 -12.53
N LEU A 27 -6.38 16.39 -13.71
CA LEU A 27 -7.03 15.66 -14.78
C LEU A 27 -6.49 14.24 -14.83
N GLY A 28 -7.43 13.29 -14.87
CA GLY A 28 -7.07 11.88 -14.90
C GLY A 28 -7.33 11.22 -13.55
N SER A 29 -7.54 12.04 -12.54
CA SER A 29 -7.81 11.55 -11.20
C SER A 29 -9.21 10.95 -11.13
N PHE A 30 -9.28 9.72 -10.62
CA PHE A 30 -10.54 9.03 -10.49
C PHE A 30 -10.68 8.39 -9.12
N MET A 31 -11.93 8.23 -8.69
CA MET A 31 -12.22 7.64 -7.39
C MET A 31 -13.57 6.93 -7.41
N ILE A 32 -13.68 5.93 -6.54
CA ILE A 32 -14.92 5.16 -6.44
C ILE A 32 -15.54 5.41 -5.07
N ARG A 33 -16.86 5.27 -5.03
CA ARG A 33 -17.59 5.46 -3.78
C ARG A 33 -18.95 4.77 -3.86
N ASP A 34 -19.33 4.15 -2.74
CA ASP A 34 -20.59 3.45 -2.66
C ASP A 34 -21.73 4.46 -2.52
N SER A 35 -22.92 4.02 -2.92
CA SER A 35 -24.09 4.88 -2.83
C SER A 35 -24.34 5.29 -1.38
N GLU A 36 -25.16 6.32 -1.23
CA GLU A 36 -25.49 6.83 0.10
C GLU A 36 -26.97 6.59 0.39
N THR A 37 -27.81 7.03 -0.54
CA THR A 37 -29.24 6.88 -0.39
C THR A 37 -29.69 5.51 -0.90
N THR A 38 -29.30 5.20 -2.13
CA THR A 38 -29.65 3.93 -2.74
C THR A 38 -28.55 2.90 -2.48
N LYS A 39 -28.39 2.54 -1.21
CA LYS A 39 -27.39 1.57 -0.83
C LYS A 39 -27.48 0.35 -1.74
N GLY A 40 -26.35 -0.30 -1.93
CA GLY A 40 -26.29 -1.48 -2.77
C GLY A 40 -25.73 -1.14 -4.15
N SER A 41 -25.80 0.15 -4.48
CA SER A 41 -25.31 0.62 -5.76
C SER A 41 -24.00 1.39 -5.58
N TYR A 42 -23.23 1.46 -6.65
CA TYR A 42 -21.95 2.16 -6.62
C TYR A 42 -21.99 3.39 -7.52
N SER A 43 -21.03 4.28 -7.30
CA SER A 43 -20.94 5.50 -8.09
C SER A 43 -19.47 5.87 -8.31
N LEU A 44 -19.10 5.98 -9.57
CA LEU A 44 -17.74 6.33 -9.92
C LEU A 44 -17.66 7.83 -10.20
N SER A 45 -16.48 8.38 -9.94
CA SER A 45 -16.25 9.80 -10.15
C SER A 45 -14.84 10.03 -10.71
N VAL A 46 -14.80 10.65 -11.87
CA VAL A 46 -13.53 10.93 -12.52
C VAL A 46 -13.47 12.42 -12.88
N ARG A 47 -12.24 12.89 -13.08
CA ARG A 47 -12.03 14.29 -13.43
C ARG A 47 -11.99 14.45 -14.95
N ASP A 48 -12.64 15.51 -15.41
CA ASP A 48 -12.70 15.80 -16.84
C ASP A 48 -12.64 17.31 -17.06
N TYR A 49 -12.28 17.69 -18.27
CA TYR A 49 -12.19 19.10 -18.62
C TYR A 49 -12.91 19.38 -19.94
N ASP A 50 -13.32 20.64 -20.10
CA ASP A 50 -14.01 21.05 -21.30
C ASP A 50 -13.40 22.36 -21.81
N PRO A 51 -13.34 22.48 -23.17
CA PRO A 51 -12.79 23.67 -23.78
C PRO A 51 -13.76 24.84 -23.70
N ARG A 52 -14.94 24.55 -23.17
CA ARG A 52 -15.97 25.56 -23.01
C ARG A 52 -16.03 26.05 -21.57
N GLN A 53 -16.35 25.13 -20.68
CA GLN A 53 -16.45 25.45 -19.26
C GLN A 53 -15.06 25.47 -18.63
N GLY A 54 -14.39 24.33 -18.72
CA GLY A 54 -13.05 24.20 -18.17
C GLY A 54 -12.93 22.93 -17.33
N ASP A 55 -12.61 23.12 -16.06
CA ASP A 55 -12.45 22.00 -15.15
C ASP A 55 -13.83 21.50 -14.73
N THR A 56 -14.01 20.19 -14.84
CA THR A 56 -15.28 19.57 -14.49
C THR A 56 -15.05 18.17 -13.93
N VAL A 57 -16.11 17.60 -13.37
CA VAL A 57 -16.04 16.26 -12.81
C VAL A 57 -17.18 15.42 -13.36
N LYS A 58 -16.83 14.21 -13.81
CA LYS A 58 -17.81 13.30 -14.35
C LYS A 58 -18.16 12.24 -13.31
N HIS A 59 -19.41 11.80 -13.36
CA HIS A 59 -19.88 10.79 -12.43
C HIS A 59 -20.70 9.73 -13.18
N TYR A 60 -20.25 8.49 -13.06
CA TYR A 60 -20.92 7.38 -13.71
C TYR A 60 -21.47 6.38 -12.69
N LYS A 61 -22.76 6.11 -12.81
CA LYS A 61 -23.42 5.18 -11.91
C LYS A 61 -22.99 3.75 -12.26
N ILE A 62 -22.93 2.92 -11.23
CA ILE A 62 -22.54 1.53 -11.42
C ILE A 62 -23.64 0.62 -10.89
N ARG A 63 -24.27 -0.11 -11.81
CA ARG A 63 -25.34 -1.01 -11.45
C ARG A 63 -24.82 -2.44 -11.36
N THR A 64 -25.60 -3.30 -10.72
CA THR A 64 -25.23 -4.69 -10.57
C THR A 64 -26.22 -5.59 -11.29
N LEU A 65 -25.79 -6.81 -11.55
CA LEU A 65 -26.63 -7.78 -12.24
C LEU A 65 -27.13 -8.82 -11.24
N ASP A 66 -28.25 -9.43 -11.58
CA ASP A 66 -28.84 -10.45 -10.72
C ASP A 66 -27.81 -11.55 -10.46
N ASN A 67 -27.22 -12.04 -11.54
CA ASN A 67 -26.21 -13.08 -11.44
C ASN A 67 -24.96 -12.67 -12.22
N GLY A 68 -24.23 -11.75 -11.64
CA GLY A 68 -23.00 -11.25 -12.26
C GLY A 68 -22.16 -10.46 -11.26
N GLY A 69 -22.08 -9.16 -11.49
CA GLY A 69 -21.31 -8.30 -10.62
C GLY A 69 -21.71 -6.83 -10.80
N PHE A 70 -20.81 -6.07 -11.37
CA PHE A 70 -21.07 -4.65 -11.61
C PHE A 70 -20.78 -4.27 -13.06
N TYR A 71 -21.64 -3.44 -13.61
CA TYR A 71 -21.48 -2.99 -14.98
C TYR A 71 -21.98 -1.55 -15.15
N ILE A 72 -21.35 -0.85 -16.08
CA ILE A 72 -21.70 0.54 -16.35
C ILE A 72 -22.38 0.62 -17.72
N SER A 73 -21.74 -0.01 -18.70
CA SER A 73 -22.27 -0.01 -20.05
C SER A 73 -22.85 -1.38 -20.39
N PRO A 74 -23.96 -1.35 -21.17
CA PRO A 74 -24.63 -2.58 -21.57
C PRO A 74 -23.83 -3.30 -22.66
N ARG A 75 -22.57 -3.58 -22.34
CA ARG A 75 -21.69 -4.27 -23.27
C ARG A 75 -20.87 -5.33 -22.55
N SER A 76 -19.96 -4.85 -21.71
CA SER A 76 -19.09 -5.73 -20.95
C SER A 76 -19.21 -5.43 -19.46
N THR A 77 -19.42 -6.48 -18.69
CA THR A 77 -19.55 -6.34 -17.24
C THR A 77 -18.33 -6.94 -16.53
N PHE A 78 -18.24 -6.66 -15.24
CA PHE A 78 -17.14 -7.16 -14.44
C PHE A 78 -17.65 -7.75 -13.11
N SER A 79 -17.11 -8.92 -12.79
CA SER A 79 -17.50 -9.59 -11.56
C SER A 79 -17.01 -8.80 -10.35
N THR A 80 -15.91 -8.07 -10.56
CA THR A 80 -15.34 -7.26 -9.51
C THR A 80 -15.05 -5.85 -10.01
N LEU A 81 -14.86 -4.95 -9.05
CA LEU A 81 -14.57 -3.56 -9.37
C LEU A 81 -13.07 -3.40 -9.64
N GLN A 82 -12.30 -4.29 -9.06
CA GLN A 82 -10.86 -4.26 -9.21
C GLN A 82 -10.48 -4.57 -10.66
N GLU A 83 -11.33 -5.35 -11.31
CA GLU A 83 -11.10 -5.73 -12.70
C GLU A 83 -11.58 -4.62 -13.63
N LEU A 84 -12.56 -3.87 -13.15
CA LEU A 84 -13.12 -2.78 -13.94
C LEU A 84 -12.20 -1.55 -13.84
N VAL A 85 -11.52 -1.46 -12.70
CA VAL A 85 -10.62 -0.35 -12.46
C VAL A 85 -9.37 -0.53 -13.33
N ASP A 86 -8.88 -1.76 -13.37
CA ASP A 86 -7.69 -2.08 -14.15
C ASP A 86 -8.00 -1.89 -15.63
N HIS A 87 -9.20 -2.33 -16.02
CA HIS A 87 -9.62 -2.23 -17.40
C HIS A 87 -9.76 -0.76 -17.78
N TYR A 88 -10.15 0.05 -16.80
CA TYR A 88 -10.32 1.47 -17.02
C TYR A 88 -8.98 2.19 -17.00
N LYS A 89 -7.98 1.52 -16.44
CA LYS A 89 -6.65 2.08 -16.37
C LYS A 89 -5.92 1.84 -17.69
N LYS A 90 -6.35 0.80 -18.39
CA LYS A 90 -5.74 0.44 -19.66
C LYS A 90 -6.34 1.33 -20.76
N GLY A 91 -7.60 1.69 -20.57
CA GLY A 91 -8.29 2.54 -21.53
C GLY A 91 -9.72 2.84 -21.07
N ASN A 92 -10.24 3.96 -21.54
CA ASN A 92 -11.58 4.37 -21.18
C ASN A 92 -12.56 3.26 -21.57
N ASP A 93 -12.46 2.84 -22.82
CA ASP A 93 -13.34 1.78 -23.32
C ASP A 93 -14.76 2.01 -22.79
N GLY A 94 -15.30 3.17 -23.13
CA GLY A 94 -16.64 3.52 -22.70
C GLY A 94 -16.67 4.91 -22.05
N LEU A 95 -15.67 5.14 -21.21
CA LEU A 95 -15.57 6.41 -20.52
C LEU A 95 -15.17 7.51 -21.51
N CYS A 96 -15.13 8.73 -21.03
CA CYS A 96 -14.76 9.87 -21.86
C CYS A 96 -13.25 9.89 -22.00
N GLN A 97 -12.58 9.58 -20.90
CA GLN A 97 -11.12 9.56 -20.90
C GLN A 97 -10.61 8.46 -19.96
N LYS A 98 -9.63 7.72 -20.45
CA LYS A 98 -9.04 6.65 -19.66
C LYS A 98 -8.66 7.17 -18.28
N LEU A 99 -8.38 6.24 -17.38
CA LEU A 99 -8.00 6.60 -16.03
C LEU A 99 -6.47 6.76 -15.96
N SER A 100 -6.05 7.68 -15.10
CA SER A 100 -4.63 7.94 -14.94
C SER A 100 -4.15 7.42 -13.58
N VAL A 101 -4.48 8.17 -12.54
CA VAL A 101 -4.09 7.78 -11.20
C VAL A 101 -5.27 8.01 -10.25
N PRO A 102 -5.28 7.19 -9.16
CA PRO A 102 -6.35 7.30 -8.17
C PRO A 102 -6.16 8.53 -7.28
N CYS A 103 -7.25 8.94 -6.66
CA CYS A 103 -7.22 10.10 -5.79
C CYS A 103 -5.99 10.00 -4.89
N MET A 104 -5.57 11.15 -4.39
CA MET A 104 -4.41 11.20 -3.51
C MET A 104 -4.79 10.82 -2.08
N SER A 105 -3.79 10.32 -1.35
CA SER A 105 -4.00 9.92 0.02
C SER A 105 -2.66 9.63 0.69
N SER A 106 -1.99 10.69 1.11
CA SER A 106 -0.70 10.56 1.76
C SER A 106 -0.72 11.31 3.10
N LYS A 107 0.03 10.76 4.05
CA LYS A 107 0.11 11.35 5.37
C LYS A 107 1.57 11.47 5.79
N MET A 1 4.79 -2.58 0.47
CA MET A 1 4.61 -3.49 -0.66
C MET A 1 5.59 -4.66 -0.57
N GLU A 2 6.87 -4.32 -0.59
CA GLU A 2 7.91 -5.32 -0.51
C GLU A 2 9.16 -4.75 0.15
N THR A 3 9.34 -5.12 1.41
CA THR A 3 10.50 -4.64 2.16
C THR A 3 10.82 -5.61 3.30
N GLU A 4 11.64 -5.13 4.23
CA GLU A 4 12.03 -5.94 5.37
C GLU A 4 11.41 -5.39 6.65
N GLU A 5 10.51 -6.18 7.22
CA GLU A 5 9.84 -5.78 8.45
C GLU A 5 10.31 -6.64 9.62
N TRP A 6 11.62 -6.64 9.82
CA TRP A 6 12.21 -7.41 10.91
C TRP A 6 12.06 -6.61 12.20
N PHE A 7 11.76 -5.33 12.03
CA PHE A 7 11.60 -4.45 13.18
C PHE A 7 10.11 -4.27 13.51
N PHE A 8 9.80 -4.47 14.79
CA PHE A 8 8.44 -4.33 15.25
C PHE A 8 8.31 -3.18 16.25
N LYS A 9 7.14 -2.56 16.25
CA LYS A 9 6.87 -1.45 17.13
C LYS A 9 5.83 -1.87 18.17
N GLY A 10 5.94 -1.27 19.35
CA GLY A 10 5.01 -1.57 20.43
C GLY A 10 4.64 -3.05 20.44
N ILE A 11 5.67 -3.88 20.61
CA ILE A 11 5.47 -5.32 20.63
C ILE A 11 5.69 -5.83 22.06
N SER A 12 5.13 -7.00 22.33
CA SER A 12 5.26 -7.61 23.64
C SER A 12 6.19 -8.81 23.57
N ARG A 13 6.71 -9.18 24.73
CA ARG A 13 7.62 -10.32 24.81
C ARG A 13 6.86 -11.64 24.61
N LYS A 14 5.57 -11.59 24.93
CA LYS A 14 4.73 -12.77 24.79
C LYS A 14 4.32 -12.92 23.31
N ASP A 15 4.17 -11.78 22.66
CA ASP A 15 3.79 -11.78 21.25
C ASP A 15 5.00 -12.17 20.40
N ALA A 16 6.14 -11.59 20.76
CA ALA A 16 7.37 -11.86 20.03
C ALA A 16 7.68 -13.36 20.11
N GLU A 17 7.30 -13.96 21.24
CA GLU A 17 7.53 -15.38 21.45
C GLU A 17 6.50 -16.20 20.68
N ARG A 18 5.36 -15.58 20.44
CA ARG A 18 4.28 -16.24 19.71
C ARG A 18 4.50 -16.11 18.20
N GLN A 19 5.24 -15.07 17.83
CA GLN A 19 5.52 -14.81 16.43
C GLN A 19 6.69 -15.68 15.96
N LEU A 20 7.53 -16.05 16.92
CA LEU A 20 8.68 -16.88 16.62
C LEU A 20 8.29 -18.35 16.66
N LEU A 21 7.52 -18.68 17.70
CA LEU A 21 7.06 -20.06 17.87
C LEU A 21 5.88 -20.31 16.93
N ALA A 22 5.33 -19.23 16.42
CA ALA A 22 4.20 -19.33 15.50
C ALA A 22 4.57 -20.25 14.33
N PRO A 23 3.52 -20.74 13.64
CA PRO A 23 3.72 -21.63 12.50
C PRO A 23 4.20 -20.85 11.28
N GLY A 24 5.35 -21.28 10.76
CA GLY A 24 5.94 -20.64 9.61
C GLY A 24 7.41 -20.30 9.84
N ASN A 25 7.71 -19.95 11.08
CA ASN A 25 9.07 -19.60 11.44
C ASN A 25 9.77 -20.85 12.01
N MET A 26 11.10 -20.83 11.95
CA MET A 26 11.89 -21.93 12.45
C MET A 26 13.24 -21.45 12.96
N LEU A 27 13.90 -22.33 13.70
CA LEU A 27 15.20 -22.01 14.26
C LEU A 27 16.02 -21.24 13.23
N GLY A 28 16.43 -20.04 13.61
CA GLY A 28 17.21 -19.20 12.72
C GLY A 28 16.52 -17.85 12.49
N SER A 29 15.22 -17.83 12.78
CA SER A 29 14.43 -16.62 12.59
C SER A 29 14.73 -15.64 13.74
N PHE A 30 15.00 -14.40 13.35
CA PHE A 30 15.29 -13.36 14.32
C PHE A 30 14.39 -12.14 14.12
N MET A 31 14.30 -11.33 15.16
CA MET A 31 13.48 -10.12 15.10
C MET A 31 14.05 -9.03 16.00
N ILE A 32 13.68 -7.80 15.69
CA ILE A 32 14.14 -6.66 16.47
C ILE A 32 12.95 -5.79 16.85
N ARG A 33 13.03 -5.20 18.04
CA ARG A 33 11.96 -4.34 18.53
C ARG A 33 12.52 -3.32 19.51
N ASP A 34 11.75 -2.27 19.72
CA ASP A 34 12.15 -1.21 20.63
C ASP A 34 11.45 -1.42 21.98
N SER A 35 12.08 -0.88 23.03
CA SER A 35 11.54 -0.99 24.36
C SER A 35 10.16 -0.32 24.43
N GLU A 36 9.47 -0.56 25.54
CA GLU A 36 8.15 0.02 25.73
C GLU A 36 8.21 1.13 26.79
N THR A 37 8.63 0.74 27.98
CA THR A 37 8.73 1.69 29.08
C THR A 37 10.07 2.43 29.03
N THR A 38 11.14 1.65 28.91
CA THR A 38 12.47 2.22 28.84
C THR A 38 12.80 2.63 27.41
N LYS A 39 12.09 3.63 26.92
CA LYS A 39 12.30 4.12 25.57
C LYS A 39 13.78 4.48 25.40
N GLY A 40 14.25 4.31 24.17
CA GLY A 40 15.64 4.62 23.85
C GLY A 40 16.48 3.35 23.81
N SER A 41 15.95 2.29 24.39
CA SER A 41 16.63 1.01 24.43
C SER A 41 15.93 0.02 23.50
N TYR A 42 16.73 -0.82 22.86
CA TYR A 42 16.20 -1.82 21.95
C TYR A 42 16.33 -3.22 22.55
N SER A 43 15.57 -4.15 21.97
CA SER A 43 15.60 -5.53 22.42
C SER A 43 15.52 -6.47 21.23
N LEU A 44 16.49 -7.38 21.17
CA LEU A 44 16.55 -8.35 20.09
C LEU A 44 15.98 -9.68 20.58
N SER A 45 15.40 -10.42 19.64
CA SER A 45 14.81 -11.71 19.96
C SER A 45 15.03 -12.69 18.80
N VAL A 46 15.56 -13.85 19.15
CA VAL A 46 15.83 -14.87 18.15
C VAL A 46 15.37 -16.23 18.68
N ARG A 47 15.09 -17.13 17.75
CA ARG A 47 14.63 -18.46 18.11
C ARG A 47 15.83 -19.36 18.43
N ASP A 48 15.68 -20.15 19.49
CA ASP A 48 16.75 -21.05 19.91
C ASP A 48 16.12 -22.35 20.41
N TYR A 49 16.93 -23.40 20.41
CA TYR A 49 16.47 -24.70 20.87
C TYR A 49 17.52 -25.35 21.78
N ASP A 50 17.03 -26.24 22.64
CA ASP A 50 17.90 -26.94 23.57
C ASP A 50 17.52 -28.42 23.60
N PRO A 51 18.55 -29.27 23.82
CA PRO A 51 18.33 -30.71 23.88
C PRO A 51 17.68 -31.11 25.20
N ARG A 52 17.57 -30.13 26.09
CA ARG A 52 16.96 -30.37 27.39
C ARG A 52 15.46 -30.03 27.35
N GLN A 53 15.19 -28.75 27.17
CA GLN A 53 13.81 -28.28 27.12
C GLN A 53 13.22 -28.53 25.73
N GLY A 54 13.86 -27.94 24.73
CA GLY A 54 13.41 -28.10 23.36
C GLY A 54 13.35 -26.75 22.65
N ASP A 55 12.13 -26.37 22.27
CA ASP A 55 11.92 -25.11 21.59
C ASP A 55 11.97 -23.96 22.60
N THR A 56 12.80 -22.98 22.30
CA THR A 56 12.95 -21.82 23.17
C THR A 56 13.18 -20.55 22.34
N VAL A 57 13.14 -19.42 23.05
CA VAL A 57 13.34 -18.14 22.39
C VAL A 57 14.30 -17.29 23.22
N LYS A 58 15.37 -16.86 22.58
CA LYS A 58 16.37 -16.04 23.25
C LYS A 58 16.03 -14.56 23.05
N HIS A 59 16.36 -13.76 24.04
CA HIS A 59 16.10 -12.33 23.98
C HIS A 59 17.34 -11.56 24.42
N TYR A 60 17.90 -10.80 23.49
CA TYR A 60 19.09 -10.02 23.76
C TYR A 60 18.74 -8.53 23.91
N LYS A 61 19.64 -7.81 24.56
CA LYS A 61 19.44 -6.39 24.77
C LYS A 61 20.37 -5.61 23.83
N ILE A 62 19.85 -4.48 23.35
CA ILE A 62 20.60 -3.64 22.44
C ILE A 62 20.81 -2.27 23.07
N ARG A 63 22.02 -2.05 23.56
CA ARG A 63 22.35 -0.78 24.20
C ARG A 63 22.96 0.18 23.17
N THR A 64 22.78 1.47 23.45
CA THR A 64 23.30 2.50 22.56
C THR A 64 24.52 3.18 23.19
N LEU A 65 25.39 3.67 22.34
CA LEU A 65 26.59 4.35 22.80
C LEU A 65 26.35 5.85 22.81
N ASP A 66 26.99 6.51 23.76
CA ASP A 66 26.85 7.96 23.90
C ASP A 66 27.05 8.62 22.53
N ASN A 67 28.17 8.28 21.91
CA ASN A 67 28.50 8.83 20.60
C ASN A 67 28.84 7.69 19.65
N GLY A 68 27.86 6.83 19.41
CA GLY A 68 28.05 5.69 18.52
C GLY A 68 26.73 5.29 17.86
N GLY A 69 26.33 4.05 18.12
CA GLY A 69 25.09 3.53 17.55
C GLY A 69 24.44 2.52 18.50
N PHE A 70 24.52 1.26 18.10
CA PHE A 70 23.93 0.19 18.90
C PHE A 70 24.89 -1.00 18.99
N TYR A 71 25.02 -1.53 20.20
CA TYR A 71 25.89 -2.67 20.43
C TYR A 71 25.20 -3.72 21.29
N ILE A 72 25.65 -4.95 21.13
CA ILE A 72 25.07 -6.06 21.90
C ILE A 72 26.16 -6.66 22.79
N SER A 73 27.33 -6.87 22.20
CA SER A 73 28.45 -7.43 22.94
C SER A 73 29.61 -6.44 22.98
N PRO A 74 30.37 -6.48 24.10
CA PRO A 74 31.50 -5.60 24.27
C PRO A 74 32.69 -6.04 23.41
N ARG A 75 32.43 -6.16 22.12
CA ARG A 75 33.46 -6.58 21.18
C ARG A 75 33.38 -5.75 19.90
N SER A 76 32.20 -5.77 19.30
CA SER A 76 31.98 -5.03 18.06
C SER A 76 30.69 -4.21 18.17
N THR A 77 30.75 -3.00 17.63
CA THR A 77 29.60 -2.11 17.65
C THR A 77 29.21 -1.70 16.23
N PHE A 78 27.99 -1.20 16.11
CA PHE A 78 27.48 -0.77 14.82
C PHE A 78 26.80 0.59 14.92
N SER A 79 26.92 1.37 13.85
CA SER A 79 26.32 2.69 13.82
C SER A 79 24.86 2.58 13.36
N THR A 80 24.58 1.53 12.61
CA THR A 80 23.23 1.31 12.11
C THR A 80 22.81 -0.13 12.37
N LEU A 81 21.51 -0.30 12.61
CA LEU A 81 20.96 -1.61 12.87
C LEU A 81 20.96 -2.43 11.57
N GLN A 82 21.03 -1.72 10.46
CA GLN A 82 21.04 -2.36 9.16
C GLN A 82 22.38 -3.03 8.91
N GLU A 83 23.42 -2.45 9.51
CA GLU A 83 24.76 -2.99 9.36
C GLU A 83 25.00 -4.11 10.36
N LEU A 84 24.24 -4.07 11.43
CA LEU A 84 24.36 -5.08 12.47
C LEU A 84 23.63 -6.35 12.03
N VAL A 85 22.60 -6.15 11.23
CA VAL A 85 21.82 -7.27 10.74
C VAL A 85 22.54 -7.92 9.56
N ASP A 86 23.26 -7.09 8.82
CA ASP A 86 24.00 -7.57 7.67
C ASP A 86 25.24 -8.33 8.15
N HIS A 87 25.80 -7.86 9.25
CA HIS A 87 26.97 -8.49 9.83
C HIS A 87 26.57 -9.79 10.53
N TYR A 88 25.38 -9.78 11.09
CA TYR A 88 24.87 -10.94 11.79
C TYR A 88 24.32 -11.98 10.81
N LYS A 89 23.98 -11.50 9.61
CA LYS A 89 23.45 -12.37 8.58
C LYS A 89 24.60 -13.10 7.89
N LYS A 90 25.75 -12.46 7.91
CA LYS A 90 26.94 -13.05 7.29
C LYS A 90 27.57 -14.05 8.25
N GLY A 91 27.36 -13.80 9.54
CA GLY A 91 27.90 -14.67 10.57
C GLY A 91 27.59 -14.14 11.96
N ASN A 92 27.29 -15.07 12.86
CA ASN A 92 26.97 -14.70 14.24
C ASN A 92 27.93 -13.60 14.71
N ASP A 93 29.22 -13.86 14.50
CA ASP A 93 30.24 -12.91 14.90
C ASP A 93 29.88 -12.32 16.25
N GLY A 94 29.65 -13.20 17.21
CA GLY A 94 29.29 -12.78 18.56
C GLY A 94 28.13 -13.61 19.10
N LEU A 95 27.09 -13.71 18.30
CA LEU A 95 25.91 -14.47 18.68
C LEU A 95 26.25 -15.96 18.73
N CYS A 96 25.31 -16.74 19.23
CA CYS A 96 25.50 -18.18 19.33
C CYS A 96 25.13 -18.81 17.99
N GLN A 97 24.13 -18.22 17.36
CA GLN A 97 23.66 -18.71 16.07
C GLN A 97 23.53 -17.56 15.08
N LYS A 98 24.00 -17.81 13.86
CA LYS A 98 23.94 -16.81 12.81
C LYS A 98 22.48 -16.52 12.47
N LEU A 99 22.27 -15.42 11.76
CA LEU A 99 20.93 -15.02 11.36
C LEU A 99 20.59 -15.67 10.02
N SER A 100 19.43 -16.30 9.98
CA SER A 100 18.98 -16.96 8.77
C SER A 100 18.03 -16.04 7.99
N VAL A 101 16.81 -15.94 8.49
CA VAL A 101 15.81 -15.10 7.85
C VAL A 101 15.09 -14.28 8.91
N PRO A 102 14.59 -13.08 8.48
CA PRO A 102 13.89 -12.19 9.39
C PRO A 102 12.48 -12.71 9.67
N CYS A 103 11.98 -12.34 10.84
CA CYS A 103 10.64 -12.76 11.24
C CYS A 103 9.64 -12.24 10.22
N MET A 104 8.50 -12.91 10.16
CA MET A 104 7.46 -12.53 9.23
C MET A 104 6.36 -11.73 9.93
N SER A 105 5.34 -11.38 9.16
CA SER A 105 4.22 -10.61 9.70
C SER A 105 2.90 -11.11 9.10
N SER A 106 1.81 -10.63 9.67
CA SER A 106 0.50 -11.01 9.19
C SER A 106 -0.56 -10.02 9.70
N LYS A 107 -1.40 -9.57 8.78
CA LYS A 107 -2.44 -8.63 9.11
C LYS A 107 -3.80 -9.29 8.95
N MET A 1 4.79 -2.58 0.47
CA MET A 1 4.61 -3.49 -0.66
C MET A 1 3.27 -3.23 -1.36
N GLU A 2 3.08 -1.98 -1.77
CA GLU A 2 1.86 -1.60 -2.45
C GLU A 2 0.64 -1.96 -1.60
N THR A 3 0.05 -0.94 -1.01
CA THR A 3 -1.12 -1.14 -0.17
C THR A 3 -2.02 0.10 -0.22
N GLU A 4 -3.32 -0.16 -0.12
CA GLU A 4 -4.30 0.92 -0.15
C GLU A 4 -4.67 1.34 1.27
N GLU A 5 -4.25 2.55 1.62
CA GLU A 5 -4.54 3.09 2.94
C GLU A 5 -5.36 4.37 2.83
N TRP A 6 -6.52 4.24 2.20
CA TRP A 6 -7.41 5.37 2.02
C TRP A 6 -8.42 5.36 3.16
N PHE A 7 -8.54 4.19 3.80
CA PHE A 7 -9.47 4.04 4.90
C PHE A 7 -8.75 4.16 6.25
N PHE A 8 -9.47 4.69 7.22
CA PHE A 8 -8.92 4.86 8.56
C PHE A 8 -9.90 4.39 9.62
N LYS A 9 -9.36 4.11 10.80
CA LYS A 9 -10.17 3.65 11.92
C LYS A 9 -11.20 4.73 12.28
N GLY A 10 -11.96 4.45 13.32
CA GLY A 10 -12.98 5.39 13.78
C GLY A 10 -12.34 6.65 14.35
N ILE A 11 -11.78 7.45 13.45
CA ILE A 11 -11.14 8.69 13.85
C ILE A 11 -12.20 9.78 14.01
N SER A 12 -11.83 10.81 14.76
CA SER A 12 -12.73 11.92 15.00
C SER A 12 -12.74 12.87 13.80
N ARG A 13 -13.75 13.74 13.78
CA ARG A 13 -13.88 14.69 12.69
C ARG A 13 -12.83 15.81 12.83
N LYS A 14 -12.40 16.01 14.06
CA LYS A 14 -11.40 17.03 14.34
C LYS A 14 -10.00 16.43 14.14
N ASP A 15 -9.92 15.13 14.35
CA ASP A 15 -8.64 14.43 14.20
C ASP A 15 -8.34 14.25 12.71
N ALA A 16 -9.39 14.00 11.94
CA ALA A 16 -9.24 13.81 10.52
C ALA A 16 -9.03 15.16 9.84
N GLU A 17 -9.59 16.19 10.45
CA GLU A 17 -9.47 17.55 9.93
C GLU A 17 -8.07 18.08 10.18
N ARG A 18 -7.43 17.54 11.21
CA ARG A 18 -6.09 17.96 11.56
C ARG A 18 -5.06 17.13 10.79
N GLN A 19 -5.48 15.97 10.35
CA GLN A 19 -4.62 15.07 9.60
C GLN A 19 -4.47 15.57 8.16
N LEU A 20 -5.54 16.16 7.65
CA LEU A 20 -5.54 16.69 6.29
C LEU A 20 -4.91 18.07 6.28
N LEU A 21 -5.15 18.81 7.36
CA LEU A 21 -4.60 20.15 7.49
C LEU A 21 -3.10 20.06 7.76
N ALA A 22 -2.67 18.88 8.19
CA ALA A 22 -1.27 18.65 8.49
C ALA A 22 -0.43 19.03 7.28
N PRO A 23 0.84 19.44 7.56
CA PRO A 23 1.76 19.82 6.50
C PRO A 23 2.29 18.60 5.76
N GLY A 24 1.94 17.42 6.28
CA GLY A 24 2.37 16.18 5.68
C GLY A 24 1.49 15.82 4.48
N ASN A 25 0.38 16.53 4.36
CA ASN A 25 -0.54 16.30 3.27
C ASN A 25 -0.65 17.56 2.41
N MET A 26 -1.42 17.46 1.33
CA MET A 26 -1.60 18.58 0.43
C MET A 26 -2.97 18.50 -0.26
N LEU A 27 -3.38 19.63 -0.81
CA LEU A 27 -4.65 19.70 -1.51
C LEU A 27 -4.85 18.42 -2.33
N GLY A 28 -6.06 17.88 -2.25
CA GLY A 28 -6.39 16.68 -2.98
C GLY A 28 -6.46 15.47 -2.04
N SER A 29 -5.74 15.59 -0.93
CA SER A 29 -5.71 14.52 0.05
C SER A 29 -7.12 14.20 0.54
N PHE A 30 -7.41 12.91 0.59
CA PHE A 30 -8.72 12.46 1.03
C PHE A 30 -8.60 11.23 1.93
N MET A 31 -9.59 11.07 2.80
CA MET A 31 -9.61 9.95 3.73
C MET A 31 -11.04 9.50 4.01
N ILE A 32 -11.17 8.20 4.29
CA ILE A 32 -12.48 7.64 4.58
C ILE A 32 -12.52 7.17 6.04
N ARG A 33 -13.68 7.35 6.65
CA ARG A 33 -13.85 6.95 8.04
C ARG A 33 -15.33 6.65 8.32
N ASP A 34 -15.56 5.65 9.16
CA ASP A 34 -16.91 5.27 9.51
C ASP A 34 -17.48 6.29 10.50
N SER A 35 -18.79 6.46 10.43
CA SER A 35 -19.47 7.40 11.30
C SER A 35 -19.50 6.86 12.73
N GLU A 36 -19.08 7.71 13.66
CA GLU A 36 -19.06 7.33 15.06
C GLU A 36 -20.44 7.50 15.69
N THR A 37 -21.31 8.18 14.96
CA THR A 37 -22.66 8.41 15.42
C THR A 37 -23.58 7.27 15.00
N THR A 38 -24.13 7.40 13.80
CA THR A 38 -25.03 6.38 13.29
C THR A 38 -24.23 5.24 12.63
N LYS A 39 -23.91 4.25 13.44
CA LYS A 39 -23.15 3.11 12.96
C LYS A 39 -23.85 2.52 11.73
N GLY A 40 -23.05 2.18 10.74
CA GLY A 40 -23.58 1.60 9.51
C GLY A 40 -23.39 2.57 8.33
N SER A 41 -23.18 3.83 8.68
CA SER A 41 -22.99 4.85 7.66
C SER A 41 -21.52 5.28 7.60
N TYR A 42 -21.09 5.68 6.42
CA TYR A 42 -19.71 6.11 6.23
C TYR A 42 -19.64 7.62 5.96
N SER A 43 -18.47 8.18 6.20
CA SER A 43 -18.26 9.60 5.99
C SER A 43 -16.90 9.83 5.34
N LEU A 44 -16.94 10.49 4.19
CA LEU A 44 -15.73 10.79 3.45
C LEU A 44 -15.27 12.21 3.76
N SER A 45 -13.96 12.39 3.77
CA SER A 45 -13.38 13.70 4.06
C SER A 45 -12.26 14.00 3.06
N VAL A 46 -12.31 15.22 2.53
CA VAL A 46 -11.31 15.65 1.57
C VAL A 46 -10.82 17.05 1.94
N ARG A 47 -9.60 17.34 1.51
CA ARG A 47 -9.01 18.64 1.80
C ARG A 47 -9.31 19.63 0.67
N ASP A 48 -9.73 20.82 1.06
CA ASP A 48 -10.06 21.85 0.09
C ASP A 48 -9.58 23.21 0.61
N TYR A 49 -9.43 24.14 -0.31
CA TYR A 49 -8.99 25.48 0.05
C TYR A 49 -9.88 26.55 -0.61
N ASP A 50 -9.96 27.69 0.07
CA ASP A 50 -10.77 28.79 -0.44
C ASP A 50 -9.94 30.07 -0.42
N PRO A 51 -10.17 30.92 -1.46
CA PRO A 51 -9.45 32.18 -1.58
C PRO A 51 -9.98 33.20 -0.58
N ARG A 52 -11.03 32.81 0.13
CA ARG A 52 -11.64 33.68 1.12
C ARG A 52 -11.14 33.33 2.53
N GLN A 53 -11.37 32.07 2.90
CA GLN A 53 -10.95 31.59 4.20
C GLN A 53 -9.51 31.08 4.15
N GLY A 54 -9.28 30.16 3.23
CA GLY A 54 -7.95 29.58 3.06
C GLY A 54 -8.01 28.06 3.09
N ASP A 55 -7.34 27.48 4.08
CA ASP A 55 -7.30 26.04 4.23
C ASP A 55 -8.62 25.57 4.85
N THR A 56 -9.19 24.55 4.22
CA THR A 56 -10.45 23.99 4.70
C THR A 56 -10.49 22.48 4.44
N VAL A 57 -11.48 21.85 5.04
CA VAL A 57 -11.65 20.41 4.88
C VAL A 57 -13.14 20.09 4.72
N LYS A 58 -13.44 19.39 3.63
CA LYS A 58 -14.82 19.01 3.34
C LYS A 58 -15.11 17.65 3.98
N HIS A 59 -16.39 17.34 4.06
CA HIS A 59 -16.82 16.07 4.64
C HIS A 59 -18.12 15.61 3.97
N TYR A 60 -17.99 14.60 3.13
CA TYR A 60 -19.15 14.06 2.43
C TYR A 60 -19.71 12.84 3.16
N LYS A 61 -21.00 12.58 2.92
CA LYS A 61 -21.66 11.45 3.54
C LYS A 61 -21.75 10.30 2.53
N ILE A 62 -21.73 9.09 3.07
CA ILE A 62 -21.82 7.90 2.22
C ILE A 62 -22.95 7.01 2.72
N ARG A 63 -24.06 7.06 2.00
CA ARG A 63 -25.22 6.27 2.34
C ARG A 63 -25.20 4.92 1.61
N THR A 64 -25.89 3.96 2.18
CA THR A 64 -25.96 2.63 1.59
C THR A 64 -27.36 2.36 1.05
N LEU A 65 -27.44 1.35 0.19
CA LEU A 65 -28.72 0.98 -0.41
C LEU A 65 -29.47 0.04 0.54
N ASP A 66 -30.64 -0.38 0.10
CA ASP A 66 -31.46 -1.27 0.90
C ASP A 66 -31.22 -2.71 0.45
N ASN A 67 -30.00 -2.97 0.02
CA ASN A 67 -29.63 -4.30 -0.45
C ASN A 67 -28.11 -4.45 -0.39
N GLY A 68 -27.42 -3.42 -0.87
CA GLY A 68 -25.98 -3.42 -0.87
C GLY A 68 -25.43 -2.40 -1.87
N GLY A 69 -24.46 -1.61 -1.41
CA GLY A 69 -23.85 -0.59 -2.24
C GLY A 69 -23.88 0.77 -1.55
N PHE A 70 -22.89 1.59 -1.88
CA PHE A 70 -22.79 2.91 -1.30
C PHE A 70 -22.81 3.99 -2.39
N TYR A 71 -23.52 5.07 -2.09
CA TYR A 71 -23.63 6.18 -3.03
C TYR A 71 -23.69 7.51 -2.30
N ILE A 72 -23.08 8.52 -2.91
CA ILE A 72 -23.05 9.85 -2.34
C ILE A 72 -24.14 10.70 -2.98
N SER A 73 -24.23 10.60 -4.29
CA SER A 73 -25.22 11.35 -5.04
C SER A 73 -26.15 10.40 -5.79
N PRO A 74 -27.44 10.82 -5.91
CA PRO A 74 -28.44 10.02 -6.60
C PRO A 74 -28.23 10.07 -8.12
N ARG A 75 -27.03 9.70 -8.53
CA ARG A 75 -26.70 9.71 -9.95
C ARG A 75 -25.87 8.47 -10.30
N SER A 76 -24.71 8.37 -9.68
CA SER A 76 -23.82 7.24 -9.92
C SER A 76 -23.49 6.54 -8.60
N THR A 77 -24.08 5.37 -8.42
CA THR A 77 -23.86 4.60 -7.22
C THR A 77 -22.77 3.54 -7.45
N PHE A 78 -22.34 2.93 -6.35
CA PHE A 78 -21.30 1.91 -6.43
C PHE A 78 -21.59 0.78 -5.44
N SER A 79 -21.33 -0.44 -5.88
CA SER A 79 -21.54 -1.61 -5.05
C SER A 79 -20.45 -1.70 -3.98
N THR A 80 -19.32 -1.08 -4.27
CA THR A 80 -18.20 -1.08 -3.35
C THR A 80 -17.62 0.34 -3.21
N LEU A 81 -16.97 0.56 -2.08
CA LEU A 81 -16.37 1.85 -1.81
C LEU A 81 -15.05 1.97 -2.57
N GLN A 82 -14.47 0.82 -2.86
CA GLN A 82 -13.21 0.78 -3.58
C GLN A 82 -13.42 1.23 -5.03
N GLU A 83 -14.62 1.00 -5.52
CA GLU A 83 -14.95 1.37 -6.89
C GLU A 83 -15.33 2.86 -6.95
N LEU A 84 -15.74 3.39 -5.80
CA LEU A 84 -16.14 4.78 -5.71
C LEU A 84 -14.89 5.64 -5.49
N VAL A 85 -13.91 5.04 -4.83
CA VAL A 85 -12.67 5.74 -4.54
C VAL A 85 -11.83 5.85 -5.82
N ASP A 86 -11.94 4.81 -6.64
CA ASP A 86 -11.21 4.78 -7.89
C ASP A 86 -11.85 5.77 -8.88
N HIS A 87 -13.17 5.77 -8.87
CA HIS A 87 -13.91 6.66 -9.76
C HIS A 87 -13.60 8.11 -9.41
N TYR A 88 -13.37 8.35 -8.13
CA TYR A 88 -13.05 9.69 -7.66
C TYR A 88 -11.61 10.07 -8.00
N LYS A 89 -10.78 9.04 -8.09
CA LYS A 89 -9.37 9.25 -8.41
C LYS A 89 -9.24 9.61 -9.89
N LYS A 90 -10.23 9.19 -10.66
CA LYS A 90 -10.23 9.46 -12.08
C LYS A 90 -10.81 10.85 -12.34
N GLY A 91 -11.70 11.26 -11.44
CA GLY A 91 -12.33 12.55 -11.55
C GLY A 91 -13.35 12.76 -10.44
N ASN A 92 -13.62 14.03 -10.15
CA ASN A 92 -14.59 14.38 -9.12
C ASN A 92 -15.96 13.80 -9.48
N ASP A 93 -16.36 14.08 -10.71
CA ASP A 93 -17.65 13.60 -11.20
C ASP A 93 -18.71 13.81 -10.12
N GLY A 94 -18.84 15.06 -9.70
CA GLY A 94 -19.81 15.41 -8.68
C GLY A 94 -19.14 16.19 -7.54
N LEU A 95 -18.00 15.69 -7.10
CA LEU A 95 -17.26 16.32 -6.03
C LEU A 95 -16.82 17.72 -6.47
N CYS A 96 -16.09 18.39 -5.60
CA CYS A 96 -15.60 19.72 -5.88
C CYS A 96 -14.26 19.60 -6.62
N GLN A 97 -13.44 18.68 -6.12
CA GLN A 97 -12.13 18.45 -6.72
C GLN A 97 -11.80 16.96 -6.71
N LYS A 98 -11.27 16.50 -7.84
CA LYS A 98 -10.91 15.10 -7.98
C LYS A 98 -9.98 14.70 -6.83
N LEU A 99 -9.88 13.40 -6.62
CA LEU A 99 -9.04 12.87 -5.55
C LEU A 99 -7.60 12.76 -6.06
N SER A 100 -6.66 13.10 -5.18
CA SER A 100 -5.26 13.04 -5.53
C SER A 100 -4.63 11.78 -4.93
N VAL A 101 -4.37 11.84 -3.63
CA VAL A 101 -3.77 10.71 -2.93
C VAL A 101 -4.41 10.58 -1.55
N PRO A 102 -4.41 9.32 -1.04
CA PRO A 102 -4.98 9.04 0.27
C PRO A 102 -4.05 9.53 1.38
N CYS A 103 -4.66 9.93 2.49
CA CYS A 103 -3.92 10.41 3.63
C CYS A 103 -2.71 9.50 3.83
N MET A 104 -1.66 10.07 4.42
CA MET A 104 -0.45 9.32 4.67
C MET A 104 -0.53 8.57 6.01
N SER A 105 -0.07 7.33 5.98
CA SER A 105 -0.09 6.50 7.17
C SER A 105 1.35 6.15 7.59
N SER A 106 1.78 6.78 8.67
CA SER A 106 3.12 6.55 9.19
C SER A 106 3.05 6.19 10.68
N LYS A 107 3.90 5.24 11.06
CA LYS A 107 3.95 4.80 12.45
C LYS A 107 5.36 5.02 13.00
N MET A 1 4.79 -2.58 0.47
CA MET A 1 4.61 -3.49 -0.66
C MET A 1 3.38 -4.37 -0.44
N GLU A 2 2.24 -3.73 -0.29
CA GLU A 2 0.99 -4.45 -0.08
C GLU A 2 -0.18 -3.47 0.04
N THR A 3 -1.06 -3.53 -0.96
CA THR A 3 -2.22 -2.66 -0.97
C THR A 3 -3.47 -3.45 -1.36
N GLU A 4 -4.45 -3.43 -0.47
CA GLU A 4 -5.70 -4.13 -0.71
C GLU A 4 -6.71 -3.78 0.39
N GLU A 5 -7.66 -2.93 0.02
CA GLU A 5 -8.70 -2.52 0.96
C GLU A 5 -10.08 -2.89 0.42
N TRP A 6 -10.19 -4.14 -0.03
CA TRP A 6 -11.44 -4.63 -0.56
C TRP A 6 -12.29 -5.12 0.60
N PHE A 7 -11.64 -5.30 1.74
CA PHE A 7 -12.32 -5.76 2.94
C PHE A 7 -12.60 -4.59 3.89
N PHE A 8 -13.81 -4.61 4.46
CA PHE A 8 -14.21 -3.58 5.38
C PHE A 8 -14.75 -4.17 6.69
N LYS A 9 -14.80 -3.33 7.70
CA LYS A 9 -15.29 -3.76 9.00
C LYS A 9 -16.73 -4.26 8.87
N GLY A 10 -17.33 -4.54 10.02
CA GLY A 10 -18.71 -5.02 10.04
C GLY A 10 -19.69 -3.89 9.73
N ILE A 11 -19.63 -3.43 8.49
CA ILE A 11 -20.51 -2.36 8.05
C ILE A 11 -21.89 -2.93 7.72
N SER A 12 -22.89 -2.07 7.84
CA SER A 12 -24.27 -2.48 7.56
C SER A 12 -24.48 -2.58 6.04
N ARG A 13 -25.49 -3.35 5.67
CA ARG A 13 -25.81 -3.53 4.26
C ARG A 13 -26.33 -2.22 3.67
N LYS A 14 -26.86 -1.37 4.54
CA LYS A 14 -27.39 -0.09 4.11
C LYS A 14 -26.23 0.90 3.92
N ASP A 15 -25.25 0.78 4.80
CA ASP A 15 -24.09 1.66 4.74
C ASP A 15 -23.20 1.23 3.56
N ALA A 16 -23.28 -0.04 3.23
CA ALA A 16 -22.50 -0.58 2.13
C ALA A 16 -23.16 -0.20 0.80
N GLU A 17 -24.47 0.00 0.86
CA GLU A 17 -25.23 0.37 -0.31
C GLU A 17 -25.06 1.86 -0.60
N ARG A 18 -24.73 2.60 0.44
CA ARG A 18 -24.55 4.04 0.32
C ARG A 18 -23.13 4.35 -0.16
N GLN A 19 -22.22 3.45 0.17
CA GLN A 19 -20.83 3.62 -0.21
C GLN A 19 -20.62 3.22 -1.67
N LEU A 20 -21.46 2.29 -2.12
CA LEU A 20 -21.39 1.82 -3.50
C LEU A 20 -22.10 2.81 -4.41
N LEU A 21 -23.28 3.22 -4.00
CA LEU A 21 -24.07 4.17 -4.77
C LEU A 21 -23.42 5.55 -4.68
N ALA A 22 -22.64 5.74 -3.62
CA ALA A 22 -21.97 7.01 -3.41
C ALA A 22 -21.37 7.49 -4.74
N PRO A 23 -21.08 8.81 -4.79
CA PRO A 23 -20.51 9.41 -5.98
C PRO A 23 -19.03 9.04 -6.13
N GLY A 24 -18.49 8.48 -5.07
CA GLY A 24 -17.09 8.08 -5.06
C GLY A 24 -16.93 6.62 -5.49
N ASN A 25 -17.99 6.10 -6.09
CA ASN A 25 -17.99 4.73 -6.56
C ASN A 25 -18.85 4.61 -7.82
N MET A 26 -18.44 3.71 -8.70
CA MET A 26 -19.16 3.49 -9.94
C MET A 26 -19.28 2.00 -10.25
N LEU A 27 -20.16 1.68 -11.20
CA LEU A 27 -20.36 0.31 -11.60
C LEU A 27 -19.02 -0.41 -11.66
N GLY A 28 -18.99 -1.60 -11.08
CA GLY A 28 -17.78 -2.39 -11.07
C GLY A 28 -17.16 -2.43 -9.66
N SER A 29 -17.41 -1.37 -8.91
CA SER A 29 -16.88 -1.27 -7.56
C SER A 29 -17.46 -2.40 -6.69
N PHE A 30 -16.57 -3.08 -6.00
CA PHE A 30 -16.98 -4.17 -5.13
C PHE A 30 -16.43 -3.99 -3.71
N MET A 31 -17.10 -4.62 -2.76
CA MET A 31 -16.69 -4.54 -1.38
C MET A 31 -17.01 -5.83 -0.62
N ILE A 32 -16.17 -6.13 0.36
CA ILE A 32 -16.35 -7.34 1.15
C ILE A 32 -16.49 -6.96 2.62
N ARG A 33 -17.35 -7.69 3.31
CA ARG A 33 -17.59 -7.43 4.73
C ARG A 33 -18.10 -8.70 5.41
N ASP A 34 -17.95 -8.72 6.73
CA ASP A 34 -18.40 -9.86 7.51
C ASP A 34 -19.87 -9.68 7.89
N SER A 35 -20.51 -10.79 8.24
CA SER A 35 -21.91 -10.76 8.61
C SER A 35 -22.10 -9.89 9.87
N GLU A 36 -23.35 -9.51 10.10
CA GLU A 36 -23.67 -8.69 11.25
C GLU A 36 -24.36 -9.53 12.33
N THR A 37 -25.42 -10.21 11.91
CA THR A 37 -26.18 -11.05 12.82
C THR A 37 -25.61 -12.47 12.82
N THR A 38 -25.54 -13.06 11.64
CA THR A 38 -25.03 -14.41 11.50
C THR A 38 -23.49 -14.39 11.47
N LYS A 39 -22.91 -14.07 12.62
CA LYS A 39 -21.47 -14.01 12.73
C LYS A 39 -20.87 -15.34 12.26
N GLY A 40 -19.71 -15.25 11.63
CA GLY A 40 -19.03 -16.43 11.13
C GLY A 40 -19.17 -16.54 9.62
N SER A 41 -20.11 -15.78 9.08
CA SER A 41 -20.36 -15.78 7.65
C SER A 41 -19.98 -14.43 7.05
N TYR A 42 -19.67 -14.46 5.77
CA TYR A 42 -19.29 -13.24 5.05
C TYR A 42 -20.35 -12.85 4.02
N SER A 43 -20.28 -11.60 3.61
CA SER A 43 -21.23 -11.09 2.62
C SER A 43 -20.52 -10.13 1.67
N LEU A 44 -20.60 -10.45 0.39
CA LEU A 44 -19.97 -9.62 -0.63
C LEU A 44 -21.03 -8.73 -1.27
N SER A 45 -20.61 -7.51 -1.61
CA SER A 45 -21.50 -6.56 -2.23
C SER A 45 -20.81 -5.87 -3.40
N VAL A 46 -21.50 -5.88 -4.54
CA VAL A 46 -20.96 -5.26 -5.74
C VAL A 46 -22.02 -4.35 -6.37
N ARG A 47 -21.55 -3.41 -7.17
CA ARG A 47 -22.44 -2.48 -7.84
C ARG A 47 -22.86 -3.02 -9.20
N ASP A 48 -24.12 -2.80 -9.53
CA ASP A 48 -24.65 -3.26 -10.80
C ASP A 48 -25.77 -2.30 -11.26
N TYR A 49 -26.08 -2.37 -12.54
CA TYR A 49 -27.12 -1.53 -13.11
C TYR A 49 -28.13 -2.37 -13.89
N ASP A 50 -29.33 -1.81 -14.01
CA ASP A 50 -30.40 -2.50 -14.72
C ASP A 50 -31.11 -1.51 -15.64
N PRO A 51 -31.50 -2.01 -16.84
CA PRO A 51 -32.20 -1.17 -17.81
C PRO A 51 -33.65 -0.93 -17.39
N ARG A 52 -34.05 -1.61 -16.33
CA ARG A 52 -35.40 -1.48 -15.81
C ARG A 52 -35.42 -0.56 -14.60
N GLN A 53 -34.66 -0.96 -13.58
CA GLN A 53 -34.58 -0.19 -12.35
C GLN A 53 -33.54 0.92 -12.50
N GLY A 54 -32.31 0.51 -12.76
CA GLY A 54 -31.22 1.47 -12.92
C GLY A 54 -30.04 1.12 -12.02
N ASP A 55 -29.62 2.10 -11.24
CA ASP A 55 -28.50 1.91 -10.33
C ASP A 55 -28.93 0.97 -9.20
N THR A 56 -28.31 -0.20 -9.18
CA THR A 56 -28.62 -1.19 -8.16
C THR A 56 -27.33 -1.72 -7.53
N VAL A 57 -27.51 -2.47 -6.45
CA VAL A 57 -26.37 -3.04 -5.74
C VAL A 57 -26.68 -4.49 -5.39
N LYS A 58 -25.81 -5.38 -5.86
CA LYS A 58 -25.98 -6.80 -5.60
C LYS A 58 -25.23 -7.17 -4.32
N HIS A 59 -25.70 -8.24 -3.68
CA HIS A 59 -25.10 -8.70 -2.45
C HIS A 59 -25.06 -10.23 -2.44
N TYR A 60 -23.85 -10.76 -2.55
CA TYR A 60 -23.66 -12.19 -2.56
C TYR A 60 -23.22 -12.70 -1.18
N LYS A 61 -23.42 -13.99 -0.96
CA LYS A 61 -23.05 -14.61 0.29
C LYS A 61 -21.73 -15.35 0.13
N ILE A 62 -20.99 -15.45 1.23
CA ILE A 62 -19.71 -16.13 1.22
C ILE A 62 -19.70 -17.20 2.31
N ARG A 63 -19.99 -18.43 1.90
CA ARG A 63 -20.01 -19.54 2.84
C ARG A 63 -18.65 -20.24 2.85
N THR A 64 -18.30 -20.75 4.02
CA THR A 64 -17.04 -21.44 4.18
C THR A 64 -17.26 -22.95 4.26
N LEU A 65 -16.22 -23.70 3.92
CA LEU A 65 -16.29 -25.15 3.93
C LEU A 65 -15.66 -25.67 5.23
N ASP A 66 -16.11 -26.85 5.63
CA ASP A 66 -15.59 -27.46 6.85
C ASP A 66 -14.07 -27.53 6.77
N ASN A 67 -13.57 -27.99 5.63
CA ASN A 67 -12.15 -28.11 5.42
C ASN A 67 -11.78 -27.52 4.05
N GLY A 68 -11.88 -26.20 3.96
CA GLY A 68 -11.57 -25.51 2.73
C GLY A 68 -11.30 -24.02 2.98
N GLY A 69 -12.09 -23.20 2.32
CA GLY A 69 -11.96 -21.76 2.46
C GLY A 69 -13.32 -21.06 2.39
N PHE A 70 -13.48 -20.26 1.35
CA PHE A 70 -14.72 -19.54 1.14
C PHE A 70 -15.18 -19.63 -0.31
N TYR A 71 -16.45 -19.94 -0.48
CA TYR A 71 -17.02 -20.07 -1.81
C TYR A 71 -18.36 -19.32 -1.91
N ILE A 72 -18.66 -18.86 -3.11
CA ILE A 72 -19.89 -18.14 -3.35
C ILE A 72 -20.84 -19.00 -4.19
N SER A 73 -20.28 -19.60 -5.23
CA SER A 73 -21.06 -20.45 -6.11
C SER A 73 -20.58 -21.90 -5.98
N PRO A 74 -21.57 -22.84 -6.07
CA PRO A 74 -21.27 -24.25 -5.96
C PRO A 74 -20.62 -24.78 -7.24
N ARG A 75 -19.50 -24.16 -7.60
CA ARG A 75 -18.77 -24.55 -8.79
C ARG A 75 -17.27 -24.59 -8.51
N SER A 76 -16.73 -23.43 -8.20
CA SER A 76 -15.31 -23.32 -7.91
C SER A 76 -15.10 -22.53 -6.61
N THR A 77 -14.66 -23.25 -5.59
CA THR A 77 -14.41 -22.64 -4.29
C THR A 77 -12.98 -22.12 -4.21
N PHE A 78 -12.72 -21.34 -3.17
CA PHE A 78 -11.40 -20.79 -2.96
C PHE A 78 -10.93 -20.98 -1.51
N SER A 79 -9.63 -21.09 -1.36
CA SER A 79 -9.04 -21.28 -0.04
C SER A 79 -8.83 -19.93 0.65
N THR A 80 -8.68 -18.91 -0.17
CA THR A 80 -8.48 -17.56 0.34
C THR A 80 -9.35 -16.56 -0.42
N LEU A 81 -9.67 -15.47 0.25
CA LEU A 81 -10.51 -14.44 -0.35
C LEU A 81 -9.66 -13.62 -1.32
N GLN A 82 -8.36 -13.67 -1.10
CA GLN A 82 -7.43 -12.94 -1.96
C GLN A 82 -7.39 -13.57 -3.36
N GLU A 83 -7.59 -14.87 -3.38
CA GLU A 83 -7.58 -15.61 -4.64
C GLU A 83 -8.95 -15.54 -5.31
N LEU A 84 -9.96 -15.34 -4.48
CA LEU A 84 -11.32 -15.27 -4.99
C LEU A 84 -11.56 -13.88 -5.61
N VAL A 85 -10.91 -12.89 -5.00
CA VAL A 85 -11.05 -11.52 -5.47
C VAL A 85 -10.26 -11.36 -6.79
N ASP A 86 -9.13 -12.06 -6.84
CA ASP A 86 -8.28 -12.01 -8.02
C ASP A 86 -8.97 -12.76 -9.17
N HIS A 87 -9.73 -13.77 -8.79
CA HIS A 87 -10.43 -14.58 -9.78
C HIS A 87 -11.53 -13.74 -10.43
N TYR A 88 -12.19 -12.95 -9.61
CA TYR A 88 -13.27 -12.08 -10.09
C TYR A 88 -12.70 -10.86 -10.82
N LYS A 89 -11.42 -10.63 -10.59
CA LYS A 89 -10.74 -9.49 -11.21
C LYS A 89 -10.38 -9.85 -12.65
N LYS A 90 -10.16 -11.14 -12.88
CA LYS A 90 -9.81 -11.62 -14.20
C LYS A 90 -11.08 -11.80 -15.03
N GLY A 91 -12.17 -12.08 -14.33
CA GLY A 91 -13.46 -12.27 -14.99
C GLY A 91 -14.57 -12.54 -13.97
N ASN A 92 -15.76 -12.11 -14.32
CA ASN A 92 -16.91 -12.30 -13.44
C ASN A 92 -16.95 -13.75 -12.96
N ASP A 93 -16.84 -14.66 -13.92
CA ASP A 93 -16.86 -16.07 -13.61
C ASP A 93 -17.92 -16.34 -12.54
N GLY A 94 -19.15 -15.97 -12.86
CA GLY A 94 -20.25 -16.16 -11.94
C GLY A 94 -21.03 -14.85 -11.73
N LEU A 95 -20.28 -13.81 -11.41
CA LEU A 95 -20.88 -12.51 -11.18
C LEU A 95 -21.56 -12.02 -12.45
N CYS A 96 -22.15 -10.85 -12.37
CA CYS A 96 -22.84 -10.26 -13.52
C CYS A 96 -21.80 -9.60 -14.42
N GLN A 97 -20.82 -8.95 -13.78
CA GLN A 97 -19.77 -8.29 -14.51
C GLN A 97 -18.45 -8.35 -13.73
N LYS A 98 -17.36 -8.40 -14.47
CA LYS A 98 -16.05 -8.46 -13.86
C LYS A 98 -15.90 -7.33 -12.84
N LEU A 99 -14.87 -7.44 -12.02
CA LEU A 99 -14.61 -6.44 -11.01
C LEU A 99 -13.74 -5.32 -11.60
N SER A 100 -14.15 -4.09 -11.33
CA SER A 100 -13.42 -2.93 -11.83
C SER A 100 -12.37 -2.50 -10.81
N VAL A 101 -12.84 -1.86 -9.75
CA VAL A 101 -11.95 -1.38 -8.71
C VAL A 101 -12.51 -1.78 -7.34
N PRO A 102 -11.59 -1.92 -6.36
CA PRO A 102 -11.99 -2.29 -5.01
C PRO A 102 -12.62 -1.11 -4.28
N CYS A 103 -13.55 -1.43 -3.38
CA CYS A 103 -14.23 -0.41 -2.61
C CYS A 103 -13.20 0.64 -2.18
N MET A 104 -13.44 1.85 -2.62
CA MET A 104 -12.54 2.96 -2.29
C MET A 104 -12.74 3.42 -0.85
N SER A 105 -11.64 3.54 -0.14
CA SER A 105 -11.68 3.98 1.25
C SER A 105 -11.94 5.47 1.33
N SER A 106 -13.19 5.81 1.63
CA SER A 106 -13.58 7.21 1.74
C SER A 106 -14.60 7.38 2.86
N LYS A 107 -14.92 8.63 3.15
CA LYS A 107 -15.87 8.95 4.20
C LYS A 107 -16.23 10.43 4.12
N MET A 1 4.79 -2.58 0.47
CA MET A 1 4.61 -3.49 -0.66
C MET A 1 5.20 -4.86 -0.34
N GLU A 2 6.48 -4.86 -0.01
CA GLU A 2 7.17 -6.09 0.31
C GLU A 2 7.16 -6.34 1.83
N THR A 3 7.61 -7.52 2.21
CA THR A 3 7.65 -7.89 3.61
C THR A 3 9.00 -7.52 4.23
N GLU A 4 9.10 -7.71 5.53
CA GLU A 4 10.33 -7.41 6.24
C GLU A 4 10.74 -8.60 7.12
N GLU A 5 11.90 -9.15 6.80
CA GLU A 5 12.41 -10.29 7.54
C GLU A 5 13.77 -9.95 8.15
N TRP A 6 13.79 -8.82 8.86
CA TRP A 6 15.02 -8.36 9.50
C TRP A 6 15.09 -9.03 10.88
N PHE A 7 13.93 -9.40 11.39
CA PHE A 7 13.85 -10.04 12.69
C PHE A 7 13.82 -11.57 12.54
N PHE A 8 14.75 -12.21 13.23
CA PHE A 8 14.85 -13.66 13.19
C PHE A 8 14.35 -14.28 14.50
N LYS A 9 14.04 -15.57 14.43
CA LYS A 9 13.55 -16.29 15.59
C LYS A 9 14.52 -17.42 15.92
N GLY A 10 14.59 -17.74 17.21
CA GLY A 10 15.47 -18.80 17.67
C GLY A 10 16.80 -18.79 16.90
N ILE A 11 17.36 -17.60 16.78
CA ILE A 11 18.61 -17.43 16.07
C ILE A 11 19.76 -17.39 17.08
N SER A 12 20.94 -17.76 16.61
CA SER A 12 22.12 -17.77 17.46
C SER A 12 23.04 -16.61 17.08
N ARG A 13 23.90 -16.25 18.03
CA ARG A 13 24.84 -15.15 17.81
C ARG A 13 25.92 -15.57 16.81
N LYS A 14 26.17 -16.87 16.78
CA LYS A 14 27.17 -17.40 15.87
C LYS A 14 26.57 -17.58 14.48
N ASP A 15 25.29 -17.94 14.46
CA ASP A 15 24.59 -18.14 13.22
C ASP A 15 24.34 -16.78 12.55
N ALA A 16 24.03 -15.80 13.40
CA ALA A 16 23.77 -14.46 12.91
C ALA A 16 25.07 -13.85 12.39
N GLU A 17 26.17 -14.27 12.99
CA GLU A 17 27.47 -13.78 12.59
C GLU A 17 27.95 -14.48 11.32
N ARG A 18 27.33 -15.62 11.06
CA ARG A 18 27.68 -16.40 9.88
C ARG A 18 26.82 -15.97 8.68
N GLN A 19 25.65 -15.44 8.99
CA GLN A 19 24.73 -14.99 7.96
C GLN A 19 25.17 -13.62 7.44
N LEU A 20 25.80 -12.84 8.31
CA LEU A 20 26.26 -11.52 7.95
C LEU A 20 27.62 -11.64 7.23
N LEU A 21 28.46 -12.49 7.78
CA LEU A 21 29.79 -12.71 7.20
C LEU A 21 29.65 -13.54 5.93
N ALA A 22 28.47 -14.12 5.76
CA ALA A 22 28.20 -14.94 4.58
C ALA A 22 28.24 -14.06 3.33
N PRO A 23 28.47 -14.73 2.17
CA PRO A 23 28.54 -14.02 0.90
C PRO A 23 27.15 -13.61 0.43
N GLY A 24 26.15 -14.32 0.93
CA GLY A 24 24.77 -14.05 0.57
C GLY A 24 24.44 -12.57 0.76
N ASN A 25 25.06 -11.98 1.77
CA ASN A 25 24.84 -10.57 2.06
C ASN A 25 26.14 -9.80 1.81
N MET A 26 26.11 -8.51 2.16
CA MET A 26 27.27 -7.66 1.98
C MET A 26 27.32 -6.58 3.05
N LEU A 27 28.53 -6.08 3.29
CA LEU A 27 28.72 -5.04 4.28
C LEU A 27 27.57 -4.03 4.21
N GLY A 28 26.98 -3.79 5.37
CA GLY A 28 25.86 -2.86 5.45
C GLY A 28 24.57 -3.58 5.81
N SER A 29 24.63 -4.91 5.76
CA SER A 29 23.47 -5.73 6.08
C SER A 29 23.24 -5.73 7.59
N PHE A 30 21.97 -5.59 7.96
CA PHE A 30 21.59 -5.58 9.36
C PHE A 30 20.61 -6.71 9.68
N MET A 31 20.55 -7.05 10.96
CA MET A 31 19.66 -8.11 11.40
C MET A 31 19.36 -7.98 12.90
N ILE A 32 18.10 -8.22 13.24
CA ILE A 32 17.67 -8.13 14.62
C ILE A 32 17.17 -9.50 15.08
N ARG A 33 17.30 -9.74 16.38
CA ARG A 33 16.88 -11.00 16.96
C ARG A 33 16.47 -10.80 18.42
N ASP A 34 15.55 -11.65 18.87
CA ASP A 34 15.07 -11.58 20.23
C ASP A 34 15.87 -12.55 21.10
N SER A 35 15.81 -12.31 22.40
CA SER A 35 16.52 -13.15 23.35
C SER A 35 15.68 -14.37 23.72
N GLU A 36 16.33 -15.51 23.79
CA GLU A 36 15.65 -16.75 24.13
C GLU A 36 15.74 -17.00 25.63
N THR A 37 16.69 -16.34 26.26
CA THR A 37 16.89 -16.49 27.69
C THR A 37 16.13 -15.39 28.46
N THR A 38 16.59 -14.16 28.26
CA THR A 38 15.97 -13.02 28.92
C THR A 38 14.90 -12.41 28.03
N LYS A 39 13.78 -13.12 27.94
CA LYS A 39 12.67 -12.67 27.11
C LYS A 39 12.33 -11.22 27.49
N GLY A 40 12.02 -10.43 26.46
CA GLY A 40 11.69 -9.05 26.67
C GLY A 40 12.80 -8.13 26.15
N SER A 41 13.98 -8.71 26.03
CA SER A 41 15.14 -7.96 25.56
C SER A 41 15.48 -8.38 24.12
N TYR A 42 15.98 -7.41 23.37
CA TYR A 42 16.35 -7.66 21.98
C TYR A 42 17.84 -7.35 21.75
N SER A 43 18.36 -7.93 20.68
CA SER A 43 19.76 -7.73 20.33
C SER A 43 19.90 -7.53 18.82
N LEU A 44 20.50 -6.40 18.46
CA LEU A 44 20.70 -6.08 17.06
C LEU A 44 22.12 -6.46 16.65
N SER A 45 22.28 -6.73 15.37
CA SER A 45 23.58 -7.11 14.84
C SER A 45 23.73 -6.60 13.40
N VAL A 46 24.73 -5.75 13.20
CA VAL A 46 24.98 -5.19 11.89
C VAL A 46 26.43 -5.50 11.49
N ARG A 47 26.66 -5.50 10.18
CA ARG A 47 27.99 -5.77 9.65
C ARG A 47 28.81 -4.47 9.59
N ASP A 48 30.08 -4.61 9.91
CA ASP A 48 30.98 -3.47 9.89
C ASP A 48 32.41 -3.95 9.56
N TYR A 49 33.23 -3.00 9.19
CA TYR A 49 34.62 -3.31 8.84
C TYR A 49 35.59 -2.35 9.55
N ASP A 50 36.78 -2.86 9.81
CA ASP A 50 37.79 -2.07 10.48
C ASP A 50 39.11 -2.20 9.72
N PRO A 51 39.88 -1.08 9.69
CA PRO A 51 41.17 -1.07 9.01
C PRO A 51 42.22 -1.82 9.82
N ARG A 52 41.86 -2.16 11.04
CA ARG A 52 42.77 -2.87 11.92
C ARG A 52 42.47 -4.38 11.89
N GLN A 53 41.25 -4.71 12.30
CA GLN A 53 40.83 -6.11 12.32
C GLN A 53 40.37 -6.55 10.93
N GLY A 54 39.35 -5.87 10.44
CA GLY A 54 38.81 -6.17 9.12
C GLY A 54 37.29 -6.35 9.18
N ASP A 55 36.82 -7.40 8.54
CA ASP A 55 35.40 -7.69 8.50
C ASP A 55 34.94 -8.12 9.90
N THR A 56 34.17 -7.24 10.52
CA THR A 56 33.66 -7.51 11.86
C THR A 56 32.13 -7.33 11.90
N VAL A 57 31.54 -7.75 13.00
CA VAL A 57 30.11 -7.65 13.17
C VAL A 57 29.81 -6.87 14.46
N LYS A 58 29.05 -5.79 14.30
CA LYS A 58 28.69 -4.96 15.44
C LYS A 58 27.36 -5.45 16.01
N HIS A 59 27.24 -5.33 17.32
CA HIS A 59 26.03 -5.75 18.01
C HIS A 59 25.61 -4.68 19.02
N TYR A 60 24.32 -4.37 19.00
CA TYR A 60 23.78 -3.36 19.89
C TYR A 60 22.55 -3.90 20.64
N LYS A 61 22.61 -3.79 21.95
CA LYS A 61 21.51 -4.25 22.79
C LYS A 61 20.33 -3.30 22.64
N ILE A 62 19.13 -3.88 22.77
CA ILE A 62 17.91 -3.10 22.65
C ILE A 62 17.11 -3.22 23.95
N ARG A 63 16.94 -2.09 24.62
CA ARG A 63 16.20 -2.06 25.86
C ARG A 63 14.79 -1.52 25.63
N THR A 64 13.90 -1.85 26.56
CA THR A 64 12.52 -1.42 26.46
C THR A 64 12.19 -0.44 27.59
N LEU A 65 11.21 0.41 27.32
CA LEU A 65 10.79 1.40 28.30
C LEU A 65 9.59 0.87 29.07
N ASP A 66 9.52 1.25 30.34
CA ASP A 66 8.42 0.82 31.19
C ASP A 66 7.09 0.97 30.44
N ASN A 67 6.90 2.18 29.91
CA ASN A 67 5.68 2.46 29.17
C ASN A 67 6.04 3.12 27.84
N GLY A 68 6.57 2.30 26.94
CA GLY A 68 6.96 2.78 25.63
C GLY A 68 7.18 1.62 24.65
N GLY A 69 8.32 1.65 23.98
CA GLY A 69 8.66 0.62 23.03
C GLY A 69 10.07 0.08 23.26
N PHE A 70 10.96 0.44 22.34
CA PHE A 70 12.34 0.00 22.43
C PHE A 70 13.29 1.11 21.97
N TYR A 71 14.35 1.30 22.75
CA TYR A 71 15.34 2.32 22.42
C TYR A 71 16.76 1.76 22.54
N ILE A 72 17.65 2.35 21.75
CA ILE A 72 19.04 1.91 21.74
C ILE A 72 19.91 3.01 22.36
N SER A 73 19.67 4.24 21.91
CA SER A 73 20.41 5.37 22.40
C SER A 73 19.48 6.34 23.14
N PRO A 74 20.03 6.96 24.22
CA PRO A 74 19.26 7.89 25.02
C PRO A 74 19.10 9.23 24.29
N ARG A 75 18.55 9.15 23.08
CA ARG A 75 18.33 10.34 22.28
C ARG A 75 16.93 10.31 21.66
N SER A 76 16.67 9.26 20.90
CA SER A 76 15.38 9.11 20.24
C SER A 76 14.93 7.65 20.33
N THR A 77 13.81 7.45 21.02
CA THR A 77 13.27 6.11 21.19
C THR A 77 12.18 5.85 20.14
N PHE A 78 11.80 4.59 20.03
CA PHE A 78 10.77 4.20 19.09
C PHE A 78 9.75 3.26 19.74
N SER A 79 8.49 3.49 19.40
CA SER A 79 7.42 2.67 19.95
C SER A 79 7.38 1.31 19.25
N THR A 80 7.91 1.29 18.03
CA THR A 80 7.95 0.07 17.25
C THR A 80 9.35 -0.15 16.68
N LEU A 81 9.63 -1.40 16.34
CA LEU A 81 10.91 -1.77 15.78
C LEU A 81 10.93 -1.42 14.29
N GLN A 82 9.75 -1.41 13.70
CA GLN A 82 9.62 -1.09 12.29
C GLN A 82 9.98 0.37 12.03
N GLU A 83 9.74 1.19 13.04
CA GLU A 83 10.03 2.62 12.94
C GLU A 83 11.49 2.88 13.32
N LEU A 84 12.03 1.97 14.12
CA LEU A 84 13.42 2.09 14.56
C LEU A 84 14.35 1.68 13.41
N VAL A 85 13.92 0.67 12.68
CA VAL A 85 14.70 0.17 11.55
C VAL A 85 14.65 1.19 10.40
N ASP A 86 13.48 1.79 10.25
CA ASP A 86 13.28 2.78 9.20
C ASP A 86 14.21 3.97 9.45
N HIS A 87 14.32 4.34 10.71
CA HIS A 87 15.16 5.46 11.10
C HIS A 87 16.63 5.12 10.82
N TYR A 88 16.93 3.83 10.95
CA TYR A 88 18.29 3.36 10.72
C TYR A 88 18.55 3.15 9.23
N LYS A 89 17.47 3.17 8.46
CA LYS A 89 17.56 2.99 7.03
C LYS A 89 17.85 4.33 6.36
N LYS A 90 17.41 5.39 7.03
CA LYS A 90 17.62 6.73 6.51
C LYS A 90 18.98 7.26 6.96
N GLY A 91 19.44 6.72 8.09
CA GLY A 91 20.72 7.12 8.64
C GLY A 91 21.04 6.33 9.91
N ASN A 92 22.32 6.08 10.11
CA ASN A 92 22.77 5.34 11.28
C ASN A 92 22.23 6.02 12.54
N ASP A 93 22.38 7.33 12.57
CA ASP A 93 21.91 8.11 13.71
C ASP A 93 22.23 7.35 15.00
N GLY A 94 23.46 6.86 15.08
CA GLY A 94 23.90 6.12 16.25
C GLY A 94 24.86 5.00 15.85
N LEU A 95 24.44 4.21 14.88
CA LEU A 95 25.24 3.10 14.40
C LEU A 95 26.52 3.64 13.75
N CYS A 96 27.38 2.72 13.37
CA CYS A 96 28.64 3.08 12.74
C CYS A 96 28.35 3.58 11.32
N GLN A 97 27.43 2.87 10.67
CA GLN A 97 27.05 3.21 9.31
C GLN A 97 25.57 2.93 9.08
N LYS A 98 24.95 3.80 8.29
CA LYS A 98 23.53 3.67 8.00
C LYS A 98 23.26 2.23 7.54
N LEU A 99 21.98 1.89 7.54
CA LEU A 99 21.56 0.55 7.12
C LEU A 99 21.28 0.55 5.62
N SER A 100 21.52 -0.59 5.00
CA SER A 100 21.30 -0.73 3.58
C SER A 100 20.14 -1.69 3.32
N VAL A 101 20.42 -2.98 3.47
CA VAL A 101 19.41 -4.00 3.27
C VAL A 101 19.46 -5.01 4.41
N PRO A 102 18.29 -5.64 4.68
CA PRO A 102 18.20 -6.63 5.74
C PRO A 102 18.85 -7.95 5.33
N CYS A 103 19.40 -8.63 6.33
CA CYS A 103 20.06 -9.90 6.07
C CYS A 103 19.16 -10.76 5.18
N MET A 104 19.80 -11.62 4.42
CA MET A 104 19.06 -12.50 3.51
C MET A 104 18.89 -13.89 4.11
N SER A 105 18.03 -14.67 3.48
CA SER A 105 17.77 -16.03 3.95
C SER A 105 17.48 -16.94 2.76
N SER A 106 17.93 -18.19 2.88
CA SER A 106 17.73 -19.16 1.83
C SER A 106 18.10 -20.55 2.33
N LYS A 107 17.24 -21.52 2.01
CA LYS A 107 17.47 -22.89 2.42
C LYS A 107 16.88 -23.83 1.36
N MET A 1 4.79 -2.58 0.47
CA MET A 1 4.61 -3.49 -0.66
C MET A 1 5.84 -3.48 -1.57
N GLU A 2 6.79 -4.32 -1.22
CA GLU A 2 8.02 -4.42 -1.99
C GLU A 2 9.12 -5.09 -1.17
N THR A 3 9.44 -6.31 -1.54
CA THR A 3 10.47 -7.06 -0.84
C THR A 3 11.21 -7.97 -1.82
N GLU A 4 12.35 -8.49 -1.35
CA GLU A 4 13.16 -9.37 -2.16
C GLU A 4 13.51 -10.64 -1.39
N GLU A 5 12.80 -11.71 -1.74
CA GLU A 5 13.02 -12.99 -1.08
C GLU A 5 13.70 -13.97 -2.04
N TRP A 6 14.80 -13.51 -2.61
CA TRP A 6 15.55 -14.33 -3.55
C TRP A 6 16.65 -15.05 -2.77
N PHE A 7 16.91 -14.55 -1.58
CA PHE A 7 17.94 -15.13 -0.72
C PHE A 7 17.31 -16.12 0.27
N PHE A 8 18.04 -17.20 0.51
CA PHE A 8 17.59 -18.22 1.44
C PHE A 8 18.67 -18.57 2.46
N LYS A 9 18.24 -19.19 3.55
CA LYS A 9 19.16 -19.57 4.61
C LYS A 9 20.11 -20.65 4.08
N GLY A 10 20.95 -21.14 4.98
CA GLY A 10 21.91 -22.16 4.61
C GLY A 10 21.21 -23.48 4.31
N ILE A 11 20.43 -23.47 3.25
CA ILE A 11 19.69 -24.66 2.84
C ILE A 11 20.63 -25.58 2.06
N SER A 12 20.26 -26.85 2.02
CA SER A 12 21.04 -27.85 1.32
C SER A 12 20.71 -27.83 -0.17
N ARG A 13 21.67 -28.28 -0.97
CA ARG A 13 21.49 -28.32 -2.42
C ARG A 13 20.37 -29.28 -2.79
N LYS A 14 20.13 -30.23 -1.89
CA LYS A 14 19.10 -31.23 -2.11
C LYS A 14 17.74 -30.63 -1.77
N ASP A 15 17.71 -29.86 -0.70
CA ASP A 15 16.49 -29.21 -0.26
C ASP A 15 16.11 -28.12 -1.25
N ALA A 16 17.12 -27.55 -1.89
CA ALA A 16 16.90 -26.49 -2.85
C ALA A 16 16.47 -27.12 -4.18
N GLU A 17 16.86 -28.37 -4.37
CA GLU A 17 16.52 -29.09 -5.59
C GLU A 17 15.09 -29.63 -5.51
N ARG A 18 14.61 -29.76 -4.29
CA ARG A 18 13.27 -30.26 -4.05
C ARG A 18 12.26 -29.12 -4.10
N GLN A 19 12.74 -27.94 -3.75
CA GLN A 19 11.89 -26.75 -3.76
C GLN A 19 11.73 -26.22 -5.19
N LEU A 20 12.75 -26.46 -5.99
CA LEU A 20 12.73 -26.01 -7.37
C LEU A 20 11.91 -26.99 -8.21
N LEU A 21 12.24 -28.27 -8.08
CA LEU A 21 11.55 -29.31 -8.82
C LEU A 21 10.09 -29.35 -8.35
N ALA A 22 9.85 -28.79 -7.18
CA ALA A 22 8.51 -28.77 -6.62
C ALA A 22 7.57 -28.00 -7.57
N PRO A 23 6.25 -28.25 -7.38
CA PRO A 23 5.25 -27.61 -8.20
C PRO A 23 5.07 -26.14 -7.80
N GLY A 24 5.48 -25.85 -6.57
CA GLY A 24 5.37 -24.49 -6.06
C GLY A 24 6.07 -23.49 -6.99
N ASN A 25 7.14 -23.95 -7.61
CA ASN A 25 7.90 -23.12 -8.52
C ASN A 25 7.83 -23.71 -9.93
N MET A 26 8.41 -22.98 -10.86
CA MET A 26 8.43 -23.41 -12.25
C MET A 26 9.73 -23.01 -12.94
N LEU A 27 9.96 -23.61 -14.10
CA LEU A 27 11.16 -23.32 -14.86
C LEU A 27 11.44 -21.82 -14.81
N GLY A 28 12.71 -21.50 -14.58
CA GLY A 28 13.13 -20.11 -14.51
C GLY A 28 13.33 -19.68 -13.05
N SER A 29 12.70 -20.43 -12.16
CA SER A 29 12.81 -20.13 -10.74
C SER A 29 14.26 -20.30 -10.27
N PHE A 30 14.71 -19.35 -9.47
CA PHE A 30 16.06 -19.38 -8.96
C PHE A 30 16.09 -19.03 -7.47
N MET A 31 17.18 -19.41 -6.82
CA MET A 31 17.35 -19.14 -5.40
C MET A 31 18.82 -19.03 -5.04
N ILE A 32 19.09 -18.20 -4.04
CA ILE A 32 20.46 -18.00 -3.58
C ILE A 32 20.58 -18.47 -2.12
N ARG A 33 21.72 -19.06 -1.81
CA ARG A 33 21.97 -19.55 -0.47
C ARG A 33 23.46 -19.47 -0.14
N ASP A 34 23.78 -19.76 1.11
CA ASP A 34 25.16 -19.72 1.56
C ASP A 34 25.69 -21.15 1.68
N SER A 35 26.99 -21.27 1.47
CA SER A 35 27.63 -22.58 1.55
C SER A 35 27.49 -23.15 2.97
N GLU A 36 27.59 -24.47 3.05
CA GLU A 36 27.47 -25.15 4.32
C GLU A 36 28.85 -25.63 4.79
N THR A 37 29.56 -26.30 3.88
CA THR A 37 30.88 -26.81 4.19
C THR A 37 31.93 -25.71 4.04
N THR A 38 32.05 -25.22 2.82
CA THR A 38 33.01 -24.17 2.52
C THR A 38 32.42 -22.80 2.84
N LYS A 39 32.17 -22.58 4.12
CA LYS A 39 31.59 -21.31 4.56
C LYS A 39 32.38 -20.16 3.95
N GLY A 40 31.69 -19.04 3.78
CA GLY A 40 32.31 -17.86 3.20
C GLY A 40 32.01 -17.75 1.71
N SER A 41 31.58 -18.86 1.14
CA SER A 41 31.24 -18.92 -0.27
C SER A 41 29.74 -19.11 -0.45
N TYR A 42 29.22 -18.49 -1.50
CA TYR A 42 27.80 -18.58 -1.80
C TYR A 42 27.53 -19.60 -2.90
N SER A 43 26.30 -20.08 -2.93
CA SER A 43 25.90 -21.07 -3.93
C SER A 43 24.54 -20.69 -4.52
N LEU A 44 24.51 -20.59 -5.84
CA LEU A 44 23.28 -20.24 -6.54
C LEU A 44 22.67 -21.51 -7.14
N SER A 45 21.35 -21.53 -7.16
CA SER A 45 20.63 -22.67 -7.71
C SER A 45 19.46 -22.19 -8.55
N VAL A 46 19.43 -22.67 -9.80
CA VAL A 46 18.36 -22.29 -10.72
C VAL A 46 17.77 -23.56 -11.34
N ARG A 47 16.54 -23.43 -11.80
CA ARG A 47 15.84 -24.55 -12.41
C ARG A 47 16.09 -24.56 -13.93
N ASP A 48 16.22 -25.76 -14.46
CA ASP A 48 16.46 -25.92 -15.88
C ASP A 48 15.81 -27.22 -16.37
N TYR A 49 15.64 -27.32 -17.68
CA TYR A 49 15.04 -28.50 -18.27
C TYR A 49 15.86 -28.98 -19.47
N ASP A 50 15.72 -30.27 -19.76
CA ASP A 50 16.43 -30.86 -20.89
C ASP A 50 15.50 -31.82 -21.62
N PRO A 51 15.68 -31.87 -22.97
CA PRO A 51 14.86 -32.73 -23.80
C PRO A 51 15.29 -34.20 -23.66
N ARG A 52 16.39 -34.39 -22.94
CA ARG A 52 16.92 -35.72 -22.71
C ARG A 52 16.54 -36.22 -21.31
N GLN A 53 17.00 -35.48 -20.31
CA GLN A 53 16.72 -35.83 -18.93
C GLN A 53 15.33 -35.36 -18.54
N GLY A 54 15.15 -34.04 -18.56
CA GLY A 54 13.87 -33.45 -18.21
C GLY A 54 14.04 -32.36 -17.15
N ASP A 55 13.18 -32.39 -16.15
CA ASP A 55 13.22 -31.41 -15.08
C ASP A 55 14.53 -31.57 -14.31
N THR A 56 15.41 -30.60 -14.50
CA THR A 56 16.70 -30.61 -13.83
C THR A 56 16.92 -29.31 -13.06
N VAL A 57 17.97 -29.30 -12.25
CA VAL A 57 18.29 -28.13 -11.46
C VAL A 57 19.81 -27.90 -11.50
N LYS A 58 20.17 -26.69 -11.91
CA LYS A 58 21.57 -26.32 -12.01
C LYS A 58 22.00 -25.63 -10.72
N HIS A 59 23.28 -25.81 -10.38
CA HIS A 59 23.82 -25.21 -9.18
C HIS A 59 25.21 -24.63 -9.48
N TYR A 60 25.32 -23.33 -9.27
CA TYR A 60 26.57 -22.64 -9.51
C TYR A 60 27.17 -22.09 -8.22
N LYS A 61 28.47 -21.83 -8.25
CA LYS A 61 29.15 -21.31 -7.09
C LYS A 61 29.33 -19.79 -7.24
N ILE A 62 29.48 -19.13 -6.10
CA ILE A 62 29.66 -17.69 -6.10
C ILE A 62 30.88 -17.32 -5.26
N ARG A 63 31.96 -17.00 -5.94
CA ARG A 63 33.19 -16.63 -5.28
C ARG A 63 33.29 -15.12 -5.12
N THR A 64 34.11 -14.70 -4.17
CA THR A 64 34.30 -13.28 -3.90
C THR A 64 35.71 -12.85 -4.30
N LEU A 65 35.85 -11.55 -4.52
CA LEU A 65 37.14 -10.99 -4.91
C LEU A 65 37.72 -10.21 -3.74
N ASP A 66 39.04 -10.11 -3.74
CA ASP A 66 39.73 -9.38 -2.68
C ASP A 66 39.15 -7.98 -2.57
N ASN A 67 39.17 -7.27 -3.68
CA ASN A 67 38.64 -5.91 -3.72
C ASN A 67 37.58 -5.80 -4.82
N GLY A 68 36.43 -6.39 -4.55
CA GLY A 68 35.34 -6.37 -5.51
C GLY A 68 34.01 -6.72 -4.83
N GLY A 69 33.52 -7.91 -5.14
CA GLY A 69 32.27 -8.37 -4.58
C GLY A 69 32.09 -9.88 -4.78
N PHE A 70 31.16 -10.22 -5.67
CA PHE A 70 30.89 -11.63 -5.96
C PHE A 70 30.74 -11.85 -7.46
N TYR A 71 31.39 -12.89 -7.94
CA TYR A 71 31.33 -13.23 -9.35
C TYR A 71 31.14 -14.73 -9.56
N ILE A 72 30.43 -15.06 -10.62
CA ILE A 72 30.17 -16.46 -10.94
C ILE A 72 30.98 -16.87 -12.17
N SER A 73 30.96 -15.99 -13.16
CA SER A 73 31.70 -16.24 -14.39
C SER A 73 32.83 -15.23 -14.54
N PRO A 74 33.99 -15.73 -15.07
CA PRO A 74 35.15 -14.89 -15.27
C PRO A 74 34.96 -13.98 -16.48
N ARG A 75 33.89 -13.18 -16.43
CA ARG A 75 33.59 -12.26 -17.51
C ARG A 75 33.14 -10.91 -16.95
N SER A 76 32.05 -10.94 -16.22
CA SER A 76 31.50 -9.73 -15.62
C SER A 76 31.18 -9.97 -14.14
N THR A 77 32.00 -9.39 -13.28
CA THR A 77 31.81 -9.54 -11.86
C THR A 77 30.85 -8.47 -11.32
N PHE A 78 30.44 -8.65 -10.08
CA PHE A 78 29.53 -7.72 -9.46
C PHE A 78 29.98 -7.37 -8.03
N SER A 79 29.69 -6.15 -7.63
CA SER A 79 30.06 -5.68 -6.31
C SER A 79 28.99 -6.08 -5.30
N THR A 80 27.78 -6.28 -5.81
CA THR A 80 26.66 -6.67 -4.97
C THR A 80 25.84 -7.77 -5.64
N LEU A 81 25.28 -8.63 -4.81
CA LEU A 81 24.47 -9.74 -5.30
C LEU A 81 23.13 -9.20 -5.79
N GLN A 82 22.78 -8.02 -5.29
CA GLN A 82 21.53 -7.39 -5.67
C GLN A 82 21.59 -6.92 -7.13
N GLU A 83 22.80 -6.57 -7.54
CA GLU A 83 23.01 -6.09 -8.91
C GLU A 83 23.21 -7.28 -9.86
N LEU A 84 23.65 -8.39 -9.29
CA LEU A 84 23.88 -9.59 -10.06
C LEU A 84 22.54 -10.27 -10.35
N VAL A 85 21.64 -10.15 -9.38
CA VAL A 85 20.32 -10.75 -9.52
C VAL A 85 19.51 -9.96 -10.54
N ASP A 86 19.44 -8.65 -10.32
CA ASP A 86 18.70 -7.78 -11.21
C ASP A 86 19.28 -7.89 -12.62
N HIS A 87 20.58 -8.14 -12.68
CA HIS A 87 21.26 -8.26 -13.95
C HIS A 87 20.83 -9.56 -14.64
N TYR A 88 20.73 -10.61 -13.84
CA TYR A 88 20.32 -11.91 -14.35
C TYR A 88 18.82 -11.95 -14.63
N LYS A 89 18.12 -11.04 -13.97
CA LYS A 89 16.67 -10.96 -14.14
C LYS A 89 16.35 -10.31 -15.48
N LYS A 90 17.27 -9.45 -15.92
CA LYS A 90 17.10 -8.76 -17.19
C LYS A 90 17.50 -9.69 -18.34
N GLY A 91 18.45 -10.57 -18.03
CA GLY A 91 18.94 -11.51 -19.03
C GLY A 91 19.95 -12.48 -18.42
N ASN A 92 19.93 -13.70 -18.92
CA ASN A 92 20.84 -14.72 -18.42
C ASN A 92 22.27 -14.19 -18.45
N ASP A 93 22.64 -13.65 -19.61
CA ASP A 93 23.98 -13.09 -19.77
C ASP A 93 24.99 -14.00 -19.08
N GLY A 94 24.94 -15.28 -19.43
CA GLY A 94 25.85 -16.25 -18.84
C GLY A 94 25.10 -17.55 -18.49
N LEU A 95 24.00 -17.38 -17.79
CA LEU A 95 23.20 -18.53 -17.37
C LEU A 95 22.57 -19.16 -18.61
N CYS A 96 22.08 -20.38 -18.43
CA CYS A 96 21.45 -21.11 -19.51
C CYS A 96 20.14 -20.41 -19.87
N GLN A 97 19.42 -20.02 -18.82
CA GLN A 97 18.15 -19.34 -19.01
C GLN A 97 18.02 -18.17 -18.02
N LYS A 98 17.56 -17.05 -18.55
CA LYS A 98 17.38 -15.86 -17.74
C LYS A 98 16.58 -16.22 -16.48
N LEU A 99 16.59 -15.30 -15.52
CA LEU A 99 15.89 -15.51 -14.27
C LEU A 99 14.43 -15.08 -14.45
N SER A 100 13.53 -15.92 -13.93
CA SER A 100 12.11 -15.65 -14.04
C SER A 100 11.62 -15.01 -12.74
N VAL A 101 11.42 -15.86 -11.73
CA VAL A 101 10.94 -15.38 -10.44
C VAL A 101 11.72 -16.10 -9.33
N PRO A 102 11.82 -15.41 -8.16
CA PRO A 102 12.53 -15.97 -7.02
C PRO A 102 11.70 -17.06 -6.35
N CYS A 103 12.41 -18.04 -5.81
CA CYS A 103 11.76 -19.16 -5.14
C CYS A 103 10.64 -18.58 -4.25
N MET A 104 9.65 -19.43 -3.99
CA MET A 104 8.53 -19.03 -3.16
C MET A 104 8.73 -19.48 -1.71
N SER A 105 7.93 -18.90 -0.83
CA SER A 105 8.00 -19.22 0.59
C SER A 105 6.84 -18.59 1.33
N SER A 106 5.83 -19.41 1.60
CA SER A 106 4.66 -18.94 2.31
C SER A 106 4.98 -18.74 3.79
N LYS A 107 4.33 -17.75 4.37
CA LYS A 107 4.53 -17.44 5.78
C LYS A 107 3.18 -17.37 6.49
N MET A 1 4.79 -2.58 0.47
CA MET A 1 4.61 -3.49 -0.66
C MET A 1 5.30 -2.95 -1.91
N GLU A 2 5.00 -1.70 -2.22
CA GLU A 2 5.57 -1.05 -3.39
C GLU A 2 6.67 -0.07 -2.97
N THR A 3 7.31 0.51 -3.97
CA THR A 3 8.38 1.46 -3.71
C THR A 3 7.96 2.86 -4.18
N GLU A 4 8.88 3.80 -4.03
CA GLU A 4 8.63 5.17 -4.43
C GLU A 4 9.51 5.56 -5.62
N GLU A 5 8.86 5.77 -6.75
CA GLU A 5 9.58 6.14 -7.97
C GLU A 5 9.10 7.50 -8.46
N TRP A 6 9.11 8.47 -7.55
CA TRP A 6 8.68 9.82 -7.88
C TRP A 6 9.88 10.56 -8.47
N PHE A 7 11.05 9.95 -8.30
CA PHE A 7 12.27 10.55 -8.81
C PHE A 7 12.69 9.88 -10.12
N PHE A 8 13.07 10.71 -11.08
CA PHE A 8 13.50 10.24 -12.38
C PHE A 8 15.00 10.45 -12.58
N LYS A 9 15.57 9.65 -13.47
CA LYS A 9 16.99 9.75 -13.77
C LYS A 9 17.18 10.08 -15.25
N GLY A 10 18.21 10.86 -15.52
CA GLY A 10 18.52 11.25 -16.89
C GLY A 10 17.23 11.52 -17.68
N ILE A 11 16.45 12.47 -17.18
CA ILE A 11 15.20 12.83 -17.82
C ILE A 11 15.36 14.19 -18.50
N SER A 12 14.50 14.43 -19.49
CA SER A 12 14.53 15.69 -20.22
C SER A 12 13.36 16.57 -19.79
N ARG A 13 13.46 17.84 -20.13
CA ARG A 13 12.42 18.79 -19.79
C ARG A 13 11.19 18.58 -20.66
N LYS A 14 11.44 18.08 -21.87
CA LYS A 14 10.36 17.81 -22.81
C LYS A 14 9.70 16.48 -22.47
N ASP A 15 10.50 15.58 -21.92
CA ASP A 15 10.02 14.27 -21.54
C ASP A 15 9.19 14.39 -20.26
N ALA A 16 9.73 15.15 -19.32
CA ALA A 16 9.07 15.35 -18.04
C ALA A 16 7.74 16.08 -18.28
N GLU A 17 7.73 16.90 -19.31
CA GLU A 17 6.53 17.65 -19.65
C GLU A 17 5.58 16.79 -20.48
N ARG A 18 6.13 15.72 -21.03
CA ARG A 18 5.34 14.81 -21.85
C ARG A 18 4.62 13.79 -20.98
N GLN A 19 5.19 13.57 -19.80
CA GLN A 19 4.62 12.63 -18.86
C GLN A 19 3.54 13.31 -18.01
N LEU A 20 3.77 14.58 -17.74
CA LEU A 20 2.83 15.36 -16.94
C LEU A 20 1.62 15.73 -17.80
N LEU A 21 1.91 16.15 -19.02
CA LEU A 21 0.85 16.54 -19.94
C LEU A 21 0.13 15.28 -20.43
N ALA A 22 0.74 14.14 -20.18
CA ALA A 22 0.18 12.87 -20.58
C ALA A 22 -1.07 12.59 -19.74
N PRO A 23 -1.89 11.61 -20.23
CA PRO A 23 -3.10 11.23 -19.53
C PRO A 23 -2.79 10.40 -18.29
N GLY A 24 -1.76 9.57 -18.40
CA GLY A 24 -1.35 8.72 -17.31
C GLY A 24 -1.43 9.47 -15.97
N ASN A 25 -1.07 10.74 -16.03
CA ASN A 25 -1.09 11.57 -14.83
C ASN A 25 -2.26 12.55 -14.92
N MET A 26 -2.51 13.24 -13.82
CA MET A 26 -3.60 14.20 -13.76
C MET A 26 -3.27 15.32 -12.78
N LEU A 27 -3.94 16.46 -12.98
CA LEU A 27 -3.73 17.61 -12.12
C LEU A 27 -3.61 17.14 -10.67
N GLY A 28 -2.41 17.29 -10.14
CA GLY A 28 -2.14 16.90 -8.77
C GLY A 28 -0.92 15.99 -8.68
N SER A 29 -0.52 15.46 -9.84
CA SER A 29 0.63 14.59 -9.91
C SER A 29 1.92 15.43 -10.00
N PHE A 30 2.89 15.04 -9.18
CA PHE A 30 4.16 15.74 -9.15
C PHE A 30 5.31 14.79 -9.50
N MET A 31 6.46 15.39 -9.79
CA MET A 31 7.64 14.62 -10.15
C MET A 31 8.92 15.34 -9.73
N ILE A 32 9.98 14.57 -9.55
CA ILE A 32 11.26 15.13 -9.16
C ILE A 32 12.35 14.59 -10.08
N ARG A 33 13.26 15.47 -10.46
CA ARG A 33 14.35 15.10 -11.34
C ARG A 33 15.61 15.89 -10.99
N ASP A 34 16.75 15.33 -11.35
CA ASP A 34 18.03 15.97 -11.08
C ASP A 34 18.54 16.65 -12.36
N SER A 35 19.20 17.77 -12.17
CA SER A 35 19.74 18.51 -13.29
C SER A 35 20.89 17.72 -13.94
N GLU A 36 20.93 17.78 -15.26
CA GLU A 36 21.95 17.08 -16.01
C GLU A 36 23.14 18.01 -16.31
N THR A 37 22.82 19.30 -16.35
CA THR A 37 23.84 20.31 -16.63
C THR A 37 24.55 20.70 -15.33
N THR A 38 23.76 21.14 -14.36
CA THR A 38 24.30 21.56 -13.08
C THR A 38 24.07 20.47 -12.03
N LYS A 39 24.97 19.51 -12.03
CA LYS A 39 24.88 18.40 -11.08
C LYS A 39 24.95 18.95 -9.66
N GLY A 40 24.14 18.36 -8.79
CA GLY A 40 24.09 18.78 -7.41
C GLY A 40 22.80 19.56 -7.11
N SER A 41 22.15 19.97 -8.18
CA SER A 41 20.91 20.72 -8.05
C SER A 41 19.74 19.90 -8.61
N TYR A 42 18.60 20.03 -7.95
CA TYR A 42 17.41 19.31 -8.37
C TYR A 42 16.32 20.27 -8.86
N SER A 43 15.35 19.71 -9.56
CA SER A 43 14.26 20.51 -10.09
C SER A 43 12.94 19.74 -9.96
N LEU A 44 12.00 20.35 -9.24
CA LEU A 44 10.71 19.74 -9.04
C LEU A 44 9.75 20.21 -10.12
N SER A 45 8.82 19.32 -10.48
CA SER A 45 7.84 19.63 -11.50
C SER A 45 6.48 19.08 -11.10
N VAL A 46 5.47 19.94 -11.17
CA VAL A 46 4.12 19.55 -10.82
C VAL A 46 3.16 20.04 -11.90
N ARG A 47 1.99 19.41 -11.93
CA ARG A 47 0.97 19.78 -12.91
C ARG A 47 0.11 20.92 -12.38
N ASP A 48 -0.25 21.81 -13.30
CA ASP A 48 -1.07 22.96 -12.94
C ASP A 48 -1.94 23.35 -14.14
N TYR A 49 -2.98 24.12 -13.84
CA TYR A 49 -3.89 24.57 -14.88
C TYR A 49 -4.31 26.02 -14.65
N ASP A 50 -4.67 26.68 -15.75
CA ASP A 50 -5.08 28.07 -15.69
C ASP A 50 -6.35 28.27 -16.54
N PRO A 51 -7.23 29.17 -16.05
CA PRO A 51 -8.47 29.46 -16.75
C PRO A 51 -8.22 30.31 -17.99
N ARG A 52 -6.96 30.68 -18.17
CA ARG A 52 -6.57 31.50 -19.31
C ARG A 52 -5.98 30.63 -20.41
N GLN A 53 -4.89 29.95 -20.08
CA GLN A 53 -4.23 29.08 -21.04
C GLN A 53 -4.87 27.69 -21.03
N GLY A 54 -4.84 27.06 -19.87
CA GLY A 54 -5.41 25.74 -19.71
C GLY A 54 -4.47 24.81 -18.95
N ASP A 55 -4.13 23.70 -19.59
CA ASP A 55 -3.24 22.73 -18.99
C ASP A 55 -1.80 23.25 -19.05
N THR A 56 -1.12 23.15 -17.92
CA THR A 56 0.26 23.60 -17.85
C THR A 56 1.03 22.79 -16.81
N VAL A 57 2.35 22.91 -16.86
CA VAL A 57 3.22 22.19 -15.94
C VAL A 57 4.17 23.18 -15.26
N LYS A 58 4.13 23.18 -13.94
CA LYS A 58 4.99 24.06 -13.17
C LYS A 58 6.31 23.35 -12.86
N HIS A 59 7.35 24.15 -12.69
CA HIS A 59 8.67 23.62 -12.39
C HIS A 59 9.40 24.54 -11.42
N TYR A 60 9.68 24.00 -10.24
CA TYR A 60 10.37 24.77 -9.22
C TYR A 60 11.79 24.24 -9.00
N LYS A 61 12.74 25.16 -8.99
CA LYS A 61 14.13 24.81 -8.78
C LYS A 61 14.36 24.48 -7.30
N ILE A 62 15.17 23.46 -7.08
CA ILE A 62 15.48 23.04 -5.72
C ILE A 62 16.97 23.29 -5.45
N ARG A 63 17.22 24.33 -4.67
CA ARG A 63 18.60 24.68 -4.33
C ARG A 63 18.99 24.02 -3.01
N THR A 64 20.30 23.96 -2.78
CA THR A 64 20.82 23.35 -1.57
C THR A 64 21.64 24.37 -0.77
N LEU A 65 21.61 24.20 0.54
CA LEU A 65 22.34 25.10 1.43
C LEU A 65 23.77 24.60 1.60
N ASP A 66 24.69 25.54 1.74
CA ASP A 66 26.09 25.21 1.91
C ASP A 66 26.23 24.10 2.94
N ASN A 67 25.47 24.25 4.03
CA ASN A 67 25.51 23.27 5.10
C ASN A 67 24.08 23.01 5.57
N GLY A 68 23.28 22.42 4.69
CA GLY A 68 21.91 22.10 5.01
C GLY A 68 21.40 20.92 4.18
N GLY A 69 20.37 21.19 3.40
CA GLY A 69 19.78 20.15 2.55
C GLY A 69 19.28 20.74 1.23
N PHE A 70 17.97 20.80 1.11
CA PHE A 70 17.35 21.34 -0.09
C PHE A 70 16.13 22.21 0.26
N TYR A 71 16.04 23.35 -0.42
CA TYR A 71 14.94 24.26 -0.19
C TYR A 71 14.44 24.86 -1.51
N ILE A 72 13.15 25.16 -1.53
CA ILE A 72 12.53 25.72 -2.71
C ILE A 72 12.22 27.20 -2.47
N SER A 73 11.64 27.47 -1.30
CA SER A 73 11.30 28.82 -0.93
C SER A 73 12.05 29.24 0.33
N PRO A 74 12.39 30.56 0.39
CA PRO A 74 13.12 31.09 1.53
C PRO A 74 12.20 31.23 2.75
N ARG A 75 11.60 30.12 3.13
CA ARG A 75 10.70 30.10 4.27
C ARG A 75 10.94 28.85 5.12
N SER A 76 10.63 27.70 4.54
CA SER A 76 10.80 26.44 5.24
C SER A 76 11.66 25.50 4.38
N THR A 77 12.85 25.22 4.89
CA THR A 77 13.78 24.34 4.19
C THR A 77 13.63 22.91 4.71
N PHE A 78 14.24 21.98 3.98
CA PHE A 78 14.20 20.58 4.35
C PHE A 78 15.58 19.94 4.23
N SER A 79 15.91 19.13 5.23
CA SER A 79 17.19 18.45 5.25
C SER A 79 17.20 17.32 4.21
N THR A 80 16.03 16.74 4.00
CA THR A 80 15.88 15.66 3.05
C THR A 80 14.71 15.94 2.09
N LEU A 81 14.72 15.23 0.98
CA LEU A 81 13.67 15.38 -0.02
C LEU A 81 12.47 14.51 0.36
N GLN A 82 12.76 13.48 1.14
CA GLN A 82 11.72 12.57 1.58
C GLN A 82 10.76 13.28 2.53
N GLU A 83 11.33 14.20 3.31
CA GLU A 83 10.55 14.96 4.28
C GLU A 83 9.83 16.12 3.58
N LEU A 84 10.41 16.55 2.47
CA LEU A 84 9.85 17.65 1.71
C LEU A 84 8.64 17.15 0.92
N VAL A 85 8.75 15.91 0.45
CA VAL A 85 7.68 15.31 -0.31
C VAL A 85 6.52 14.96 0.63
N ASP A 86 6.88 14.63 1.86
CA ASP A 86 5.89 14.27 2.85
C ASP A 86 5.21 15.54 3.37
N HIS A 87 5.97 16.62 3.41
CA HIS A 87 5.45 17.89 3.87
C HIS A 87 4.52 18.48 2.80
N TYR A 88 4.86 18.21 1.55
CA TYR A 88 4.07 18.71 0.44
C TYR A 88 2.80 17.86 0.25
N LYS A 89 2.85 16.65 0.78
CA LYS A 89 1.72 15.74 0.68
C LYS A 89 0.66 16.13 1.71
N LYS A 90 1.14 16.66 2.83
CA LYS A 90 0.25 17.08 3.90
C LYS A 90 -0.37 18.42 3.54
N GLY A 91 0.37 19.19 2.75
CA GLY A 91 -0.10 20.50 2.34
C GLY A 91 0.95 21.20 1.48
N ASN A 92 0.46 21.93 0.47
CA ASN A 92 1.34 22.65 -0.43
C ASN A 92 2.38 23.41 0.40
N ASP A 93 1.90 24.11 1.41
CA ASP A 93 2.78 24.88 2.28
C ASP A 93 3.85 25.56 1.43
N GLY A 94 3.38 26.31 0.43
CA GLY A 94 4.28 27.02 -0.46
C GLY A 94 3.85 26.88 -1.91
N LEU A 95 3.56 25.64 -2.29
CA LEU A 95 3.13 25.35 -3.65
C LEU A 95 1.75 25.97 -3.88
N CYS A 96 1.31 25.91 -5.13
CA CYS A 96 0.02 26.46 -5.50
C CYS A 96 -1.05 25.41 -5.19
N GLN A 97 -0.64 24.15 -5.30
CA GLN A 97 -1.54 23.05 -5.05
C GLN A 97 -0.82 21.94 -4.26
N LYS A 98 -1.57 21.30 -3.38
CA LYS A 98 -1.01 20.22 -2.57
C LYS A 98 -0.64 19.05 -3.47
N LEU A 99 0.13 18.13 -2.91
CA LEU A 99 0.57 16.97 -3.65
C LEU A 99 -0.44 15.85 -3.49
N SER A 100 -0.85 15.28 -4.62
CA SER A 100 -1.83 14.20 -4.62
C SER A 100 -1.11 12.85 -4.70
N VAL A 101 -0.67 12.52 -5.91
CA VAL A 101 0.03 11.27 -6.14
C VAL A 101 1.35 11.55 -6.86
N PRO A 102 2.35 10.65 -6.61
CA PRO A 102 3.65 10.80 -7.23
C PRO A 102 3.60 10.39 -8.71
N CYS A 103 4.44 11.04 -9.50
CA CYS A 103 4.50 10.76 -10.91
C CYS A 103 4.44 9.24 -11.12
N MET A 104 3.97 8.85 -12.28
CA MET A 104 3.85 7.43 -12.60
C MET A 104 5.05 6.96 -13.44
N SER A 105 5.38 5.69 -13.26
CA SER A 105 6.49 5.10 -14.00
C SER A 105 5.98 4.39 -15.25
N SER A 106 6.56 4.75 -16.38
CA SER A 106 6.18 4.15 -17.65
C SER A 106 7.31 3.25 -18.17
N LYS A 107 6.91 2.18 -18.84
CA LYS A 107 7.86 1.25 -19.39
C LYS A 107 7.32 0.68 -20.70
N MET A 1 4.79 -2.58 0.47
CA MET A 1 4.61 -3.49 -0.66
C MET A 1 3.22 -3.32 -1.28
N GLU A 2 3.16 -2.48 -2.30
CA GLU A 2 1.91 -2.23 -2.99
C GLU A 2 0.91 -1.56 -2.05
N THR A 3 0.08 -0.70 -2.62
CA THR A 3 -0.93 0.01 -1.84
C THR A 3 -2.14 0.32 -2.71
N GLU A 4 -3.28 -0.22 -2.28
CA GLU A 4 -4.53 -0.01 -3.01
C GLU A 4 -5.67 0.26 -2.03
N GLU A 5 -5.94 1.53 -1.82
CA GLU A 5 -7.00 1.93 -0.90
C GLU A 5 -8.10 2.67 -1.66
N TRP A 6 -8.56 2.05 -2.74
CA TRP A 6 -9.61 2.64 -3.56
C TRP A 6 -10.96 2.19 -3.00
N PHE A 7 -10.91 1.17 -2.16
CA PHE A 7 -12.11 0.64 -1.55
C PHE A 7 -12.26 1.11 -0.11
N PHE A 8 -13.47 1.51 0.24
CA PHE A 8 -13.76 1.99 1.58
C PHE A 8 -15.04 1.36 2.13
N LYS A 9 -15.00 1.04 3.41
CA LYS A 9 -16.14 0.43 4.07
C LYS A 9 -16.61 1.33 5.20
N GLY A 10 -17.90 1.24 5.49
CA GLY A 10 -18.50 2.04 6.55
C GLY A 10 -19.01 3.38 6.00
N ILE A 11 -18.45 3.77 4.87
CA ILE A 11 -18.84 5.02 4.23
C ILE A 11 -20.11 4.79 3.40
N SER A 12 -20.84 5.87 3.19
CA SER A 12 -22.07 5.80 2.42
C SER A 12 -21.90 6.50 1.08
N ARG A 13 -23.00 6.59 0.34
CA ARG A 13 -22.97 7.24 -0.96
C ARG A 13 -22.91 8.75 -0.79
N LYS A 14 -23.41 9.22 0.35
CA LYS A 14 -23.42 10.64 0.63
C LYS A 14 -22.01 11.09 1.01
N ASP A 15 -21.54 10.56 2.13
CA ASP A 15 -20.21 10.90 2.62
C ASP A 15 -19.19 10.65 1.51
N ALA A 16 -19.53 9.74 0.62
CA ALA A 16 -18.66 9.41 -0.50
C ALA A 16 -18.67 10.56 -1.50
N GLU A 17 -19.82 11.20 -1.62
CA GLU A 17 -19.98 12.33 -2.53
C GLU A 17 -19.23 13.55 -2.00
N ARG A 18 -19.10 13.59 -0.69
CA ARG A 18 -18.41 14.70 -0.04
C ARG A 18 -16.91 14.43 0.03
N GLN A 19 -16.57 13.16 0.01
CA GLN A 19 -15.17 12.75 0.06
C GLN A 19 -14.47 13.06 -1.27
N LEU A 20 -15.26 13.01 -2.34
CA LEU A 20 -14.74 13.29 -3.67
C LEU A 20 -14.70 14.79 -3.90
N LEU A 21 -15.75 15.46 -3.43
CA LEU A 21 -15.85 16.90 -3.58
C LEU A 21 -14.84 17.57 -2.63
N ALA A 22 -14.34 16.78 -1.69
CA ALA A 22 -13.37 17.28 -0.73
C ALA A 22 -12.13 17.76 -1.47
N PRO A 23 -11.26 18.50 -0.73
CA PRO A 23 -10.03 19.01 -1.30
C PRO A 23 -8.99 17.90 -1.46
N GLY A 24 -8.45 17.80 -2.67
CA GLY A 24 -7.46 16.78 -2.96
C GLY A 24 -7.86 15.95 -4.18
N ASN A 25 -9.12 15.56 -4.19
CA ASN A 25 -9.64 14.76 -5.29
C ASN A 25 -10.01 15.68 -6.45
N MET A 26 -9.88 15.14 -7.66
CA MET A 26 -10.19 15.90 -8.86
C MET A 26 -10.79 15.00 -9.94
N LEU A 27 -11.36 15.64 -10.94
CA LEU A 27 -11.98 14.91 -12.05
C LEU A 27 -11.10 13.70 -12.40
N GLY A 28 -11.73 12.53 -12.35
CA GLY A 28 -11.02 11.30 -12.66
C GLY A 28 -10.93 10.39 -11.43
N SER A 29 -10.95 11.02 -10.27
CA SER A 29 -10.88 10.29 -9.02
C SER A 29 -12.08 9.34 -8.90
N PHE A 30 -11.77 8.07 -8.63
CA PHE A 30 -12.80 7.07 -8.49
C PHE A 30 -12.72 6.37 -7.12
N MET A 31 -13.83 5.76 -6.74
CA MET A 31 -13.88 5.06 -5.47
C MET A 31 -14.93 3.94 -5.50
N ILE A 32 -14.60 2.83 -4.86
CA ILE A 32 -15.50 1.69 -4.81
C ILE A 32 -15.91 1.44 -3.35
N ARG A 33 -17.18 1.12 -3.17
CA ARG A 33 -17.71 0.85 -1.85
C ARG A 33 -18.85 -0.16 -1.93
N ASP A 34 -18.92 -1.00 -0.91
CA ASP A 34 -19.97 -2.02 -0.85
C ASP A 34 -21.27 -1.38 -0.38
N SER A 35 -22.37 -2.05 -0.71
CA SER A 35 -23.68 -1.55 -0.33
C SER A 35 -23.89 -1.72 1.18
N GLU A 36 -24.77 -0.89 1.72
CA GLU A 36 -25.07 -0.94 3.15
C GLU A 36 -26.50 -1.42 3.37
N THR A 37 -27.27 -1.39 2.30
CA THR A 37 -28.66 -1.81 2.36
C THR A 37 -28.85 -3.15 1.66
N THR A 38 -28.44 -3.19 0.40
CA THR A 38 -28.57 -4.40 -0.39
C THR A 38 -27.23 -5.14 -0.43
N LYS A 39 -26.81 -5.61 0.73
CA LYS A 39 -25.55 -6.34 0.84
C LYS A 39 -25.43 -7.31 -0.33
N GLY A 40 -24.18 -7.62 -0.68
CA GLY A 40 -23.92 -8.53 -1.78
C GLY A 40 -23.68 -7.77 -3.08
N SER A 41 -24.13 -6.52 -3.09
CA SER A 41 -23.98 -5.67 -4.26
C SER A 41 -22.98 -4.55 -3.97
N TYR A 42 -22.27 -4.14 -5.01
CA TYR A 42 -21.29 -3.08 -4.88
C TYR A 42 -21.73 -1.83 -5.64
N SER A 43 -21.18 -0.70 -5.22
CA SER A 43 -21.51 0.58 -5.86
C SER A 43 -20.24 1.39 -6.07
N LEU A 44 -20.01 1.76 -7.33
CA LEU A 44 -18.85 2.55 -7.68
C LEU A 44 -19.22 4.02 -7.75
N SER A 45 -18.25 4.87 -7.47
CA SER A 45 -18.46 6.31 -7.49
C SER A 45 -17.26 7.00 -8.12
N VAL A 46 -17.54 7.73 -9.21
CA VAL A 46 -16.50 8.45 -9.91
C VAL A 46 -16.90 9.92 -10.04
N ARG A 47 -15.89 10.77 -10.13
CA ARG A 47 -16.12 12.20 -10.25
C ARG A 47 -16.34 12.57 -11.72
N ASP A 48 -17.36 13.38 -11.95
CA ASP A 48 -17.70 13.82 -13.29
C ASP A 48 -18.07 15.30 -13.26
N TYR A 49 -18.03 15.91 -14.44
CA TYR A 49 -18.37 17.31 -14.57
C TYR A 49 -19.31 17.55 -15.75
N ASP A 50 -20.15 18.57 -15.61
CA ASP A 50 -21.09 18.91 -16.65
C ASP A 50 -20.94 20.40 -17.01
N PRO A 51 -21.12 20.70 -18.32
CA PRO A 51 -21.00 22.06 -18.81
C PRO A 51 -22.23 22.88 -18.42
N ARG A 52 -23.18 22.21 -17.79
CA ARG A 52 -24.41 22.87 -17.36
C ARG A 52 -24.36 23.15 -15.86
N GLN A 53 -24.29 22.06 -15.10
CA GLN A 53 -24.26 22.17 -13.64
C GLN A 53 -22.83 22.51 -13.19
N GLY A 54 -21.90 21.64 -13.56
CA GLY A 54 -20.51 21.84 -13.19
C GLY A 54 -19.91 20.56 -12.61
N ASP A 55 -19.40 20.69 -11.39
CA ASP A 55 -18.80 19.55 -10.71
C ASP A 55 -19.90 18.62 -10.19
N THR A 56 -19.71 17.34 -10.43
CA THR A 56 -20.68 16.34 -9.99
C THR A 56 -19.99 15.01 -9.74
N VAL A 57 -20.75 14.10 -9.14
CA VAL A 57 -20.22 12.77 -8.84
C VAL A 57 -21.18 11.71 -9.39
N LYS A 58 -20.65 10.86 -10.25
CA LYS A 58 -21.44 9.81 -10.86
C LYS A 58 -21.36 8.55 -9.97
N HIS A 59 -22.45 7.80 -9.97
CA HIS A 59 -22.53 6.59 -9.18
C HIS A 59 -23.03 5.43 -10.07
N TYR A 60 -22.27 4.35 -10.05
CA TYR A 60 -22.62 3.18 -10.84
C TYR A 60 -22.80 1.95 -9.94
N LYS A 61 -23.62 1.03 -10.42
CA LYS A 61 -23.89 -0.19 -9.68
C LYS A 61 -22.99 -1.31 -10.20
N ILE A 62 -22.63 -2.20 -9.30
CA ILE A 62 -21.77 -3.32 -9.65
C ILE A 62 -22.46 -4.63 -9.26
N ARG A 63 -22.97 -5.32 -10.26
CA ARG A 63 -23.66 -6.58 -10.03
C ARG A 63 -22.68 -7.74 -10.15
N THR A 64 -23.04 -8.86 -9.51
CA THR A 64 -22.21 -10.04 -9.54
C THR A 64 -22.71 -11.03 -10.60
N LEU A 65 -21.79 -11.86 -11.06
CA LEU A 65 -22.13 -12.84 -12.08
C LEU A 65 -22.78 -14.05 -11.40
N ASP A 66 -23.06 -15.07 -12.21
CA ASP A 66 -23.68 -16.28 -11.71
C ASP A 66 -22.59 -17.30 -11.37
N ASN A 67 -21.36 -16.81 -11.32
CA ASN A 67 -20.22 -17.67 -11.01
C ASN A 67 -19.51 -17.12 -9.77
N GLY A 68 -19.36 -15.81 -9.74
CA GLY A 68 -18.71 -15.16 -8.62
C GLY A 68 -17.75 -14.07 -9.11
N GLY A 69 -18.34 -13.05 -9.75
CA GLY A 69 -17.55 -11.94 -10.26
C GLY A 69 -18.29 -10.62 -10.07
N PHE A 70 -17.97 -9.67 -10.94
CA PHE A 70 -18.58 -8.36 -10.87
C PHE A 70 -18.50 -7.64 -12.23
N TYR A 71 -19.66 -7.23 -12.71
CA TYR A 71 -19.73 -6.53 -13.99
C TYR A 71 -20.64 -5.30 -13.89
N ILE A 72 -20.28 -4.29 -14.67
CA ILE A 72 -21.06 -3.05 -14.68
C ILE A 72 -21.93 -3.02 -15.93
N SER A 73 -21.32 -3.37 -17.05
CA SER A 73 -22.03 -3.39 -18.32
C SER A 73 -22.11 -4.82 -18.85
N PRO A 74 -23.24 -5.09 -19.57
CA PRO A 74 -23.45 -6.42 -20.13
C PRO A 74 -22.57 -6.63 -21.37
N ARG A 75 -21.28 -6.46 -21.16
CA ARG A 75 -20.32 -6.62 -22.24
C ARG A 75 -19.10 -7.40 -21.76
N SER A 76 -18.33 -6.74 -20.89
CA SER A 76 -17.13 -7.35 -20.34
C SER A 76 -17.23 -7.41 -18.82
N THR A 77 -17.13 -8.63 -18.30
CA THR A 77 -17.20 -8.83 -16.86
C THR A 77 -15.82 -9.14 -16.30
N PHE A 78 -15.73 -9.08 -14.97
CA PHE A 78 -14.47 -9.34 -14.30
C PHE A 78 -14.69 -10.17 -13.03
N SER A 79 -13.86 -11.20 -12.88
CA SER A 79 -13.97 -12.08 -11.72
C SER A 79 -13.57 -11.32 -10.46
N THR A 80 -12.85 -10.23 -10.66
CA THR A 80 -12.40 -9.41 -9.55
C THR A 80 -12.54 -7.92 -9.88
N LEU A 81 -12.77 -7.13 -8.84
CA LEU A 81 -12.93 -5.70 -9.02
C LEU A 81 -11.58 -5.07 -9.36
N GLN A 82 -10.52 -5.80 -9.02
CA GLN A 82 -9.17 -5.34 -9.29
C GLN A 82 -8.89 -5.37 -10.78
N GLU A 83 -9.54 -6.30 -11.46
CA GLU A 83 -9.37 -6.46 -12.90
C GLU A 83 -10.26 -5.47 -13.65
N LEU A 84 -11.31 -5.05 -12.96
CA LEU A 84 -12.26 -4.11 -13.56
C LEU A 84 -11.73 -2.68 -13.38
N VAL A 85 -10.95 -2.50 -12.32
CA VAL A 85 -10.38 -1.20 -12.02
C VAL A 85 -9.19 -0.94 -12.95
N ASP A 86 -8.35 -1.96 -13.08
CA ASP A 86 -7.18 -1.86 -13.94
C ASP A 86 -7.63 -1.61 -15.38
N HIS A 87 -8.66 -2.33 -15.78
CA HIS A 87 -9.19 -2.19 -17.12
C HIS A 87 -9.79 -0.79 -17.29
N TYR A 88 -10.25 -0.23 -16.18
CA TYR A 88 -10.85 1.09 -16.20
C TYR A 88 -9.77 2.17 -16.14
N LYS A 89 -8.60 1.78 -15.68
CA LYS A 89 -7.48 2.71 -15.57
C LYS A 89 -6.81 2.84 -16.94
N LYS A 90 -6.94 1.80 -17.74
CA LYS A 90 -6.34 1.78 -19.06
C LYS A 90 -7.31 2.43 -20.06
N GLY A 91 -8.59 2.35 -19.73
CA GLY A 91 -9.62 2.92 -20.57
C GLY A 91 -11.00 2.78 -19.93
N ASN A 92 -11.82 3.80 -20.14
CA ASN A 92 -13.16 3.81 -19.58
C ASN A 92 -13.89 2.53 -20.01
N ASP A 93 -13.79 2.24 -21.30
CA ASP A 93 -14.45 1.05 -21.85
C ASP A 93 -15.82 0.90 -21.21
N GLY A 94 -16.66 1.90 -21.43
CA GLY A 94 -18.01 1.88 -20.88
C GLY A 94 -18.30 3.17 -20.11
N LEU A 95 -17.34 3.56 -19.30
CA LEU A 95 -17.48 4.77 -18.50
C LEU A 95 -17.47 5.99 -19.41
N CYS A 96 -17.87 7.12 -18.85
CA CYS A 96 -17.92 8.36 -19.60
C CYS A 96 -16.49 8.90 -19.70
N GLN A 97 -15.68 8.58 -18.71
CA GLN A 97 -14.30 9.03 -18.68
C GLN A 97 -13.43 7.99 -17.97
N LYS A 98 -12.29 7.72 -18.59
CA LYS A 98 -11.35 6.75 -18.03
C LYS A 98 -11.01 7.16 -16.58
N LEU A 99 -10.46 6.19 -15.85
CA LEU A 99 -10.09 6.44 -14.46
C LEU A 99 -8.71 7.10 -14.42
N SER A 100 -8.56 8.01 -13.47
CA SER A 100 -7.30 8.72 -13.32
C SER A 100 -6.52 8.15 -12.13
N VAL A 101 -6.92 8.56 -10.94
CA VAL A 101 -6.28 8.11 -9.73
C VAL A 101 -7.35 7.64 -8.73
N PRO A 102 -6.93 6.69 -7.85
CA PRO A 102 -7.84 6.16 -6.84
C PRO A 102 -8.07 7.17 -5.71
N CYS A 103 -9.29 7.19 -5.23
CA CYS A 103 -9.65 8.10 -4.15
C CYS A 103 -8.52 8.09 -3.11
N MET A 104 -8.12 9.28 -2.72
CA MET A 104 -7.05 9.42 -1.73
C MET A 104 -7.52 8.96 -0.35
N SER A 105 -6.58 8.98 0.58
CA SER A 105 -6.89 8.57 1.95
C SER A 105 -6.26 9.55 2.94
N SER A 106 -7.12 10.36 3.54
CA SER A 106 -6.68 11.35 4.50
C SER A 106 -7.76 11.57 5.57
N LYS A 107 -7.31 11.68 6.81
CA LYS A 107 -8.21 11.89 7.92
C LYS A 107 -7.54 12.78 8.96
N MET A 1 4.79 -2.58 0.47
CA MET A 1 4.61 -3.49 -0.66
C MET A 1 3.22 -4.14 -0.61
N GLU A 2 2.92 -4.73 0.54
CA GLU A 2 1.64 -5.39 0.72
C GLU A 2 1.34 -5.56 2.21
N THR A 3 0.18 -6.13 2.49
CA THR A 3 -0.24 -6.34 3.87
C THR A 3 -0.93 -7.70 4.00
N GLU A 4 -1.12 -8.12 5.25
CA GLU A 4 -1.75 -9.39 5.54
C GLU A 4 -3.21 -9.36 5.08
N GLU A 5 -3.47 -10.00 3.95
CA GLU A 5 -4.81 -10.06 3.40
C GLU A 5 -5.29 -11.51 3.33
N TRP A 6 -5.09 -12.23 4.42
CA TRP A 6 -5.49 -13.62 4.50
C TRP A 6 -6.98 -13.66 4.89
N PHE A 7 -7.46 -12.52 5.36
CA PHE A 7 -8.85 -12.41 5.77
C PHE A 7 -9.69 -11.71 4.71
N PHE A 8 -10.79 -12.35 4.34
CA PHE A 8 -11.67 -11.80 3.33
C PHE A 8 -13.00 -11.34 3.97
N LYS A 9 -13.71 -10.49 3.24
CA LYS A 9 -14.97 -9.96 3.71
C LYS A 9 -16.08 -10.38 2.74
N GLY A 10 -17.26 -10.62 3.30
CA GLY A 10 -18.40 -11.03 2.50
C GLY A 10 -17.97 -11.95 1.36
N ILE A 11 -17.52 -13.14 1.75
CA ILE A 11 -17.07 -14.12 0.77
C ILE A 11 -18.04 -15.31 0.78
N SER A 12 -18.05 -16.04 -0.33
CA SER A 12 -18.92 -17.19 -0.46
C SER A 12 -18.12 -18.47 -0.23
N ARG A 13 -18.84 -19.53 0.09
CA ARG A 13 -18.23 -20.83 0.34
C ARG A 13 -17.74 -21.43 -0.97
N LYS A 14 -18.48 -21.16 -2.04
CA LYS A 14 -18.13 -21.67 -3.34
C LYS A 14 -16.96 -20.86 -3.92
N ASP A 15 -16.87 -19.61 -3.45
CA ASP A 15 -15.82 -18.73 -3.91
C ASP A 15 -14.50 -19.12 -3.22
N ALA A 16 -14.55 -19.14 -1.90
CA ALA A 16 -13.38 -19.48 -1.10
C ALA A 16 -12.83 -20.83 -1.59
N GLU A 17 -13.73 -21.66 -2.08
CA GLU A 17 -13.35 -22.98 -2.57
C GLU A 17 -12.80 -22.87 -3.99
N ARG A 18 -13.21 -21.82 -4.67
CA ARG A 18 -12.77 -21.59 -6.04
C ARG A 18 -11.42 -20.87 -6.05
N GLN A 19 -11.17 -20.14 -4.97
CA GLN A 19 -9.93 -19.39 -4.84
C GLN A 19 -8.83 -20.30 -4.28
N LEU A 20 -9.26 -21.29 -3.51
CA LEU A 20 -8.33 -22.23 -2.92
C LEU A 20 -7.90 -23.27 -3.95
N LEU A 21 -8.90 -23.89 -4.56
CA LEU A 21 -8.65 -24.90 -5.58
C LEU A 21 -8.08 -24.23 -6.82
N ALA A 22 -8.19 -22.91 -6.85
CA ALA A 22 -7.70 -22.13 -7.98
C ALA A 22 -6.23 -22.50 -8.23
N PRO A 23 -5.78 -22.23 -9.49
CA PRO A 23 -4.41 -22.52 -9.87
C PRO A 23 -3.44 -21.51 -9.26
N GLY A 24 -3.96 -20.33 -8.98
CA GLY A 24 -3.15 -19.27 -8.39
C GLY A 24 -2.66 -19.66 -7.01
N ASN A 25 -3.34 -20.64 -6.43
CA ASN A 25 -2.98 -21.12 -5.10
C ASN A 25 -2.53 -22.58 -5.19
N MET A 26 -2.04 -23.08 -4.07
CA MET A 26 -1.57 -24.45 -4.01
C MET A 26 -1.61 -24.98 -2.57
N LEU A 27 -1.51 -26.30 -2.46
CA LEU A 27 -1.54 -26.94 -1.16
C LEU A 27 -0.73 -26.10 -0.16
N GLY A 28 -1.37 -25.78 0.95
CA GLY A 28 -0.73 -24.98 1.99
C GLY A 28 -1.42 -23.62 2.14
N SER A 29 -2.04 -23.18 1.05
CA SER A 29 -2.74 -21.91 1.06
C SER A 29 -3.92 -21.96 2.04
N PHE A 30 -3.93 -20.99 2.95
CA PHE A 30 -4.99 -20.92 3.95
C PHE A 30 -5.71 -19.56 3.88
N MET A 31 -6.96 -19.57 4.33
CA MET A 31 -7.76 -18.36 4.32
C MET A 31 -8.75 -18.36 5.49
N ILE A 32 -9.04 -17.17 5.98
CA ILE A 32 -9.96 -17.02 7.08
C ILE A 32 -11.11 -16.09 6.66
N ARG A 33 -12.32 -16.56 6.87
CA ARG A 33 -13.50 -15.78 6.53
C ARG A 33 -14.47 -15.73 7.71
N ASP A 34 -15.11 -14.58 7.84
CA ASP A 34 -16.07 -14.38 8.92
C ASP A 34 -17.40 -15.05 8.56
N SER A 35 -18.14 -15.41 9.59
CA SER A 35 -19.42 -16.05 9.40
C SER A 35 -20.38 -15.11 8.65
N GLU A 36 -21.28 -15.72 7.90
CA GLU A 36 -22.25 -14.95 7.13
C GLU A 36 -23.60 -14.94 7.85
N THR A 37 -24.02 -16.12 8.29
CA THR A 37 -25.28 -16.25 8.99
C THR A 37 -25.10 -15.98 10.49
N THR A 38 -24.34 -16.88 11.12
CA THR A 38 -24.07 -16.76 12.53
C THR A 38 -22.95 -15.75 12.78
N LYS A 39 -23.25 -14.49 12.50
CA LYS A 39 -22.28 -13.43 12.70
C LYS A 39 -21.65 -13.55 14.08
N GLY A 40 -20.44 -13.02 14.20
CA GLY A 40 -19.72 -13.07 15.46
C GLY A 40 -18.78 -14.27 15.49
N SER A 41 -19.04 -15.22 14.61
CA SER A 41 -18.22 -16.42 14.54
C SER A 41 -17.31 -16.35 13.31
N TYR A 42 -16.26 -17.16 13.35
CA TYR A 42 -15.30 -17.20 12.25
C TYR A 42 -15.11 -18.63 11.75
N SER A 43 -14.66 -18.73 10.50
CA SER A 43 -14.44 -20.03 9.89
C SER A 43 -13.13 -20.01 9.09
N LEU A 44 -12.31 -21.03 9.35
CA LEU A 44 -11.04 -21.14 8.66
C LEU A 44 -11.16 -22.16 7.53
N SER A 45 -10.37 -21.93 6.48
CA SER A 45 -10.38 -22.82 5.33
C SER A 45 -8.97 -22.96 4.77
N VAL A 46 -8.51 -24.20 4.68
CA VAL A 46 -7.19 -24.48 4.16
C VAL A 46 -7.29 -25.54 3.06
N ARG A 47 -6.32 -25.51 2.16
CA ARG A 47 -6.29 -26.46 1.07
C ARG A 47 -5.56 -27.74 1.48
N ASP A 48 -6.11 -28.86 1.03
CA ASP A 48 -5.53 -30.15 1.35
C ASP A 48 -5.76 -31.12 0.18
N TYR A 49 -4.97 -32.18 0.18
CA TYR A 49 -5.08 -33.18 -0.87
C TYR A 49 -5.12 -34.60 -0.28
N ASP A 50 -5.67 -35.52 -1.05
CA ASP A 50 -5.77 -36.90 -0.63
C ASP A 50 -5.46 -37.82 -1.80
N PRO A 51 -4.81 -38.97 -1.48
CA PRO A 51 -4.44 -39.93 -2.50
C PRO A 51 -5.67 -40.73 -2.97
N ARG A 52 -6.79 -40.47 -2.29
CA ARG A 52 -8.03 -41.14 -2.63
C ARG A 52 -8.93 -40.22 -3.44
N GLN A 53 -9.31 -39.12 -2.81
CA GLN A 53 -10.18 -38.14 -3.45
C GLN A 53 -9.36 -37.26 -4.41
N GLY A 54 -8.38 -36.58 -3.83
CA GLY A 54 -7.53 -35.70 -4.62
C GLY A 54 -7.50 -34.30 -4.02
N ASP A 55 -7.75 -33.31 -4.87
CA ASP A 55 -7.77 -31.92 -4.45
C ASP A 55 -8.99 -31.67 -3.57
N THR A 56 -8.72 -31.37 -2.32
CA THR A 56 -9.79 -31.11 -1.36
C THR A 56 -9.51 -29.83 -0.58
N VAL A 57 -10.51 -29.38 0.16
CA VAL A 57 -10.38 -28.18 0.96
C VAL A 57 -10.98 -28.42 2.34
N LYS A 58 -10.18 -28.16 3.36
CA LYS A 58 -10.62 -28.34 4.73
C LYS A 58 -11.15 -27.01 5.28
N HIS A 59 -12.15 -27.11 6.13
CA HIS A 59 -12.76 -25.94 6.72
C HIS A 59 -13.00 -26.18 8.22
N TYR A 60 -12.45 -25.30 9.03
CA TYR A 60 -12.59 -25.41 10.47
C TYR A 60 -13.46 -24.27 11.02
N LYS A 61 -13.85 -24.43 12.28
CA LYS A 61 -14.68 -23.43 12.92
C LYS A 61 -13.87 -22.73 14.03
N ILE A 62 -13.95 -21.41 14.03
CA ILE A 62 -13.24 -20.62 15.02
C ILE A 62 -14.23 -20.06 16.03
N ARG A 63 -14.24 -20.65 17.21
CA ARG A 63 -15.14 -20.21 18.27
C ARG A 63 -14.39 -19.30 19.26
N THR A 64 -15.14 -18.39 19.84
CA THR A 64 -14.56 -17.46 20.80
C THR A 64 -14.91 -17.88 22.23
N LEU A 65 -14.05 -17.48 23.16
CA LEU A 65 -14.26 -17.80 24.55
C LEU A 65 -15.05 -16.69 25.23
N ASP A 66 -15.85 -17.08 26.21
CA ASP A 66 -16.67 -16.14 26.94
C ASP A 66 -15.81 -14.96 27.39
N ASN A 67 -14.60 -15.28 27.84
CA ASN A 67 -13.68 -14.27 28.29
C ASN A 67 -12.26 -14.62 27.82
N GLY A 68 -12.12 -14.71 26.51
CA GLY A 68 -10.83 -15.05 25.91
C GLY A 68 -10.69 -14.40 24.54
N GLY A 69 -10.38 -15.23 23.56
CA GLY A 69 -10.20 -14.76 22.20
C GLY A 69 -10.83 -15.72 21.19
N PHE A 70 -9.97 -16.37 20.42
CA PHE A 70 -10.42 -17.31 19.42
C PHE A 70 -9.63 -18.62 19.49
N TYR A 71 -10.35 -19.72 19.51
CA TYR A 71 -9.72 -21.03 19.57
C TYR A 71 -10.36 -22.00 18.58
N ILE A 72 -9.55 -22.94 18.12
CA ILE A 72 -10.02 -23.93 17.16
C ILE A 72 -9.87 -25.32 17.76
N SER A 73 -8.69 -25.58 18.31
CA SER A 73 -8.41 -26.87 18.91
C SER A 73 -8.56 -26.77 20.43
N PRO A 74 -9.19 -27.83 21.02
CA PRO A 74 -9.41 -27.87 22.45
C PRO A 74 -8.12 -28.20 23.19
N ARG A 75 -7.10 -27.39 22.92
CA ARG A 75 -5.81 -27.58 23.56
C ARG A 75 -5.22 -26.23 23.96
N SER A 76 -5.06 -25.36 22.97
CA SER A 76 -4.51 -24.04 23.22
C SER A 76 -5.33 -22.99 22.47
N THR A 77 -5.59 -21.88 23.16
CA THR A 77 -6.36 -20.80 22.58
C THR A 77 -5.49 -19.55 22.43
N PHE A 78 -6.01 -18.59 21.67
CA PHE A 78 -5.30 -17.35 21.45
C PHE A 78 -6.22 -16.14 21.63
N SER A 79 -5.61 -15.01 21.95
CA SER A 79 -6.37 -13.79 22.16
C SER A 79 -6.64 -13.11 20.81
N THR A 80 -5.70 -13.29 19.89
CA THR A 80 -5.83 -12.70 18.58
C THR A 80 -5.63 -13.77 17.50
N LEU A 81 -6.17 -13.49 16.32
CA LEU A 81 -6.06 -14.41 15.20
C LEU A 81 -4.65 -14.32 14.62
N GLN A 82 -4.00 -13.19 14.86
CA GLN A 82 -2.66 -12.97 14.36
C GLN A 82 -1.66 -13.88 15.10
N GLU A 83 -1.97 -14.13 16.36
CA GLU A 83 -1.13 -14.97 17.19
C GLU A 83 -1.45 -16.46 16.95
N LEU A 84 -2.68 -16.69 16.50
CA LEU A 84 -3.13 -18.04 16.22
C LEU A 84 -2.59 -18.49 14.87
N VAL A 85 -2.40 -17.52 13.99
CA VAL A 85 -1.89 -17.79 12.66
C VAL A 85 -0.37 -17.97 12.73
N ASP A 86 0.23 -17.28 13.69
CA ASP A 86 1.67 -17.36 13.87
C ASP A 86 2.04 -18.74 14.42
N HIS A 87 1.17 -19.25 15.26
CA HIS A 87 1.39 -20.57 15.86
C HIS A 87 1.18 -21.66 14.81
N TYR A 88 0.29 -21.37 13.88
CA TYR A 88 -0.01 -22.31 12.81
C TYR A 88 1.05 -22.25 11.71
N LYS A 89 1.74 -21.12 11.67
CA LYS A 89 2.79 -20.92 10.68
C LYS A 89 4.05 -21.64 11.13
N LYS A 90 4.19 -21.78 12.43
CA LYS A 90 5.35 -22.46 12.99
C LYS A 90 5.13 -23.98 12.93
N GLY A 91 3.87 -24.37 13.00
CA GLY A 91 3.52 -25.77 12.95
C GLY A 91 2.00 -25.96 13.02
N ASN A 92 1.53 -27.02 12.38
CA ASN A 92 0.11 -27.33 12.36
C ASN A 92 -0.45 -27.20 13.78
N ASP A 93 0.27 -27.82 14.72
CA ASP A 93 -0.15 -27.79 16.11
C ASP A 93 -1.66 -27.97 16.19
N GLY A 94 -2.13 -29.03 15.56
CA GLY A 94 -3.56 -29.33 15.55
C GLY A 94 -4.03 -29.72 14.15
N LEU A 95 -3.64 -28.91 13.18
CA LEU A 95 -4.01 -29.16 11.80
C LEU A 95 -3.25 -30.39 11.28
N CYS A 96 -3.60 -30.79 10.07
CA CYS A 96 -2.96 -31.95 9.46
C CYS A 96 -1.65 -31.48 8.82
N GLN A 97 -1.67 -30.25 8.33
CA GLN A 97 -0.49 -29.67 7.70
C GLN A 97 -0.31 -28.21 8.14
N LYS A 98 0.95 -27.86 8.36
CA LYS A 98 1.27 -26.51 8.78
C LYS A 98 0.84 -25.51 7.69
N LEU A 99 0.83 -24.24 8.07
CA LEU A 99 0.44 -23.20 7.14
C LEU A 99 1.64 -22.84 6.26
N SER A 100 1.35 -22.69 4.98
CA SER A 100 2.39 -22.34 4.01
C SER A 100 2.37 -20.83 3.73
N VAL A 101 1.43 -20.44 2.88
CA VAL A 101 1.29 -19.04 2.52
C VAL A 101 -0.18 -18.64 2.59
N PRO A 102 -0.41 -17.32 2.87
CA PRO A 102 -1.76 -16.81 2.98
C PRO A 102 -2.40 -16.66 1.59
N CYS A 103 -3.72 -16.72 1.57
CA CYS A 103 -4.46 -16.59 0.33
C CYS A 103 -3.94 -15.37 -0.41
N MET A 104 -3.92 -15.47 -1.73
CA MET A 104 -3.46 -14.37 -2.57
C MET A 104 -4.53 -13.30 -2.71
N SER A 105 -4.11 -12.16 -3.25
CA SER A 105 -5.02 -11.05 -3.45
C SER A 105 -4.96 -10.57 -4.90
N SER A 106 -5.81 -11.17 -5.72
CA SER A 106 -5.86 -10.83 -7.13
C SER A 106 -7.29 -10.44 -7.52
N LYS A 107 -7.43 -9.21 -7.98
CA LYS A 107 -8.74 -8.70 -8.39
C LYS A 107 -8.73 -8.46 -9.90
N MET A 1 4.79 -2.58 0.47
CA MET A 1 4.61 -3.49 -0.66
C MET A 1 3.93 -4.78 -0.20
N GLU A 2 2.80 -4.63 0.47
CA GLU A 2 2.06 -5.77 0.96
C GLU A 2 2.84 -6.48 2.08
N THR A 3 2.52 -6.11 3.31
CA THR A 3 3.17 -6.70 4.46
C THR A 3 2.31 -6.53 5.71
N GLU A 4 2.48 -7.46 6.64
CA GLU A 4 1.73 -7.43 7.88
C GLU A 4 2.31 -8.43 8.88
N GLU A 5 3.61 -8.63 8.78
CA GLU A 5 4.30 -9.55 9.67
C GLU A 5 4.92 -8.79 10.84
N TRP A 6 4.10 -7.95 11.45
CA TRP A 6 4.56 -7.16 12.58
C TRP A 6 3.98 -7.78 13.86
N PHE A 7 2.91 -8.54 13.67
CA PHE A 7 2.25 -9.20 14.79
C PHE A 7 2.68 -10.67 14.89
N PHE A 8 2.77 -11.14 16.13
CA PHE A 8 3.17 -12.52 16.38
C PHE A 8 2.22 -13.18 17.37
N LYS A 9 2.29 -14.50 17.39
CA LYS A 9 1.44 -15.28 18.29
C LYS A 9 1.84 -15.00 19.74
N GLY A 10 1.32 -15.83 20.63
CA GLY A 10 1.62 -15.68 22.05
C GLY A 10 3.02 -16.23 22.38
N ILE A 11 4.02 -15.49 21.94
CA ILE A 11 5.40 -15.89 22.18
C ILE A 11 5.79 -15.50 23.61
N SER A 12 6.78 -16.22 24.13
CA SER A 12 7.26 -15.96 25.47
C SER A 12 8.29 -14.83 25.45
N ARG A 13 8.37 -14.13 26.57
CA ARG A 13 9.31 -13.02 26.70
C ARG A 13 10.74 -13.52 26.47
N LYS A 14 10.94 -14.80 26.72
CA LYS A 14 12.25 -15.41 26.54
C LYS A 14 12.49 -15.67 25.06
N ASP A 15 11.40 -15.91 24.35
CA ASP A 15 11.48 -16.17 22.92
C ASP A 15 11.50 -14.85 22.16
N ALA A 16 10.91 -13.84 22.78
CA ALA A 16 10.86 -12.52 22.17
C ALA A 16 12.20 -11.83 22.35
N GLU A 17 12.95 -12.29 23.34
CA GLU A 17 14.26 -11.72 23.63
C GLU A 17 15.31 -12.33 22.70
N ARG A 18 15.19 -13.64 22.50
CA ARG A 18 16.13 -14.36 21.65
C ARG A 18 15.81 -14.08 20.18
N GLN A 19 14.53 -13.90 19.90
CA GLN A 19 14.08 -13.64 18.55
C GLN A 19 14.53 -12.24 18.10
N LEU A 20 14.53 -11.32 19.05
CA LEU A 20 14.93 -9.95 18.77
C LEU A 20 16.46 -9.87 18.76
N LEU A 21 17.06 -10.58 19.69
CA LEU A 21 18.52 -10.61 19.79
C LEU A 21 19.09 -11.55 18.73
N ALA A 22 18.20 -12.36 18.17
CA ALA A 22 18.60 -13.30 17.14
C ALA A 22 19.46 -12.58 16.09
N PRO A 23 20.20 -13.40 15.29
CA PRO A 23 21.06 -12.85 14.25
C PRO A 23 20.23 -12.37 13.06
N GLY A 24 18.97 -12.75 13.07
CA GLY A 24 18.06 -12.37 11.99
C GLY A 24 17.32 -11.08 12.33
N ASN A 25 17.78 -10.44 13.39
CA ASN A 25 17.16 -9.20 13.85
C ASN A 25 18.26 -8.18 14.19
N MET A 26 17.91 -6.91 14.04
CA MET A 26 18.85 -5.85 14.33
C MET A 26 18.12 -4.59 14.84
N LEU A 27 18.87 -3.74 15.50
CA LEU A 27 18.32 -2.51 16.04
C LEU A 27 17.34 -1.91 15.04
N GLY A 28 16.16 -1.57 15.53
CA GLY A 28 15.13 -0.99 14.68
C GLY A 28 13.98 -1.96 14.48
N SER A 29 14.27 -3.24 14.69
CA SER A 29 13.28 -4.28 14.53
C SER A 29 12.32 -4.28 15.73
N PHE A 30 11.04 -4.46 15.43
CA PHE A 30 10.03 -4.48 16.47
C PHE A 30 9.06 -5.65 16.25
N MET A 31 8.43 -6.06 17.35
CA MET A 31 7.47 -7.16 17.30
C MET A 31 6.35 -6.95 18.31
N ILE A 32 5.16 -7.34 17.90
CA ILE A 32 3.99 -7.21 18.77
C ILE A 32 3.40 -8.59 19.05
N ARG A 33 3.11 -8.83 20.32
CA ARG A 33 2.55 -10.10 20.73
C ARG A 33 1.50 -9.89 21.82
N ASP A 34 0.77 -10.97 22.12
CA ASP A 34 -0.26 -10.91 23.13
C ASP A 34 0.24 -11.58 24.41
N SER A 35 -0.38 -11.22 25.52
CA SER A 35 -0.01 -11.77 26.81
C SER A 35 -0.23 -13.28 26.81
N GLU A 36 0.44 -13.94 27.74
CA GLU A 36 0.33 -15.38 27.86
C GLU A 36 -0.50 -15.75 29.10
N THR A 37 -0.34 -14.94 30.14
CA THR A 37 -1.08 -15.17 31.38
C THR A 37 -2.19 -14.14 31.54
N THR A 38 -1.81 -12.88 31.42
CA THR A 38 -2.77 -11.79 31.56
C THR A 38 -3.46 -11.53 30.21
N LYS A 39 -4.24 -12.50 29.78
CA LYS A 39 -4.96 -12.39 28.52
C LYS A 39 -5.74 -11.08 28.51
N GLY A 40 -6.00 -10.60 27.29
CA GLY A 40 -6.75 -9.36 27.13
C GLY A 40 -5.80 -8.17 27.00
N SER A 41 -4.57 -8.39 27.42
CA SER A 41 -3.56 -7.34 27.37
C SER A 41 -2.45 -7.74 26.40
N TYR A 42 -1.96 -6.75 25.66
CA TYR A 42 -0.91 -6.98 24.70
C TYR A 42 0.45 -6.49 25.22
N SER A 43 1.50 -6.90 24.54
CA SER A 43 2.84 -6.51 24.93
C SER A 43 3.71 -6.29 23.69
N LEU A 44 4.36 -5.14 23.65
CA LEU A 44 5.22 -4.80 22.52
C LEU A 44 6.67 -5.01 22.93
N SER A 45 7.48 -5.36 21.94
CA SER A 45 8.89 -5.58 22.17
C SER A 45 9.72 -5.05 21.00
N VAL A 46 10.67 -4.19 21.33
CA VAL A 46 11.53 -3.60 20.31
C VAL A 46 12.99 -3.76 20.73
N ARG A 47 13.86 -3.74 19.73
CA ARG A 47 15.28 -3.89 19.98
C ARG A 47 15.92 -2.53 20.25
N ASP A 48 16.78 -2.49 21.26
CA ASP A 48 17.45 -1.26 21.63
C ASP A 48 18.87 -1.58 22.10
N TYR A 49 19.72 -0.57 22.07
CA TYR A 49 21.10 -0.74 22.49
C TYR A 49 21.54 0.41 23.40
N ASP A 50 22.61 0.16 24.15
CA ASP A 50 23.13 1.16 25.05
C ASP A 50 24.67 1.19 24.95
N PRO A 51 25.22 2.42 25.07
CA PRO A 51 26.67 2.60 24.99
C PRO A 51 27.35 2.11 26.28
N ARG A 52 26.53 1.69 27.22
CA ARG A 52 27.03 1.21 28.49
C ARG A 52 26.90 -0.31 28.58
N GLN A 53 25.67 -0.77 28.45
CA GLN A 53 25.40 -2.21 28.51
C GLN A 53 25.71 -2.86 27.17
N GLY A 54 25.02 -2.39 26.14
CA GLY A 54 25.22 -2.93 24.80
C GLY A 54 23.88 -3.29 24.16
N ASP A 55 23.75 -4.56 23.84
CA ASP A 55 22.53 -5.05 23.21
C ASP A 55 21.44 -5.20 24.28
N THR A 56 20.28 -4.63 23.98
CA THR A 56 19.16 -4.70 24.90
C THR A 56 17.84 -4.82 24.13
N VAL A 57 16.78 -5.10 24.87
CA VAL A 57 15.47 -5.23 24.27
C VAL A 57 14.42 -4.56 25.17
N LYS A 58 13.73 -3.58 24.60
CA LYS A 58 12.72 -2.85 25.33
C LYS A 58 11.36 -3.56 25.15
N HIS A 59 10.53 -3.42 26.17
CA HIS A 59 9.21 -4.02 26.14
C HIS A 59 8.19 -3.08 26.78
N TYR A 60 7.23 -2.66 25.97
CA TYR A 60 6.20 -1.75 26.44
C TYR A 60 4.83 -2.46 26.48
N LYS A 61 4.20 -2.37 27.64
CA LYS A 61 2.90 -2.98 27.83
C LYS A 61 1.85 -2.19 27.06
N ILE A 62 0.87 -2.92 26.54
CA ILE A 62 -0.20 -2.28 25.77
C ILE A 62 -1.53 -2.50 26.50
N ARG A 63 -2.00 -1.44 27.13
CA ARG A 63 -3.26 -1.51 27.87
C ARG A 63 -4.41 -1.06 26.97
N THR A 64 -5.61 -1.47 27.37
CA THR A 64 -6.80 -1.13 26.62
C THR A 64 -7.69 -0.18 27.43
N LEU A 65 -8.50 0.59 26.71
CA LEU A 65 -9.40 1.54 27.35
C LEU A 65 -10.78 0.91 27.49
N ASP A 66 -11.46 1.31 28.55
CA ASP A 66 -12.80 0.78 28.82
C ASP A 66 -13.66 0.95 27.57
N ASN A 67 -13.54 2.11 26.94
CA ASN A 67 -14.30 2.40 25.74
C ASN A 67 -13.40 3.11 24.73
N GLY A 68 -12.39 2.39 24.28
CA GLY A 68 -11.45 2.94 23.32
C GLY A 68 -10.74 1.83 22.54
N GLY A 69 -9.41 1.88 22.59
CA GLY A 69 -8.61 0.88 21.90
C GLY A 69 -7.43 0.44 22.76
N PHE A 70 -6.23 0.72 22.25
CA PHE A 70 -5.01 0.37 22.97
C PHE A 70 -4.05 1.55 23.05
N TYR A 71 -3.48 1.74 24.22
CA TYR A 71 -2.54 2.83 24.44
C TYR A 71 -1.32 2.35 25.24
N ILE A 72 -0.19 2.99 24.95
CA ILE A 72 1.05 2.64 25.63
C ILE A 72 1.41 3.74 26.63
N SER A 73 1.31 4.98 26.15
CA SER A 73 1.62 6.13 26.98
C SER A 73 0.38 7.00 27.16
N PRO A 74 0.28 7.65 28.35
CA PRO A 74 -0.85 8.50 28.65
C PRO A 74 -0.74 9.83 27.90
N ARG A 75 -0.61 9.73 26.59
CA ARG A 75 -0.50 10.91 25.75
C ARG A 75 -1.35 10.75 24.49
N SER A 76 -0.94 9.80 23.66
CA SER A 76 -1.64 9.53 22.42
C SER A 76 -2.10 8.07 22.38
N THR A 77 -3.41 7.89 22.23
CA THR A 77 -3.98 6.55 22.18
C THR A 77 -4.36 6.20 20.74
N PHE A 78 -4.65 4.93 20.54
CA PHE A 78 -5.05 4.44 19.22
C PHE A 78 -6.16 3.41 19.33
N SER A 79 -7.12 3.52 18.42
CA SER A 79 -8.25 2.60 18.39
C SER A 79 -7.79 1.23 17.90
N THR A 80 -6.78 1.25 17.03
CA THR A 80 -6.25 0.02 16.47
C THR A 80 -4.72 -0.02 16.63
N LEU A 81 -4.21 -1.24 16.74
CA LEU A 81 -2.78 -1.43 16.90
C LEU A 81 -2.08 -1.19 15.56
N GLN A 82 -2.84 -1.40 14.49
CA GLN A 82 -2.31 -1.20 13.16
C GLN A 82 -1.96 0.27 12.93
N GLU A 83 -2.81 1.14 13.44
CA GLU A 83 -2.59 2.57 13.31
C GLU A 83 -1.44 3.02 14.21
N LEU A 84 -1.22 2.25 15.26
CA LEU A 84 -0.15 2.56 16.19
C LEU A 84 1.18 2.06 15.63
N VAL A 85 1.10 0.97 14.88
CA VAL A 85 2.28 0.39 14.28
C VAL A 85 2.82 1.32 13.20
N ASP A 86 1.88 1.93 12.48
CA ASP A 86 2.25 2.84 11.41
C ASP A 86 2.75 4.16 12.02
N HIS A 87 2.01 4.64 13.01
CA HIS A 87 2.36 5.88 13.68
C HIS A 87 3.81 5.81 14.16
N TYR A 88 4.17 4.63 14.66
CA TYR A 88 5.53 4.42 15.15
C TYR A 88 6.52 4.30 14.00
N LYS A 89 6.00 3.84 12.86
CA LYS A 89 6.83 3.67 11.69
C LYS A 89 7.17 5.05 11.10
N LYS A 90 6.29 6.00 11.37
CA LYS A 90 6.48 7.35 10.88
C LYS A 90 7.45 8.10 11.81
N GLY A 91 7.44 7.69 13.06
CA GLY A 91 8.31 8.30 14.05
C GLY A 91 8.01 7.79 15.45
N ASN A 92 9.02 7.87 16.31
CA ASN A 92 8.86 7.41 17.68
C ASN A 92 7.70 8.16 18.34
N ASP A 93 7.72 9.47 18.18
CA ASP A 93 6.68 10.30 18.75
C ASP A 93 6.35 9.81 20.16
N GLY A 94 7.40 9.53 20.91
CA GLY A 94 7.23 9.05 22.28
C GLY A 94 8.34 8.07 22.65
N LEU A 95 8.54 7.09 21.78
CA LEU A 95 9.56 6.08 22.00
C LEU A 95 10.94 6.73 21.96
N CYS A 96 11.96 5.90 22.12
CA CYS A 96 13.33 6.40 22.11
C CYS A 96 13.85 6.35 20.68
N GLN A 97 13.31 5.41 19.92
CA GLN A 97 13.71 5.25 18.53
C GLN A 97 12.50 4.84 17.67
N LYS A 98 12.46 5.38 16.47
CA LYS A 98 11.37 5.08 15.54
C LYS A 98 11.44 3.60 15.14
N LEU A 99 10.35 3.13 14.55
CA LEU A 99 10.28 1.75 14.11
C LEU A 99 10.83 1.65 12.69
N SER A 100 11.61 0.60 12.46
CA SER A 100 12.20 0.37 11.16
C SER A 100 11.38 -0.66 10.39
N VAL A 101 11.60 -1.92 10.73
CA VAL A 101 10.88 -3.01 10.07
C VAL A 101 10.45 -4.03 11.12
N PRO A 102 9.34 -4.74 10.81
CA PRO A 102 8.80 -5.75 11.72
C PRO A 102 9.66 -7.01 11.69
N CYS A 103 9.66 -7.72 12.81
CA CYS A 103 10.43 -8.95 12.94
C CYS A 103 10.25 -9.75 11.65
N MET A 104 11.27 -10.53 11.33
CA MET A 104 11.25 -11.35 10.13
C MET A 104 10.46 -12.64 10.37
N SER A 105 10.05 -13.26 9.27
CA SER A 105 9.29 -14.49 9.35
C SER A 105 10.22 -15.66 9.72
N SER A 106 10.36 -15.86 11.03
CA SER A 106 11.21 -16.92 11.53
C SER A 106 10.35 -18.01 12.18
N LYS A 107 10.59 -19.24 11.76
CA LYS A 107 9.84 -20.37 12.29
C LYS A 107 10.46 -21.67 11.79
N MET A 1 4.79 -2.58 0.47
CA MET A 1 4.61 -3.49 -0.66
C MET A 1 3.93 -4.78 -0.20
N GLU A 2 3.39 -5.50 -1.18
CA GLU A 2 2.72 -6.76 -0.90
C GLU A 2 1.65 -6.56 0.17
N THR A 3 0.42 -6.42 -0.29
CA THR A 3 -0.70 -6.22 0.62
C THR A 3 -1.98 -6.82 0.02
N GLU A 4 -2.42 -7.91 0.64
CA GLU A 4 -3.62 -8.59 0.19
C GLU A 4 -4.21 -9.42 1.33
N GLU A 5 -5.31 -8.92 1.87
CA GLU A 5 -5.99 -9.59 2.97
C GLU A 5 -7.43 -9.94 2.57
N TRP A 6 -7.56 -10.49 1.36
CA TRP A 6 -8.86 -10.87 0.85
C TRP A 6 -9.22 -12.24 1.45
N PHE A 7 -8.21 -12.88 2.00
CA PHE A 7 -8.40 -14.20 2.61
C PHE A 7 -8.43 -14.08 4.14
N PHE A 8 -9.37 -14.82 4.73
CA PHE A 8 -9.51 -14.82 6.18
C PHE A 8 -9.26 -16.22 6.75
N LYS A 9 -8.86 -16.24 8.01
CA LYS A 9 -8.59 -17.50 8.69
C LYS A 9 -9.63 -17.72 9.79
N GLY A 10 -9.90 -18.99 10.05
CA GLY A 10 -10.87 -19.35 11.08
C GLY A 10 -12.06 -18.39 11.05
N ILE A 11 -12.97 -18.64 10.11
CA ILE A 11 -14.16 -17.81 9.98
C ILE A 11 -15.38 -18.72 9.79
N SER A 12 -16.53 -18.18 10.16
CA SER A 12 -17.78 -18.92 10.04
C SER A 12 -18.61 -18.37 8.88
N ARG A 13 -19.63 -19.12 8.51
CA ARG A 13 -20.50 -18.72 7.42
C ARG A 13 -21.44 -17.60 7.88
N LYS A 14 -21.68 -17.58 9.18
CA LYS A 14 -22.55 -16.57 9.76
C LYS A 14 -21.75 -15.28 10.01
N ASP A 15 -20.47 -15.47 10.27
CA ASP A 15 -19.59 -14.34 10.53
C ASP A 15 -19.20 -13.70 9.21
N ALA A 16 -19.04 -14.54 8.19
CA ALA A 16 -18.66 -14.06 6.87
C ALA A 16 -19.87 -13.38 6.22
N GLU A 17 -21.06 -13.82 6.63
CA GLU A 17 -22.28 -13.27 6.10
C GLU A 17 -22.63 -11.96 6.81
N ARG A 18 -22.09 -11.82 8.01
CA ARG A 18 -22.33 -10.62 8.80
C ARG A 18 -21.36 -9.51 8.39
N GLN A 19 -20.23 -9.92 7.85
CA GLN A 19 -19.22 -8.98 7.41
C GLN A 19 -19.53 -8.48 6.00
N LEU A 20 -20.21 -9.33 5.24
CA LEU A 20 -20.58 -8.98 3.88
C LEU A 20 -21.82 -8.09 3.90
N LEU A 21 -22.85 -8.58 4.57
CA LEU A 21 -24.10 -7.84 4.68
C LEU A 21 -23.87 -6.58 5.50
N ALA A 22 -22.74 -6.55 6.20
CA ALA A 22 -22.39 -5.42 7.03
C ALA A 22 -22.40 -4.14 6.17
N PRO A 23 -22.46 -2.98 6.86
CA PRO A 23 -22.49 -1.70 6.18
C PRO A 23 -21.10 -1.34 5.63
N GLY A 24 -20.08 -1.91 6.28
CA GLY A 24 -18.72 -1.66 5.86
C GLY A 24 -18.48 -2.09 4.41
N ASN A 25 -19.14 -3.19 4.05
CA ASN A 25 -19.01 -3.71 2.71
C ASN A 25 -20.28 -3.38 1.91
N MET A 26 -20.20 -3.62 0.61
CA MET A 26 -21.33 -3.34 -0.26
C MET A 26 -21.33 -4.28 -1.47
N LEU A 27 -22.49 -4.37 -2.11
CA LEU A 27 -22.64 -5.22 -3.27
C LEU A 27 -21.38 -5.12 -4.14
N GLY A 28 -20.70 -6.25 -4.28
CA GLY A 28 -19.48 -6.29 -5.08
C GLY A 28 -18.30 -6.80 -4.24
N SER A 29 -18.42 -6.64 -2.94
CA SER A 29 -17.38 -7.08 -2.02
C SER A 29 -17.34 -8.60 -1.97
N PHE A 30 -16.13 -9.14 -2.00
CA PHE A 30 -15.94 -10.57 -1.95
C PHE A 30 -14.92 -10.96 -0.88
N MET A 31 -15.02 -12.20 -0.42
CA MET A 31 -14.12 -12.70 0.60
C MET A 31 -13.89 -14.20 0.43
N ILE A 32 -12.78 -14.67 1.00
CA ILE A 32 -12.44 -16.07 0.92
C ILE A 32 -12.07 -16.58 2.32
N ARG A 33 -12.55 -17.79 2.62
CA ARG A 33 -12.27 -18.39 3.91
C ARG A 33 -11.93 -19.87 3.74
N ASP A 34 -11.20 -20.39 4.71
CA ASP A 34 -10.78 -21.78 4.68
C ASP A 34 -11.59 -22.57 5.72
N SER A 35 -11.86 -23.83 5.38
CA SER A 35 -12.61 -24.69 6.28
C SER A 35 -11.72 -25.17 7.42
N GLU A 36 -12.29 -25.17 8.62
CA GLU A 36 -11.56 -25.60 9.80
C GLU A 36 -11.81 -27.09 10.07
N THR A 37 -12.92 -27.57 9.53
CA THR A 37 -13.29 -28.96 9.70
C THR A 37 -12.71 -29.81 8.56
N THR A 38 -12.96 -29.37 7.35
CA THR A 38 -12.47 -30.07 6.18
C THR A 38 -11.30 -29.31 5.55
N LYS A 39 -10.17 -29.33 6.25
CA LYS A 39 -8.98 -28.64 5.77
C LYS A 39 -8.72 -29.04 4.32
N GLY A 40 -8.03 -28.15 3.61
CA GLY A 40 -7.71 -28.39 2.22
C GLY A 40 -8.80 -27.82 1.30
N SER A 41 -9.97 -27.58 1.89
CA SER A 41 -11.09 -27.04 1.15
C SER A 41 -11.30 -25.58 1.53
N TYR A 42 -11.72 -24.80 0.53
CA TYR A 42 -11.98 -23.38 0.75
C TYR A 42 -13.42 -23.02 0.40
N SER A 43 -13.84 -21.86 0.87
CA SER A 43 -15.19 -21.39 0.62
C SER A 43 -15.16 -19.90 0.25
N LEU A 44 -15.79 -19.60 -0.88
CA LEU A 44 -15.85 -18.22 -1.35
C LEU A 44 -17.22 -17.63 -0.99
N SER A 45 -17.19 -16.35 -0.63
CA SER A 45 -18.42 -15.66 -0.27
C SER A 45 -18.44 -14.27 -0.92
N VAL A 46 -19.45 -14.04 -1.73
CA VAL A 46 -19.60 -12.77 -2.40
C VAL A 46 -21.00 -12.20 -2.12
N ARG A 47 -21.07 -10.87 -2.10
CA ARG A 47 -22.32 -10.20 -1.83
C ARG A 47 -23.13 -10.07 -3.12
N ASP A 48 -24.44 -10.25 -2.98
CA ASP A 48 -25.34 -10.15 -4.12
C ASP A 48 -26.71 -9.65 -3.65
N TYR A 49 -27.47 -9.15 -4.60
CA TYR A 49 -28.80 -8.63 -4.30
C TYR A 49 -29.83 -9.14 -5.32
N ASP A 50 -31.07 -9.26 -4.84
CA ASP A 50 -32.14 -9.73 -5.69
C ASP A 50 -33.34 -8.80 -5.54
N PRO A 51 -34.06 -8.59 -6.69
CA PRO A 51 -35.23 -7.73 -6.69
C PRO A 51 -36.42 -8.42 -6.03
N ARG A 52 -36.20 -9.67 -5.65
CA ARG A 52 -37.25 -10.45 -5.01
C ARG A 52 -37.10 -10.40 -3.49
N GLN A 53 -35.93 -10.79 -3.02
CA GLN A 53 -35.63 -10.79 -1.60
C GLN A 53 -34.99 -9.47 -1.19
N GLY A 54 -33.92 -9.13 -1.88
CA GLY A 54 -33.19 -7.90 -1.60
C GLY A 54 -31.70 -8.17 -1.41
N ASP A 55 -31.24 -7.95 -0.20
CA ASP A 55 -29.83 -8.17 0.13
C ASP A 55 -29.60 -9.65 0.38
N THR A 56 -28.59 -10.19 -0.30
CA THR A 56 -28.25 -11.59 -0.15
C THR A 56 -26.74 -11.79 -0.25
N VAL A 57 -26.31 -12.99 0.06
CA VAL A 57 -24.89 -13.32 0.01
C VAL A 57 -24.72 -14.69 -0.65
N LYS A 58 -23.93 -14.70 -1.72
CA LYS A 58 -23.67 -15.93 -2.45
C LYS A 58 -22.42 -16.60 -1.87
N HIS A 59 -22.45 -17.93 -1.88
CA HIS A 59 -21.33 -18.70 -1.36
C HIS A 59 -21.02 -19.86 -2.32
N TYR A 60 -19.78 -19.90 -2.77
CA TYR A 60 -19.35 -20.94 -3.68
C TYR A 60 -18.20 -21.75 -3.08
N LYS A 61 -18.38 -23.06 -3.06
CA LYS A 61 -17.37 -23.95 -2.51
C LYS A 61 -16.21 -24.06 -3.50
N ILE A 62 -15.02 -24.27 -2.95
CA ILE A 62 -13.82 -24.39 -3.77
C ILE A 62 -13.19 -25.76 -3.55
N ARG A 63 -13.38 -26.63 -4.55
CA ARG A 63 -12.84 -27.98 -4.48
C ARG A 63 -11.50 -28.05 -5.22
N THR A 64 -10.64 -28.93 -4.73
CA THR A 64 -9.33 -29.11 -5.33
C THR A 64 -9.34 -30.33 -6.27
N LEU A 65 -8.40 -30.32 -7.20
CA LEU A 65 -8.28 -31.41 -8.15
C LEU A 65 -7.18 -32.37 -7.69
N ASP A 66 -7.43 -33.65 -7.93
CA ASP A 66 -6.47 -34.67 -7.54
C ASP A 66 -5.06 -34.19 -7.87
N ASN A 67 -4.90 -33.72 -9.10
CA ASN A 67 -3.60 -33.23 -9.54
C ASN A 67 -3.79 -31.90 -10.27
N GLY A 68 -4.14 -30.88 -9.49
CA GLY A 68 -4.35 -29.55 -10.05
C GLY A 68 -4.22 -28.49 -8.96
N GLY A 69 -5.29 -27.70 -8.82
CA GLY A 69 -5.31 -26.63 -7.83
C GLY A 69 -6.70 -26.50 -7.21
N PHE A 70 -7.34 -25.38 -7.50
CA PHE A 70 -8.67 -25.12 -6.98
C PHE A 70 -9.63 -24.70 -8.09
N TYR A 71 -10.80 -25.32 -8.08
CA TYR A 71 -11.81 -25.02 -9.08
C TYR A 71 -13.18 -24.85 -8.44
N ILE A 72 -14.02 -24.06 -9.10
CA ILE A 72 -15.36 -23.80 -8.61
C ILE A 72 -16.38 -24.30 -9.63
N SER A 73 -16.14 -23.93 -10.88
CA SER A 73 -17.02 -24.33 -11.96
C SER A 73 -16.30 -25.29 -12.90
N PRO A 74 -17.08 -26.29 -13.40
CA PRO A 74 -16.53 -27.29 -14.31
C PRO A 74 -16.32 -26.70 -15.71
N ARG A 75 -15.55 -25.62 -15.75
CA ARG A 75 -15.27 -24.95 -17.00
C ARG A 75 -13.79 -24.57 -17.09
N SER A 76 -13.36 -23.79 -16.10
CA SER A 76 -11.97 -23.35 -16.05
C SER A 76 -11.44 -23.47 -14.63
N THR A 77 -10.40 -24.27 -14.48
CA THR A 77 -9.79 -24.48 -13.16
C THR A 77 -8.55 -23.60 -13.01
N PHE A 78 -8.15 -23.42 -11.77
CA PHE A 78 -6.97 -22.61 -11.47
C PHE A 78 -5.99 -23.37 -10.57
N SER A 79 -4.71 -23.13 -10.81
CA SER A 79 -3.67 -23.77 -10.03
C SER A 79 -3.53 -23.10 -8.67
N THR A 80 -3.91 -21.83 -8.65
CA THR A 80 -3.83 -21.04 -7.42
C THR A 80 -5.09 -20.20 -7.24
N LEU A 81 -5.30 -19.74 -6.01
CA LEU A 81 -6.46 -18.92 -5.71
C LEU A 81 -6.16 -17.47 -6.08
N GLN A 82 -4.88 -17.15 -6.10
CA GLN A 82 -4.46 -15.80 -6.45
C GLN A 82 -4.71 -15.52 -7.93
N GLU A 83 -4.67 -16.60 -8.71
CA GLU A 83 -4.89 -16.49 -10.14
C GLU A 83 -6.39 -16.50 -10.45
N LEU A 84 -7.14 -17.08 -9.54
CA LEU A 84 -8.58 -17.17 -9.71
C LEU A 84 -9.21 -15.86 -9.25
N VAL A 85 -8.56 -15.20 -8.31
CA VAL A 85 -9.04 -13.94 -7.78
C VAL A 85 -8.77 -12.83 -8.80
N ASP A 86 -7.61 -12.92 -9.43
CA ASP A 86 -7.22 -11.93 -10.43
C ASP A 86 -8.16 -12.02 -11.62
N HIS A 87 -8.35 -13.24 -12.10
CA HIS A 87 -9.23 -13.47 -13.24
C HIS A 87 -10.64 -13.01 -12.91
N TYR A 88 -11.01 -13.22 -11.65
CA TYR A 88 -12.34 -12.83 -11.19
C TYR A 88 -12.45 -11.31 -11.08
N LYS A 89 -11.29 -10.67 -11.01
CA LYS A 89 -11.26 -9.22 -10.91
C LYS A 89 -11.45 -8.61 -12.30
N LYS A 90 -10.92 -9.30 -13.29
CA LYS A 90 -11.01 -8.84 -14.66
C LYS A 90 -12.45 -9.02 -15.16
N GLY A 91 -13.14 -9.97 -14.55
CA GLY A 91 -14.51 -10.26 -14.91
C GLY A 91 -15.02 -11.53 -14.22
N ASN A 92 -16.33 -11.68 -14.23
CA ASN A 92 -16.95 -12.85 -13.61
C ASN A 92 -16.71 -14.08 -14.47
N ASP A 93 -16.94 -13.91 -15.77
CA ASP A 93 -16.74 -15.00 -16.71
C ASP A 93 -17.27 -16.30 -16.10
N GLY A 94 -18.46 -16.21 -15.53
CA GLY A 94 -19.08 -17.37 -14.90
C GLY A 94 -19.86 -16.96 -13.65
N LEU A 95 -19.24 -16.12 -12.85
CA LEU A 95 -19.87 -15.64 -11.63
C LEU A 95 -21.08 -14.79 -11.98
N CYS A 96 -21.81 -14.40 -10.94
CA CYS A 96 -23.00 -13.57 -11.13
C CYS A 96 -22.55 -12.15 -11.47
N GLN A 97 -21.53 -11.70 -10.74
CA GLN A 97 -21.00 -10.36 -10.94
C GLN A 97 -19.49 -10.35 -10.68
N LYS A 98 -18.80 -9.59 -11.50
CA LYS A 98 -17.35 -9.47 -11.37
C LYS A 98 -17.00 -9.03 -9.95
N LEU A 99 -15.72 -9.18 -9.61
CA LEU A 99 -15.25 -8.80 -8.29
C LEU A 99 -14.95 -7.30 -8.29
N SER A 100 -15.47 -6.63 -7.27
CA SER A 100 -15.26 -5.19 -7.12
C SER A 100 -14.04 -4.93 -6.24
N VAL A 101 -14.26 -5.05 -4.94
CA VAL A 101 -13.19 -4.82 -3.98
C VAL A 101 -13.21 -5.93 -2.93
N PRO A 102 -12.01 -6.22 -2.36
CA PRO A 102 -11.88 -7.25 -1.35
C PRO A 102 -12.43 -6.77 -0.01
N CYS A 103 -12.98 -7.73 0.74
CA CYS A 103 -13.55 -7.42 2.04
C CYS A 103 -12.56 -6.53 2.80
N MET A 104 -13.10 -5.76 3.74
CA MET A 104 -12.30 -4.86 4.54
C MET A 104 -11.75 -5.57 5.78
N SER A 105 -11.01 -4.82 6.58
CA SER A 105 -10.44 -5.36 7.80
C SER A 105 -10.58 -4.35 8.94
N SER A 106 -10.69 -4.88 10.15
CA SER A 106 -10.84 -4.03 11.32
C SER A 106 -10.46 -4.83 12.57
N LYS A 107 -9.25 -4.58 13.05
CA LYS A 107 -8.76 -5.26 14.24
C LYS A 107 -8.90 -4.33 15.45
N MET A 1 4.79 -2.58 0.47
CA MET A 1 4.61 -3.49 -0.66
C MET A 1 5.95 -3.99 -1.18
N GLU A 2 6.12 -5.30 -1.10
CA GLU A 2 7.36 -5.92 -1.56
C GLU A 2 8.55 -5.44 -0.71
N THR A 3 9.40 -6.38 -0.36
CA THR A 3 10.57 -6.07 0.45
C THR A 3 11.79 -6.84 -0.06
N GLU A 4 12.93 -6.53 0.53
CA GLU A 4 14.17 -7.18 0.14
C GLU A 4 15.07 -7.37 1.37
N GLU A 5 15.01 -8.58 1.92
CA GLU A 5 15.81 -8.90 3.09
C GLU A 5 16.78 -10.04 2.77
N TRP A 6 17.46 -9.89 1.64
CA TRP A 6 18.43 -10.89 1.21
C TRP A 6 19.75 -10.61 1.93
N PHE A 7 19.89 -9.39 2.40
CA PHE A 7 21.09 -8.98 3.11
C PHE A 7 20.91 -9.12 4.61
N PHE A 8 21.93 -9.66 5.26
CA PHE A 8 21.89 -9.85 6.71
C PHE A 8 22.98 -9.03 7.39
N LYS A 9 22.76 -8.77 8.67
CA LYS A 9 23.72 -8.00 9.45
C LYS A 9 24.28 -8.87 10.58
N GLY A 10 25.54 -8.62 10.90
CA GLY A 10 26.20 -9.37 11.95
C GLY A 10 25.82 -10.85 11.89
N ILE A 11 26.08 -11.45 10.74
CA ILE A 11 25.78 -12.86 10.54
C ILE A 11 27.08 -13.66 10.52
N SER A 12 26.94 -14.95 10.79
CA SER A 12 28.09 -15.83 10.81
C SER A 12 28.01 -16.82 9.64
N ARG A 13 29.16 -17.39 9.31
CA ARG A 13 29.23 -18.35 8.22
C ARG A 13 28.57 -19.66 8.63
N LYS A 14 28.58 -19.92 9.93
CA LYS A 14 27.98 -21.12 10.46
C LYS A 14 26.47 -20.95 10.58
N ASP A 15 26.08 -19.74 10.97
CA ASP A 15 24.68 -19.42 11.12
C ASP A 15 24.05 -19.21 9.74
N ALA A 16 24.87 -18.72 8.82
CA ALA A 16 24.42 -18.47 7.46
C ALA A 16 24.27 -19.80 6.73
N GLU A 17 25.04 -20.78 7.18
CA GLU A 17 25.01 -22.09 6.57
C GLU A 17 23.82 -22.90 7.10
N ARG A 18 23.40 -22.53 8.30
CA ARG A 18 22.27 -23.20 8.93
C ARG A 18 20.95 -22.64 8.40
N GLN A 19 21.00 -21.40 7.96
CA GLN A 19 19.84 -20.73 7.42
C GLN A 19 19.60 -21.15 5.97
N LEU A 20 20.70 -21.46 5.29
CA LEU A 20 20.64 -21.88 3.90
C LEU A 20 20.32 -23.37 3.84
N LEU A 21 20.85 -24.10 4.81
CA LEU A 21 20.64 -25.54 4.87
C LEU A 21 19.28 -25.82 5.52
N ALA A 22 18.77 -24.81 6.22
CA ALA A 22 17.50 -24.94 6.89
C ALA A 22 16.45 -25.44 5.90
N PRO A 23 15.34 -26.00 6.46
CA PRO A 23 14.26 -26.52 5.64
C PRO A 23 13.43 -25.38 5.04
N GLY A 24 13.50 -24.23 5.69
CA GLY A 24 12.77 -23.07 5.23
C GLY A 24 13.20 -22.66 3.82
N ASN A 25 14.50 -22.77 3.59
CA ASN A 25 15.04 -22.42 2.29
C ASN A 25 15.30 -23.69 1.49
N MET A 26 15.52 -23.51 0.19
CA MET A 26 15.78 -24.63 -0.70
C MET A 26 16.67 -24.22 -1.87
N LEU A 27 17.20 -25.22 -2.56
CA LEU A 27 18.06 -24.97 -3.69
C LEU A 27 17.50 -23.81 -4.51
N GLY A 28 18.27 -22.72 -4.54
CA GLY A 28 17.85 -21.54 -5.28
C GLY A 28 17.84 -20.30 -4.38
N SER A 29 17.77 -20.56 -3.08
CA SER A 29 17.75 -19.48 -2.11
C SER A 29 19.17 -18.95 -1.89
N PHE A 30 19.32 -17.65 -2.06
CA PHE A 30 20.61 -17.01 -1.88
C PHE A 30 20.54 -15.95 -0.79
N MET A 31 21.71 -15.66 -0.23
CA MET A 31 21.80 -14.66 0.84
C MET A 31 23.16 -13.96 0.81
N ILE A 32 23.13 -12.69 1.17
CA ILE A 32 24.35 -11.89 1.19
C ILE A 32 24.64 -11.46 2.63
N ARG A 33 25.93 -11.34 2.93
CA ARG A 33 26.35 -10.93 4.25
C ARG A 33 27.70 -10.20 4.18
N ASP A 34 27.90 -9.32 5.17
CA ASP A 34 29.14 -8.55 5.22
C ASP A 34 30.17 -9.32 6.05
N SER A 35 31.43 -9.09 5.72
CA SER A 35 32.52 -9.75 6.42
C SER A 35 32.54 -9.30 7.89
N GLU A 36 33.05 -10.18 8.74
CA GLU A 36 33.13 -9.88 10.16
C GLU A 36 34.54 -9.44 10.52
N THR A 37 35.51 -10.21 10.07
CA THR A 37 36.90 -9.90 10.34
C THR A 37 37.43 -8.88 9.34
N THR A 38 37.36 -9.24 8.07
CA THR A 38 37.82 -8.37 7.00
C THR A 38 36.71 -7.41 6.58
N LYS A 39 36.34 -6.54 7.50
CA LYS A 39 35.29 -5.56 7.24
C LYS A 39 35.59 -4.83 5.93
N GLY A 40 34.55 -4.33 5.30
CA GLY A 40 34.68 -3.61 4.05
C GLY A 40 34.47 -4.54 2.85
N SER A 41 34.57 -5.84 3.11
CA SER A 41 34.39 -6.83 2.07
C SER A 41 33.10 -7.62 2.33
N TYR A 42 32.43 -7.96 1.23
CA TYR A 42 31.19 -8.70 1.32
C TYR A 42 31.39 -10.15 0.87
N SER A 43 30.45 -11.00 1.26
CA SER A 43 30.51 -12.41 0.89
C SER A 43 29.09 -12.94 0.63
N LEU A 44 28.91 -13.48 -0.57
CA LEU A 44 27.63 -14.02 -0.96
C LEU A 44 27.59 -15.52 -0.64
N SER A 45 26.38 -16.01 -0.42
CA SER A 45 26.20 -17.42 -0.10
C SER A 45 24.91 -17.94 -0.75
N VAL A 46 25.05 -19.02 -1.49
CA VAL A 46 23.91 -19.63 -2.15
C VAL A 46 23.89 -21.13 -1.88
N ARG A 47 22.69 -21.69 -1.95
CA ARG A 47 22.52 -23.12 -1.71
C ARG A 47 22.79 -23.92 -2.98
N ASP A 48 23.45 -25.05 -2.80
CA ASP A 48 23.78 -25.90 -3.93
C ASP A 48 23.76 -27.37 -3.47
N TYR A 49 23.65 -28.26 -4.45
CA TYR A 49 23.63 -29.68 -4.16
C TYR A 49 24.55 -30.45 -5.11
N ASP A 50 24.96 -31.62 -4.66
CA ASP A 50 25.85 -32.46 -5.46
C ASP A 50 25.33 -33.91 -5.43
N PRO A 51 25.47 -34.59 -6.60
CA PRO A 51 25.03 -35.97 -6.72
C PRO A 51 25.99 -36.91 -6.00
N ARG A 52 27.04 -36.34 -5.45
CA ARG A 52 28.04 -37.11 -4.73
C ARG A 52 27.90 -36.90 -3.22
N GLN A 53 28.08 -35.65 -2.82
CA GLN A 53 27.97 -35.30 -1.41
C GLN A 53 26.51 -35.17 -1.01
N GLY A 54 25.82 -34.26 -1.69
CA GLY A 54 24.41 -34.02 -1.40
C GLY A 54 24.12 -32.53 -1.22
N ASP A 55 23.59 -32.20 -0.05
CA ASP A 55 23.28 -30.82 0.26
C ASP A 55 24.56 -30.06 0.59
N THR A 56 24.71 -28.90 -0.04
CA THR A 56 25.89 -28.08 0.17
C THR A 56 25.53 -26.60 0.04
N VAL A 57 26.48 -25.75 0.42
CA VAL A 57 26.28 -24.32 0.35
C VAL A 57 27.54 -23.67 -0.23
N LYS A 58 27.33 -22.90 -1.29
CA LYS A 58 28.43 -22.22 -1.95
C LYS A 58 28.59 -20.82 -1.34
N HIS A 59 29.79 -20.28 -1.48
CA HIS A 59 30.09 -18.96 -0.95
C HIS A 59 31.04 -18.23 -1.91
N TYR A 60 30.66 -17.00 -2.23
CA TYR A 60 31.46 -16.18 -3.13
C TYR A 60 31.95 -14.92 -2.43
N LYS A 61 32.91 -14.26 -3.06
CA LYS A 61 33.47 -13.03 -2.52
C LYS A 61 33.02 -11.85 -3.37
N ILE A 62 32.63 -10.77 -2.69
CA ILE A 62 32.18 -9.58 -3.37
C ILE A 62 33.20 -8.46 -3.15
N ARG A 63 34.07 -8.29 -4.12
CA ARG A 63 35.09 -7.26 -4.04
C ARG A 63 34.62 -5.97 -4.74
N THR A 64 35.03 -4.85 -4.18
CA THR A 64 34.65 -3.56 -4.73
C THR A 64 35.77 -3.02 -5.63
N LEU A 65 35.41 -2.05 -6.45
CA LEU A 65 36.36 -1.44 -7.36
C LEU A 65 36.73 -0.05 -6.85
N ASP A 66 37.94 0.37 -7.20
CA ASP A 66 38.42 1.68 -6.80
C ASP A 66 37.39 2.74 -7.17
N ASN A 67 36.90 2.64 -8.40
CA ASN A 67 35.91 3.58 -8.89
C ASN A 67 34.78 2.81 -9.59
N GLY A 68 34.12 1.97 -8.82
CA GLY A 68 33.02 1.18 -9.36
C GLY A 68 31.97 0.89 -8.27
N GLY A 69 31.80 -0.39 -7.99
CA GLY A 69 30.83 -0.80 -6.99
C GLY A 69 31.22 -2.15 -6.37
N PHE A 70 30.57 -3.19 -6.86
CA PHE A 70 30.84 -4.53 -6.38
C PHE A 70 30.77 -5.55 -7.52
N TYR A 71 31.79 -6.40 -7.58
CA TYR A 71 31.87 -7.42 -8.61
C TYR A 71 32.30 -8.76 -8.02
N ILE A 72 31.77 -9.82 -8.60
CA ILE A 72 32.10 -11.17 -8.15
C ILE A 72 32.96 -11.86 -9.21
N SER A 73 32.51 -11.78 -10.44
CA SER A 73 33.22 -12.40 -11.55
C SER A 73 33.95 -11.33 -12.35
N PRO A 74 35.22 -11.66 -12.75
CA PRO A 74 36.03 -10.75 -13.53
C PRO A 74 35.55 -10.67 -14.97
N ARG A 75 34.28 -10.33 -15.13
CA ARG A 75 33.69 -10.23 -16.46
C ARG A 75 32.82 -8.97 -16.55
N SER A 76 31.75 -8.97 -15.74
CA SER A 76 30.84 -7.85 -15.73
C SER A 76 30.55 -7.42 -14.29
N THR A 77 31.10 -6.27 -13.92
CA THR A 77 30.91 -5.74 -12.59
C THR A 77 29.60 -4.97 -12.49
N PHE A 78 29.19 -4.70 -11.26
CA PHE A 78 27.96 -3.97 -11.02
C PHE A 78 28.20 -2.79 -10.07
N SER A 79 27.54 -1.68 -10.40
CA SER A 79 27.67 -0.47 -9.59
C SER A 79 26.91 -0.64 -8.27
N THR A 80 25.84 -1.41 -8.34
CA THR A 80 25.01 -1.66 -7.17
C THR A 80 24.79 -3.16 -6.98
N LEU A 81 24.63 -3.56 -5.73
CA LEU A 81 24.42 -4.95 -5.40
C LEU A 81 23.02 -5.37 -5.86
N GLN A 82 22.16 -4.37 -6.01
CA GLN A 82 20.79 -4.62 -6.44
C GLN A 82 20.76 -5.00 -7.92
N GLU A 83 21.74 -4.48 -8.66
CA GLU A 83 21.83 -4.76 -10.08
C GLU A 83 22.52 -6.11 -10.31
N LEU A 84 23.29 -6.51 -9.32
CA LEU A 84 24.00 -7.77 -9.40
C LEU A 84 23.06 -8.91 -9.00
N VAL A 85 22.15 -8.60 -8.10
CA VAL A 85 21.19 -9.58 -7.63
C VAL A 85 20.10 -9.77 -8.70
N ASP A 86 19.87 -8.72 -9.46
CA ASP A 86 18.87 -8.76 -10.51
C ASP A 86 19.39 -9.62 -11.68
N HIS A 87 20.54 -9.21 -12.20
CA HIS A 87 21.15 -9.93 -13.30
C HIS A 87 21.34 -11.40 -12.92
N TYR A 88 21.57 -11.62 -11.63
CA TYR A 88 21.77 -12.97 -11.14
C TYR A 88 20.45 -13.73 -11.08
N LYS A 89 19.37 -12.97 -10.95
CA LYS A 89 18.04 -13.56 -10.88
C LYS A 89 17.58 -13.95 -12.30
N LYS A 90 18.06 -13.18 -13.27
CA LYS A 90 17.71 -13.43 -14.66
C LYS A 90 18.46 -14.67 -15.14
N GLY A 91 19.63 -14.89 -14.55
CA GLY A 91 20.46 -16.03 -14.92
C GLY A 91 21.76 -16.05 -14.12
N ASN A 92 22.41 -17.20 -14.13
CA ASN A 92 23.65 -17.36 -13.40
C ASN A 92 24.75 -16.55 -14.11
N ASP A 93 24.81 -16.69 -15.41
CA ASP A 93 25.79 -15.98 -16.21
C ASP A 93 27.13 -15.98 -15.46
N GLY A 94 27.57 -17.18 -15.10
CA GLY A 94 28.83 -17.33 -14.39
C GLY A 94 28.68 -18.33 -13.24
N LEU A 95 27.66 -18.10 -12.41
CA LEU A 95 27.41 -18.96 -11.28
C LEU A 95 27.05 -20.36 -11.78
N CYS A 96 26.90 -21.27 -10.83
CA CYS A 96 26.57 -22.65 -11.16
C CYS A 96 25.05 -22.76 -11.29
N GLN A 97 24.36 -21.93 -10.51
CA GLN A 97 22.91 -21.93 -10.54
C GLN A 97 22.38 -20.50 -10.35
N LYS A 98 21.54 -20.09 -11.29
CA LYS A 98 20.96 -18.76 -11.24
C LYS A 98 20.26 -18.56 -9.89
N LEU A 99 19.94 -17.31 -9.61
CA LEU A 99 19.28 -16.98 -8.36
C LEU A 99 17.77 -17.11 -8.54
N SER A 100 17.16 -17.85 -7.62
CA SER A 100 15.72 -18.06 -7.66
C SER A 100 15.01 -17.02 -6.79
N VAL A 101 15.08 -17.24 -5.49
CA VAL A 101 14.45 -16.33 -4.55
C VAL A 101 15.45 -15.96 -3.45
N PRO A 102 15.25 -14.75 -2.87
CA PRO A 102 16.12 -14.27 -1.82
C PRO A 102 15.84 -14.99 -0.50
N CYS A 103 16.85 -14.99 0.36
CA CYS A 103 16.72 -15.63 1.66
C CYS A 103 15.35 -15.30 2.23
N MET A 104 14.89 -16.15 3.14
CA MET A 104 13.60 -15.95 3.77
C MET A 104 13.75 -15.39 5.18
N SER A 105 12.67 -14.81 5.68
CA SER A 105 12.68 -14.24 7.02
C SER A 105 11.64 -14.94 7.89
N SER A 106 12.10 -15.96 8.59
CA SER A 106 11.24 -16.73 9.47
C SER A 106 11.93 -16.96 10.82
N LYS A 107 11.15 -17.48 11.77
CA LYS A 107 11.67 -17.76 13.09
C LYS A 107 10.73 -18.73 13.81
N MET A 1 4.79 -2.58 0.47
CA MET A 1 4.61 -3.49 -0.66
C MET A 1 3.79 -2.83 -1.77
N GLU A 2 2.62 -2.33 -1.39
CA GLU A 2 1.74 -1.67 -2.35
C GLU A 2 0.87 -0.64 -1.64
N THR A 3 0.58 0.44 -2.35
CA THR A 3 -0.24 1.51 -1.81
C THR A 3 -1.35 1.89 -2.79
N GLU A 4 -2.27 2.70 -2.31
CA GLU A 4 -3.38 3.15 -3.14
C GLU A 4 -3.15 4.60 -3.60
N GLU A 5 -2.80 4.73 -4.87
CA GLU A 5 -2.56 6.03 -5.45
C GLU A 5 -3.51 6.29 -6.61
N TRP A 6 -4.79 6.07 -6.34
CA TRP A 6 -5.82 6.28 -7.34
C TRP A 6 -6.19 7.76 -7.34
N PHE A 7 -5.92 8.40 -6.22
CA PHE A 7 -6.22 9.82 -6.08
C PHE A 7 -5.00 10.68 -6.42
N PHE A 8 -5.19 11.61 -7.34
CA PHE A 8 -4.12 12.49 -7.77
C PHE A 8 -4.34 13.91 -7.24
N LYS A 9 -3.27 14.68 -7.24
CA LYS A 9 -3.33 16.05 -6.77
C LYS A 9 -2.98 17.00 -7.92
N GLY A 10 -3.62 18.16 -7.90
CA GLY A 10 -3.38 19.16 -8.93
C GLY A 10 -3.27 18.50 -10.32
N ILE A 11 -4.36 17.87 -10.72
CA ILE A 11 -4.38 17.19 -12.02
C ILE A 11 -5.36 17.92 -12.94
N SER A 12 -5.18 17.71 -14.23
CA SER A 12 -6.03 18.34 -15.23
C SER A 12 -6.81 17.27 -16.00
N ARG A 13 -7.76 17.73 -16.80
CA ARG A 13 -8.57 16.84 -17.58
C ARG A 13 -7.78 16.28 -18.76
N LYS A 14 -6.79 17.06 -19.19
CA LYS A 14 -5.94 16.67 -20.29
C LYS A 14 -4.89 15.66 -19.80
N ASP A 15 -4.05 16.13 -18.89
CA ASP A 15 -3.00 15.29 -18.34
C ASP A 15 -3.62 13.98 -17.83
N ALA A 16 -4.82 14.11 -17.28
CA ALA A 16 -5.53 12.96 -16.75
C ALA A 16 -5.90 12.02 -17.91
N GLU A 17 -6.22 12.63 -19.03
CA GLU A 17 -6.60 11.87 -20.21
C GLU A 17 -5.35 11.27 -20.88
N ARG A 18 -4.20 11.81 -20.50
CA ARG A 18 -2.94 11.36 -21.05
C ARG A 18 -2.39 10.19 -20.21
N GLN A 19 -2.82 10.16 -18.96
CA GLN A 19 -2.38 9.10 -18.05
C GLN A 19 -3.28 7.87 -18.19
N LEU A 20 -4.49 8.11 -18.66
CA LEU A 20 -5.44 7.03 -18.85
C LEU A 20 -5.29 6.45 -20.25
N LEU A 21 -4.91 7.33 -21.18
CA LEU A 21 -4.72 6.92 -22.56
C LEU A 21 -3.30 6.39 -22.74
N ALA A 22 -2.48 6.64 -21.73
CA ALA A 22 -1.09 6.20 -21.76
C ALA A 22 -1.05 4.67 -21.64
N PRO A 23 0.18 4.11 -21.83
CA PRO A 23 0.37 2.67 -21.74
C PRO A 23 0.34 2.20 -20.30
N GLY A 24 0.51 0.90 -20.12
CA GLY A 24 0.51 0.31 -18.80
C GLY A 24 -0.92 0.04 -18.32
N ASN A 25 -1.75 1.08 -18.44
CA ASN A 25 -3.14 0.97 -18.02
C ASN A 25 -3.94 0.28 -19.13
N MET A 26 -5.17 -0.10 -18.78
CA MET A 26 -6.05 -0.76 -19.73
C MET A 26 -7.52 -0.45 -19.42
N LEU A 27 -8.35 -0.67 -20.43
CA LEU A 27 -9.77 -0.42 -20.28
C LEU A 27 -10.23 -0.89 -18.90
N GLY A 28 -10.72 0.06 -18.12
CA GLY A 28 -11.19 -0.25 -16.78
C GLY A 28 -10.45 0.59 -15.73
N SER A 29 -9.31 1.12 -16.15
CA SER A 29 -8.48 1.93 -15.26
C SER A 29 -9.24 3.21 -14.89
N PHE A 30 -9.28 3.48 -13.59
CA PHE A 30 -9.95 4.66 -13.08
C PHE A 30 -8.99 5.55 -12.30
N MET A 31 -9.31 6.84 -12.26
CA MET A 31 -8.49 7.79 -11.54
C MET A 31 -9.35 8.92 -10.96
N ILE A 32 -9.00 9.32 -9.75
CA ILE A 32 -9.73 10.39 -9.07
C ILE A 32 -8.82 11.62 -8.97
N ARG A 33 -9.46 12.78 -8.97
CA ARG A 33 -8.73 14.03 -8.87
C ARG A 33 -9.62 15.11 -8.23
N ASP A 34 -8.98 15.94 -7.41
CA ASP A 34 -9.70 17.01 -6.73
C ASP A 34 -9.93 18.16 -7.71
N SER A 35 -10.92 18.97 -7.38
CA SER A 35 -11.26 20.11 -8.23
C SER A 35 -10.09 21.07 -8.31
N GLU A 36 -10.23 22.07 -9.17
CA GLU A 36 -9.19 23.06 -9.35
C GLU A 36 -9.71 24.45 -9.00
N THR A 37 -10.64 24.93 -9.82
CA THR A 37 -11.24 26.24 -9.60
C THR A 37 -12.34 26.15 -8.55
N THR A 38 -13.01 25.01 -8.53
CA THR A 38 -14.09 24.80 -7.58
C THR A 38 -13.63 23.87 -6.45
N LYS A 39 -12.71 24.38 -5.65
CA LYS A 39 -12.17 23.61 -4.53
C LYS A 39 -13.34 23.07 -3.70
N GLY A 40 -13.04 22.05 -2.92
CA GLY A 40 -14.04 21.42 -2.06
C GLY A 40 -14.79 20.32 -2.81
N SER A 41 -14.69 20.37 -4.13
CA SER A 41 -15.35 19.38 -4.97
C SER A 41 -14.32 18.41 -5.55
N TYR A 42 -14.83 17.28 -6.04
CA TYR A 42 -13.96 16.26 -6.61
C TYR A 42 -14.43 15.88 -8.01
N SER A 43 -13.53 15.23 -8.75
CA SER A 43 -13.82 14.82 -10.10
C SER A 43 -13.24 13.42 -10.37
N LEU A 44 -14.07 12.55 -10.92
CA LEU A 44 -13.63 11.20 -11.22
C LEU A 44 -13.45 11.06 -12.74
N SER A 45 -12.62 10.10 -13.10
CA SER A 45 -12.35 9.85 -14.51
C SER A 45 -12.05 8.36 -14.73
N VAL A 46 -12.69 7.80 -15.74
CA VAL A 46 -12.49 6.39 -16.06
C VAL A 46 -12.28 6.25 -17.57
N ARG A 47 -11.55 5.20 -17.93
CA ARG A 47 -11.26 4.94 -19.34
C ARG A 47 -12.40 4.12 -19.96
N ASP A 48 -12.75 4.50 -21.18
CA ASP A 48 -13.82 3.81 -21.90
C ASP A 48 -13.46 3.74 -23.38
N TYR A 49 -14.17 2.86 -24.09
CA TYR A 49 -13.93 2.69 -25.50
C TYR A 49 -15.26 2.63 -26.28
N ASP A 50 -15.19 3.02 -27.53
CA ASP A 50 -16.37 3.01 -28.38
C ASP A 50 -16.02 2.39 -29.74
N PRO A 51 -16.99 1.62 -30.29
CA PRO A 51 -16.80 0.97 -31.57
C PRO A 51 -16.90 1.97 -32.72
N ARG A 52 -17.20 3.21 -32.36
CA ARG A 52 -17.33 4.27 -33.35
C ARG A 52 -16.13 5.22 -33.25
N GLN A 53 -15.95 5.80 -32.07
CA GLN A 53 -14.86 6.72 -31.85
C GLN A 53 -13.56 5.95 -31.60
N GLY A 54 -13.52 5.27 -30.47
CA GLY A 54 -12.36 4.49 -30.10
C GLY A 54 -11.97 4.74 -28.63
N ASP A 55 -10.67 4.82 -28.40
CA ASP A 55 -10.17 5.04 -27.05
C ASP A 55 -10.70 6.38 -26.54
N THR A 56 -11.58 6.30 -25.56
CA THR A 56 -12.16 7.50 -24.96
C THR A 56 -11.97 7.49 -23.45
N VAL A 57 -12.29 8.62 -22.83
CA VAL A 57 -12.15 8.77 -21.39
C VAL A 57 -13.35 9.54 -20.85
N LYS A 58 -14.04 8.92 -19.90
CA LYS A 58 -15.21 9.53 -19.29
C LYS A 58 -14.77 10.30 -18.05
N HIS A 59 -15.58 11.28 -17.68
CA HIS A 59 -15.30 12.09 -16.51
C HIS A 59 -16.59 12.35 -15.73
N TYR A 60 -16.56 11.96 -14.46
CA TYR A 60 -17.72 12.14 -13.60
C TYR A 60 -17.43 13.16 -12.50
N LYS A 61 -18.49 13.58 -11.82
CA LYS A 61 -18.38 14.54 -10.76
C LYS A 61 -18.67 13.87 -9.42
N ILE A 62 -18.14 14.46 -8.35
CA ILE A 62 -18.34 13.93 -7.02
C ILE A 62 -18.82 15.04 -6.10
N ARG A 63 -20.10 15.01 -5.78
CA ARG A 63 -20.69 16.00 -4.91
C ARG A 63 -20.76 15.49 -3.47
N THR A 64 -20.62 16.41 -2.54
CA THR A 64 -20.65 16.06 -1.12
C THR A 64 -21.99 16.47 -0.51
N LEU A 65 -22.37 15.76 0.54
CA LEU A 65 -23.62 16.04 1.23
C LEU A 65 -23.33 16.87 2.48
N ASP A 66 -24.31 17.66 2.86
CA ASP A 66 -24.18 18.51 4.03
C ASP A 66 -23.73 17.66 5.22
N ASN A 67 -24.47 16.59 5.46
CA ASN A 67 -24.16 15.69 6.55
C ASN A 67 -24.07 14.26 6.02
N GLY A 68 -23.04 14.02 5.22
CA GLY A 68 -22.82 12.71 4.64
C GLY A 68 -21.37 12.53 4.22
N GLY A 69 -21.18 12.27 2.94
CA GLY A 69 -19.85 12.07 2.39
C GLY A 69 -19.76 12.58 0.95
N PHE A 70 -19.73 11.64 0.03
CA PHE A 70 -19.65 11.97 -1.39
C PHE A 70 -20.46 11.00 -2.23
N TYR A 71 -21.29 11.55 -3.10
CA TYR A 71 -22.13 10.75 -3.98
C TYR A 71 -21.99 11.19 -5.43
N ILE A 72 -22.08 10.21 -6.32
CA ILE A 72 -21.96 10.50 -7.75
C ILE A 72 -23.36 10.49 -8.37
N SER A 73 -24.14 9.47 -8.01
CA SER A 73 -25.48 9.35 -8.53
C SER A 73 -26.49 9.45 -7.38
N PRO A 74 -27.68 10.02 -7.71
CA PRO A 74 -28.74 10.19 -6.72
C PRO A 74 -29.43 8.85 -6.43
N ARG A 75 -28.62 7.88 -6.04
CA ARG A 75 -29.14 6.56 -5.73
C ARG A 75 -28.48 6.02 -4.45
N SER A 76 -27.20 5.71 -4.57
CA SER A 76 -26.44 5.18 -3.45
C SER A 76 -25.24 6.07 -3.16
N THR A 77 -25.26 6.68 -1.98
CA THR A 77 -24.17 7.55 -1.58
C THR A 77 -23.14 6.78 -0.75
N PHE A 78 -22.00 7.43 -0.54
CA PHE A 78 -20.93 6.82 0.23
C PHE A 78 -20.28 7.84 1.17
N SER A 79 -20.15 7.44 2.42
CA SER A 79 -19.55 8.31 3.42
C SER A 79 -18.07 8.54 3.09
N THR A 80 -17.49 7.56 2.41
CA THR A 80 -16.09 7.64 2.03
C THR A 80 -15.92 7.26 0.56
N LEU A 81 -14.86 7.80 -0.04
CA LEU A 81 -14.57 7.53 -1.44
C LEU A 81 -13.97 6.14 -1.58
N GLN A 82 -13.38 5.67 -0.48
CA GLN A 82 -12.77 4.36 -0.47
C GLN A 82 -13.84 3.26 -0.57
N GLU A 83 -15.02 3.60 -0.08
CA GLU A 83 -16.14 2.67 -0.11
C GLU A 83 -16.82 2.69 -1.48
N LEU A 84 -16.66 3.83 -2.15
CA LEU A 84 -17.26 4.00 -3.46
C LEU A 84 -16.34 3.38 -4.52
N VAL A 85 -15.05 3.38 -4.21
CA VAL A 85 -14.06 2.82 -5.12
C VAL A 85 -14.13 1.29 -5.06
N ASP A 86 -14.44 0.78 -3.88
CA ASP A 86 -14.54 -0.65 -3.68
C ASP A 86 -15.86 -1.16 -4.27
N HIS A 87 -16.87 -0.31 -4.18
CA HIS A 87 -18.18 -0.65 -4.71
C HIS A 87 -18.15 -0.63 -6.24
N TYR A 88 -17.37 0.31 -6.77
CA TYR A 88 -17.24 0.44 -8.21
C TYR A 88 -16.35 -0.66 -8.78
N LYS A 89 -15.53 -1.23 -7.92
CA LYS A 89 -14.62 -2.30 -8.32
C LYS A 89 -15.38 -3.63 -8.34
N LYS A 90 -16.34 -3.73 -7.43
CA LYS A 90 -17.14 -4.94 -7.33
C LYS A 90 -18.09 -5.02 -8.53
N GLY A 91 -18.47 -3.84 -9.01
CA GLY A 91 -19.37 -3.77 -10.16
C GLY A 91 -19.70 -2.31 -10.49
N ASN A 92 -20.05 -2.08 -11.75
CA ASN A 92 -20.40 -0.75 -12.21
C ASN A 92 -21.62 -0.25 -11.43
N ASP A 93 -22.65 -1.08 -11.43
CA ASP A 93 -23.88 -0.74 -10.73
C ASP A 93 -24.19 0.75 -10.95
N GLY A 94 -24.19 1.14 -12.21
CA GLY A 94 -24.45 2.52 -12.57
C GLY A 94 -23.53 3.00 -13.69
N LEU A 95 -22.24 2.76 -13.49
CA LEU A 95 -21.24 3.15 -14.47
C LEU A 95 -21.49 2.39 -15.78
N CYS A 96 -20.72 2.76 -16.79
CA CYS A 96 -20.85 2.13 -18.09
C CYS A 96 -20.13 0.77 -18.04
N GLN A 97 -19.00 0.77 -17.36
CA GLN A 97 -18.21 -0.45 -17.23
C GLN A 97 -17.57 -0.52 -15.84
N LYS A 98 -17.67 -1.69 -15.23
CA LYS A 98 -17.10 -1.90 -13.91
C LYS A 98 -15.64 -1.42 -13.91
N LEU A 99 -15.13 -1.20 -12.71
CA LEU A 99 -13.75 -0.75 -12.56
C LEU A 99 -12.82 -1.96 -12.58
N SER A 100 -11.63 -1.74 -13.10
CA SER A 100 -10.64 -2.81 -13.19
C SER A 100 -9.57 -2.60 -12.12
N VAL A 101 -8.66 -1.68 -12.40
CA VAL A 101 -7.58 -1.39 -11.47
C VAL A 101 -7.39 0.13 -11.38
N PRO A 102 -6.84 0.57 -10.22
CA PRO A 102 -6.60 1.99 -10.00
C PRO A 102 -5.39 2.48 -10.79
N CYS A 103 -5.46 3.74 -11.19
CA CYS A 103 -4.37 4.34 -11.96
C CYS A 103 -3.04 3.88 -11.36
N MET A 104 -2.00 3.94 -12.18
CA MET A 104 -0.68 3.54 -11.74
C MET A 104 0.22 4.76 -11.52
N SER A 105 1.23 4.57 -10.67
CA SER A 105 2.16 5.64 -10.37
C SER A 105 3.42 5.48 -11.22
N SER A 106 3.75 6.55 -11.93
CA SER A 106 4.93 6.54 -12.78
C SER A 106 5.86 7.69 -12.40
N LYS A 107 7.15 7.43 -12.51
CA LYS A 107 8.15 8.43 -12.17
C LYS A 107 9.47 8.07 -12.85
N MET A 1 4.79 -2.58 0.47
CA MET A 1 4.61 -3.49 -0.66
C MET A 1 5.01 -2.81 -1.97
N GLU A 2 4.57 -1.57 -2.13
CA GLU A 2 4.88 -0.82 -3.33
C GLU A 2 3.93 0.37 -3.47
N THR A 3 3.71 1.04 -2.34
CA THR A 3 2.83 2.20 -2.32
C THR A 3 3.34 3.23 -1.31
N GLU A 4 2.93 4.47 -1.52
CA GLU A 4 3.33 5.55 -0.64
C GLU A 4 2.27 6.65 -0.63
N GLU A 5 1.40 6.57 0.36
CA GLU A 5 0.32 7.54 0.50
C GLU A 5 0.62 8.49 1.66
N TRP A 6 1.84 9.00 1.68
CA TRP A 6 2.26 9.91 2.73
C TRP A 6 1.77 11.32 2.35
N PHE A 7 1.47 11.48 1.07
CA PHE A 7 0.98 12.76 0.57
C PHE A 7 -0.52 12.71 0.29
N PHE A 8 -1.22 13.70 0.80
CA PHE A 8 -2.66 13.79 0.62
C PHE A 8 -3.01 14.90 -0.37
N LYS A 9 -4.23 14.82 -0.89
CA LYS A 9 -4.71 15.81 -1.84
C LYS A 9 -4.69 17.19 -1.19
N GLY A 10 -5.29 18.15 -1.88
CA GLY A 10 -5.35 19.51 -1.38
C GLY A 10 -6.26 19.61 -0.15
N ILE A 11 -5.86 18.91 0.90
CA ILE A 11 -6.62 18.91 2.14
C ILE A 11 -6.29 20.18 2.93
N SER A 12 -7.26 20.58 3.75
CA SER A 12 -7.09 21.77 4.57
C SER A 12 -6.17 21.46 5.76
N ARG A 13 -5.90 22.50 6.54
CA ARG A 13 -5.04 22.35 7.70
C ARG A 13 -5.85 21.82 8.89
N LYS A 14 -7.13 22.16 8.89
CA LYS A 14 -8.01 21.71 9.96
C LYS A 14 -8.39 20.25 9.74
N ASP A 15 -8.53 19.90 8.47
CA ASP A 15 -8.89 18.53 8.11
C ASP A 15 -7.69 17.61 8.36
N ALA A 16 -6.50 18.19 8.20
CA ALA A 16 -5.28 17.43 8.40
C ALA A 16 -5.03 17.25 9.90
N GLU A 17 -5.59 18.18 10.67
CA GLU A 17 -5.44 18.13 12.11
C GLU A 17 -6.45 17.16 12.72
N ARG A 18 -7.53 16.93 11.98
CA ARG A 18 -8.57 16.03 12.43
C ARG A 18 -8.25 14.59 12.01
N GLN A 19 -7.47 14.48 10.95
CA GLN A 19 -7.08 13.18 10.44
C GLN A 19 -5.90 12.62 11.24
N LEU A 20 -5.11 13.55 11.77
CA LEU A 20 -3.95 13.16 12.56
C LEU A 20 -4.38 12.88 14.00
N LEU A 21 -5.26 13.73 14.49
CA LEU A 21 -5.76 13.58 15.85
C LEU A 21 -6.72 12.39 15.90
N ALA A 22 -7.15 11.96 14.72
CA ALA A 22 -8.07 10.84 14.62
C ALA A 22 -7.49 9.64 15.39
N PRO A 23 -8.43 8.76 15.86
CA PRO A 23 -8.03 7.59 16.61
C PRO A 23 -7.43 6.52 15.68
N GLY A 24 -7.40 6.85 14.40
CA GLY A 24 -6.86 5.93 13.41
C GLY A 24 -5.33 6.03 13.36
N ASN A 25 -4.81 7.13 13.89
CA ASN A 25 -3.38 7.34 13.91
C ASN A 25 -2.92 7.50 15.36
N MET A 26 -1.60 7.62 15.52
CA MET A 26 -1.02 7.77 16.84
C MET A 26 0.33 8.50 16.76
N LEU A 27 0.73 9.06 17.89
CA LEU A 27 1.99 9.79 17.97
C LEU A 27 3.05 9.04 17.15
N GLY A 28 3.59 9.74 16.16
CA GLY A 28 4.61 9.16 15.30
C GLY A 28 4.17 9.20 13.83
N SER A 29 2.88 9.39 13.64
CA SER A 29 2.32 9.46 12.29
C SER A 29 2.55 10.84 11.70
N PHE A 30 2.77 10.87 10.39
CA PHE A 30 3.00 12.12 9.69
C PHE A 30 2.25 12.14 8.35
N MET A 31 2.05 13.36 7.85
CA MET A 31 1.36 13.53 6.57
C MET A 31 1.84 14.78 5.86
N ILE A 32 1.75 14.75 4.54
CA ILE A 32 2.17 15.88 3.72
C ILE A 32 1.01 16.32 2.84
N ARG A 33 0.95 17.63 2.62
CA ARG A 33 -0.11 18.20 1.80
C ARG A 33 0.40 19.46 1.09
N ASP A 34 -0.18 19.70 -0.07
CA ASP A 34 0.20 20.87 -0.86
C ASP A 34 -0.75 22.02 -0.55
N SER A 35 -0.22 23.23 -0.66
CA SER A 35 -1.00 24.42 -0.39
C SER A 35 -2.04 24.64 -1.50
N GLU A 36 -3.29 24.73 -1.08
CA GLU A 36 -4.37 24.93 -2.03
C GLU A 36 -4.49 26.42 -2.41
N THR A 37 -3.89 27.25 -1.58
CA THR A 37 -3.91 28.69 -1.81
C THR A 37 -2.64 29.12 -2.55
N THR A 38 -1.52 28.97 -1.89
CA THR A 38 -0.24 29.34 -2.48
C THR A 38 0.39 28.15 -3.19
N LYS A 39 -0.21 27.78 -4.31
CA LYS A 39 0.27 26.65 -5.10
C LYS A 39 1.79 26.79 -5.30
N GLY A 40 2.47 25.67 -5.23
CA GLY A 40 3.92 25.66 -5.42
C GLY A 40 4.63 25.42 -4.09
N SER A 41 3.88 25.57 -3.00
CA SER A 41 4.43 25.38 -1.67
C SER A 41 3.75 24.19 -1.00
N TYR A 42 4.48 23.56 -0.09
CA TYR A 42 3.95 22.41 0.63
C TYR A 42 3.98 22.65 2.14
N SER A 43 3.24 21.81 2.85
CA SER A 43 3.16 21.93 4.29
C SER A 43 3.08 20.54 4.93
N LEU A 44 4.04 20.25 5.78
CA LEU A 44 4.09 18.96 6.45
C LEU A 44 3.35 19.06 7.79
N SER A 45 2.78 17.94 8.19
CA SER A 45 2.04 17.90 9.45
C SER A 45 2.31 16.57 10.17
N VAL A 46 2.86 16.69 11.36
CA VAL A 46 3.18 15.51 12.16
C VAL A 46 2.50 15.63 13.53
N ARG A 47 2.28 14.48 14.14
CA ARG A 47 1.65 14.45 15.45
C ARG A 47 2.70 14.60 16.56
N ASP A 48 2.31 15.30 17.61
CA ASP A 48 3.20 15.52 18.73
C ASP A 48 2.37 15.65 20.02
N TYR A 49 3.05 15.47 21.14
CA TYR A 49 2.40 15.56 22.43
C TYR A 49 3.25 16.35 23.43
N ASP A 50 2.56 16.98 24.37
CA ASP A 50 3.24 17.77 25.38
C ASP A 50 2.76 17.34 26.77
N PRO A 51 3.72 17.36 27.73
CA PRO A 51 3.40 16.97 29.10
C PRO A 51 2.62 18.08 29.81
N ARG A 52 2.51 19.21 29.14
CA ARG A 52 1.79 20.34 29.70
C ARG A 52 0.41 20.47 29.05
N GLN A 53 0.42 20.58 27.72
CA GLN A 53 -0.82 20.70 26.98
C GLN A 53 -1.46 19.33 26.78
N GLY A 54 -0.72 18.46 26.10
CA GLY A 54 -1.20 17.12 25.84
C GLY A 54 -1.02 16.75 24.37
N ASP A 55 -2.12 16.32 23.76
CA ASP A 55 -2.11 15.95 22.36
C ASP A 55 -2.06 17.20 21.49
N THR A 56 -1.14 17.20 20.53
CA THR A 56 -0.98 18.32 19.64
C THR A 56 -0.49 17.85 18.26
N VAL A 57 -0.52 18.77 17.31
CA VAL A 57 -0.10 18.46 15.96
C VAL A 57 0.81 19.59 15.45
N LYS A 58 2.00 19.19 15.01
CA LYS A 58 2.96 20.15 14.49
C LYS A 58 2.74 20.31 12.99
N HIS A 59 3.15 21.48 12.49
CA HIS A 59 3.02 21.77 11.08
C HIS A 59 4.26 22.52 10.58
N TYR A 60 4.93 21.91 9.61
CA TYR A 60 6.13 22.50 9.05
C TYR A 60 5.88 22.98 7.62
N LYS A 61 6.61 24.02 7.24
CA LYS A 61 6.48 24.59 5.91
C LYS A 61 7.60 24.04 5.02
N ILE A 62 7.19 23.51 3.87
CA ILE A 62 8.14 22.96 2.92
C ILE A 62 8.30 23.90 1.74
N ARG A 63 9.39 24.65 1.77
CA ARG A 63 9.67 25.60 0.70
C ARG A 63 10.50 24.93 -0.41
N THR A 64 10.50 25.58 -1.57
CA THR A 64 11.25 25.06 -2.70
C THR A 64 12.35 26.04 -3.10
N LEU A 65 13.38 25.49 -3.72
CA LEU A 65 14.51 26.30 -4.16
C LEU A 65 14.31 26.69 -5.63
N ASP A 66 14.80 27.87 -5.95
CA ASP A 66 14.68 28.39 -7.31
C ASP A 66 15.14 27.30 -8.29
N ASN A 67 16.24 26.66 -7.95
CA ASN A 67 16.79 25.61 -8.79
C ASN A 67 17.25 24.45 -7.90
N GLY A 68 16.29 23.85 -7.21
CA GLY A 68 16.58 22.74 -6.33
C GLY A 68 15.38 21.79 -6.22
N GLY A 69 14.89 21.65 -4.99
CA GLY A 69 13.75 20.79 -4.74
C GLY A 69 12.87 21.36 -3.62
N PHE A 70 13.03 20.79 -2.44
CA PHE A 70 12.26 21.23 -1.29
C PHE A 70 13.09 21.12 -0.01
N TYR A 71 13.04 22.18 0.79
CA TYR A 71 13.78 22.21 2.04
C TYR A 71 12.91 22.77 3.17
N ILE A 72 13.21 22.32 4.38
CA ILE A 72 12.47 22.75 5.55
C ILE A 72 13.39 23.59 6.45
N SER A 73 14.61 23.10 6.61
CA SER A 73 15.58 23.79 7.44
C SER A 73 16.80 24.18 6.60
N PRO A 74 17.39 25.35 6.95
CA PRO A 74 18.56 25.84 6.23
C PRO A 74 19.82 25.05 6.63
N ARG A 75 19.74 23.74 6.42
CA ARG A 75 20.85 22.87 6.76
C ARG A 75 21.07 21.83 5.65
N SER A 76 20.07 20.99 5.47
CA SER A 76 20.14 19.96 4.44
C SER A 76 18.84 19.94 3.64
N THR A 77 18.98 20.23 2.35
CA THR A 77 17.83 20.25 1.45
C THR A 77 17.73 18.93 0.68
N PHE A 78 16.60 18.75 0.01
CA PHE A 78 16.38 17.55 -0.77
C PHE A 78 15.79 17.89 -2.14
N SER A 79 16.27 17.15 -3.14
CA SER A 79 15.81 17.36 -4.50
C SER A 79 14.46 16.66 -4.72
N THR A 80 14.19 15.69 -3.86
CA THR A 80 12.95 14.94 -3.95
C THR A 80 12.34 14.76 -2.56
N LEU A 81 11.01 14.69 -2.53
CA LEU A 81 10.30 14.53 -1.28
C LEU A 81 10.45 13.08 -0.81
N GLN A 82 10.71 12.20 -1.76
CA GLN A 82 10.88 10.79 -1.45
C GLN A 82 12.12 10.58 -0.58
N GLU A 83 13.12 11.42 -0.81
CA GLU A 83 14.36 11.33 -0.07
C GLU A 83 14.21 12.05 1.28
N LEU A 84 13.30 13.02 1.30
CA LEU A 84 13.06 13.79 2.51
C LEU A 84 12.20 12.97 3.46
N VAL A 85 11.27 12.22 2.88
CA VAL A 85 10.37 11.39 3.67
C VAL A 85 11.13 10.17 4.18
N ASP A 86 12.16 9.79 3.43
CA ASP A 86 12.97 8.64 3.80
C ASP A 86 14.00 9.07 4.85
N HIS A 87 14.40 10.33 4.75
CA HIS A 87 15.37 10.87 5.69
C HIS A 87 14.75 10.99 7.07
N TYR A 88 13.48 11.40 7.09
CA TYR A 88 12.77 11.55 8.33
C TYR A 88 12.39 10.20 8.93
N LYS A 89 12.23 9.23 8.05
CA LYS A 89 11.87 7.88 8.48
C LYS A 89 13.08 7.23 9.13
N LYS A 90 14.26 7.56 8.60
CA LYS A 90 15.49 7.00 9.12
C LYS A 90 15.83 7.68 10.45
N GLY A 91 15.30 8.89 10.61
CA GLY A 91 15.53 9.64 11.83
C GLY A 91 15.02 11.09 11.68
N ASN A 92 14.55 11.63 12.79
CA ASN A 92 14.04 12.99 12.80
C ASN A 92 15.06 13.92 12.15
N ASP A 93 16.28 13.85 12.67
CA ASP A 93 17.36 14.68 12.15
C ASP A 93 16.82 16.09 11.86
N GLY A 94 16.14 16.65 12.85
CA GLY A 94 15.57 17.97 12.71
C GLY A 94 14.20 18.05 13.36
N LEU A 95 13.40 17.02 13.12
CA LEU A 95 12.07 16.96 13.68
C LEU A 95 12.15 16.67 15.17
N CYS A 96 11.01 16.80 15.83
CA CYS A 96 10.94 16.56 17.27
C CYS A 96 11.10 15.06 17.51
N GLN A 97 10.45 14.28 16.67
CA GLN A 97 10.52 12.83 16.78
C GLN A 97 10.57 12.19 15.40
N LYS A 98 11.33 11.11 15.31
CA LYS A 98 11.47 10.39 14.05
C LYS A 98 10.08 10.05 13.50
N LEU A 99 10.05 9.74 12.22
CA LEU A 99 8.80 9.38 11.56
C LEU A 99 8.61 7.86 11.61
N SER A 100 7.35 7.45 11.74
CA SER A 100 7.03 6.04 11.80
C SER A 100 6.31 5.61 10.53
N VAL A 101 5.04 6.00 10.44
CA VAL A 101 4.23 5.67 9.29
C VAL A 101 3.35 6.86 8.92
N PRO A 102 3.02 6.95 7.60
CA PRO A 102 2.19 8.04 7.12
C PRO A 102 0.73 7.83 7.51
N CYS A 103 0.03 8.95 7.70
CA CYS A 103 -1.37 8.90 8.08
C CYS A 103 -2.06 7.83 7.24
N MET A 104 -3.08 7.24 7.83
CA MET A 104 -3.84 6.19 7.14
C MET A 104 -4.81 6.80 6.12
N SER A 105 -4.97 6.10 5.01
CA SER A 105 -5.86 6.55 3.96
C SER A 105 -7.31 6.24 4.33
N SER A 106 -8.22 6.95 3.68
CA SER A 106 -9.64 6.77 3.93
C SER A 106 -10.38 6.62 2.60
N LYS A 107 -11.51 5.92 2.68
CA LYS A 107 -12.32 5.70 1.49
C LYS A 107 -13.65 6.43 1.65
N MET A 1 4.79 -2.58 0.47
CA MET A 1 4.61 -3.49 -0.66
C MET A 1 5.93 -3.72 -1.39
N GLU A 2 6.80 -4.48 -0.74
CA GLU A 2 8.11 -4.77 -1.32
C GLU A 2 8.95 -3.51 -1.42
N THR A 3 9.73 -3.27 -0.39
CA THR A 3 10.60 -2.09 -0.35
C THR A 3 11.90 -2.42 0.38
N GLU A 4 12.65 -1.37 0.68
CA GLU A 4 13.92 -1.53 1.36
C GLU A 4 13.69 -2.03 2.80
N GLU A 5 14.33 -3.15 3.09
CA GLU A 5 14.21 -3.75 4.41
C GLU A 5 15.58 -3.81 5.09
N TRP A 6 16.30 -2.69 5.01
CA TRP A 6 17.62 -2.62 5.61
C TRP A 6 17.44 -2.22 7.08
N PHE A 7 16.28 -1.65 7.37
CA PHE A 7 15.98 -1.22 8.73
C PHE A 7 15.23 -2.31 9.49
N PHE A 8 15.52 -2.40 10.78
CA PHE A 8 14.88 -3.39 11.64
C PHE A 8 14.32 -2.74 12.90
N LYS A 9 13.48 -3.51 13.59
CA LYS A 9 12.86 -3.02 14.81
C LYS A 9 13.94 -2.68 15.82
N GLY A 10 13.50 -2.45 17.06
CA GLY A 10 14.42 -2.11 18.13
C GLY A 10 15.18 -3.35 18.61
N ILE A 11 15.99 -3.89 17.71
CA ILE A 11 16.77 -5.08 18.04
C ILE A 11 18.02 -4.67 18.83
N SER A 12 18.49 -5.59 19.65
CA SER A 12 19.67 -5.34 20.46
C SER A 12 20.93 -5.63 19.66
N ARG A 13 22.07 -5.34 20.28
CA ARG A 13 23.35 -5.56 19.64
C ARG A 13 23.66 -7.06 19.59
N LYS A 14 23.11 -7.78 20.56
CA LYS A 14 23.32 -9.21 20.65
C LYS A 14 22.56 -9.90 19.51
N ASP A 15 21.24 -9.76 19.54
CA ASP A 15 20.39 -10.36 18.53
C ASP A 15 20.86 -9.90 17.15
N ALA A 16 21.50 -8.75 17.12
CA ALA A 16 22.00 -8.19 15.88
C ALA A 16 23.29 -8.90 15.49
N GLU A 17 24.00 -9.37 16.49
CA GLU A 17 25.25 -10.08 16.26
C GLU A 17 24.97 -11.52 15.83
N ARG A 18 23.79 -11.99 16.18
CA ARG A 18 23.39 -13.35 15.84
C ARG A 18 22.69 -13.36 14.47
N GLN A 19 22.06 -12.24 14.16
CA GLN A 19 21.35 -12.12 12.89
C GLN A 19 22.36 -11.92 11.75
N LEU A 20 23.50 -11.35 12.09
CA LEU A 20 24.54 -11.09 11.11
C LEU A 20 25.43 -12.34 10.98
N LEU A 21 25.61 -13.01 12.11
CA LEU A 21 26.43 -14.21 12.13
C LEU A 21 25.59 -15.41 11.67
N ALA A 22 24.29 -15.19 11.65
CA ALA A 22 23.36 -16.23 11.23
C ALA A 22 23.63 -16.60 9.77
N PRO A 23 22.98 -17.69 9.31
CA PRO A 23 23.13 -18.15 7.94
C PRO A 23 22.35 -17.25 6.97
N GLY A 24 22.98 -16.96 5.84
CA GLY A 24 22.36 -16.12 4.84
C GLY A 24 23.19 -14.85 4.60
N ASN A 25 23.51 -14.18 5.71
CA ASN A 25 24.29 -12.96 5.63
C ASN A 25 25.78 -13.31 5.53
N MET A 26 26.50 -12.47 4.82
CA MET A 26 27.93 -12.68 4.63
C MET A 26 28.70 -11.36 4.78
N LEU A 27 30.00 -11.50 4.96
CA LEU A 27 30.86 -10.34 5.12
C LEU A 27 30.48 -9.29 4.08
N GLY A 28 29.73 -8.30 4.54
CA GLY A 28 29.29 -7.22 3.67
C GLY A 28 27.83 -6.82 3.97
N SER A 29 27.16 -7.69 4.70
CA SER A 29 25.77 -7.44 5.07
C SER A 29 25.71 -6.41 6.20
N PHE A 30 24.92 -5.38 5.96
CA PHE A 30 24.76 -4.31 6.93
C PHE A 30 23.30 -4.19 7.38
N MET A 31 23.12 -3.64 8.57
CA MET A 31 21.79 -3.46 9.12
C MET A 31 21.73 -2.21 10.00
N ILE A 32 20.54 -1.62 10.05
CA ILE A 32 20.33 -0.42 10.84
C ILE A 32 19.23 -0.69 11.87
N ARG A 33 19.43 -0.14 13.06
CA ARG A 33 18.47 -0.31 14.14
C ARG A 33 18.49 0.90 15.07
N ASP A 34 17.44 1.02 15.86
CA ASP A 34 17.33 2.12 16.81
C ASP A 34 17.89 1.69 18.16
N SER A 35 18.23 2.68 18.97
CA SER A 35 18.78 2.41 20.29
C SER A 35 17.73 1.71 21.16
N GLU A 36 18.23 0.87 22.05
CA GLU A 36 17.36 0.13 22.94
C GLU A 36 17.28 0.82 24.30
N THR A 37 18.43 1.24 24.79
CA THR A 37 18.50 1.91 26.08
C THR A 37 18.44 3.42 25.89
N THR A 38 19.31 3.92 25.02
CA THR A 38 19.35 5.35 24.74
C THR A 38 18.44 5.70 23.56
N LYS A 39 17.14 5.58 23.81
CA LYS A 39 16.15 5.88 22.79
C LYS A 39 16.44 7.26 22.20
N GLY A 40 16.05 7.43 20.94
CA GLY A 40 16.25 8.70 20.26
C GLY A 40 17.50 8.66 19.39
N SER A 41 18.37 7.69 19.69
CA SER A 41 19.60 7.54 18.94
C SER A 41 19.55 6.25 18.12
N TYR A 42 20.27 6.26 17.01
CA TYR A 42 20.32 5.10 16.14
C TYR A 42 21.67 4.38 16.24
N SER A 43 21.70 3.14 15.78
CA SER A 43 22.91 2.34 15.83
C SER A 43 23.01 1.48 14.58
N LEU A 44 24.10 1.66 13.85
CA LEU A 44 24.33 0.90 12.63
C LEU A 44 25.24 -0.29 12.94
N SER A 45 25.04 -1.36 12.18
CA SER A 45 25.83 -2.56 12.36
C SER A 45 26.22 -3.14 11.00
N VAL A 46 27.51 -3.41 10.87
CA VAL A 46 28.03 -3.97 9.62
C VAL A 46 29.03 -5.09 9.94
N ARG A 47 29.06 -6.08 9.06
CA ARG A 47 29.96 -7.21 9.24
C ARG A 47 31.39 -6.81 8.88
N ASP A 48 32.33 -7.36 9.64
CA ASP A 48 33.74 -7.08 9.41
C ASP A 48 34.57 -8.29 9.81
N TYR A 49 35.82 -8.28 9.37
CA TYR A 49 36.74 -9.37 9.67
C TYR A 49 38.09 -8.83 10.15
N ASP A 50 38.74 -9.64 10.98
CA ASP A 50 40.05 -9.26 11.51
C ASP A 50 41.00 -10.46 11.40
N PRO A 51 42.30 -10.13 11.12
CA PRO A 51 43.31 -11.16 11.00
C PRO A 51 43.70 -11.72 12.36
N ARG A 52 43.16 -11.09 13.41
CA ARG A 52 43.45 -11.53 14.77
C ARG A 52 42.29 -12.36 15.31
N GLN A 53 41.12 -11.72 15.38
CA GLN A 53 39.93 -12.39 15.88
C GLN A 53 39.30 -13.24 14.78
N GLY A 54 38.91 -12.57 13.70
CA GLY A 54 38.28 -13.24 12.58
C GLY A 54 36.98 -12.56 12.18
N ASP A 55 35.96 -13.38 11.98
CA ASP A 55 34.65 -12.87 11.60
C ASP A 55 34.04 -12.11 12.78
N THR A 56 34.00 -10.80 12.65
CA THR A 56 33.45 -9.95 13.69
C THR A 56 32.35 -9.05 13.12
N VAL A 57 31.65 -8.38 14.03
CA VAL A 57 30.57 -7.49 13.63
C VAL A 57 30.79 -6.12 14.27
N LYS A 58 30.84 -5.11 13.42
CA LYS A 58 31.04 -3.74 13.88
C LYS A 58 29.69 -3.10 14.17
N HIS A 59 29.73 -2.06 14.99
CA HIS A 59 28.51 -1.35 15.35
C HIS A 59 28.82 0.14 15.52
N TYR A 60 28.27 0.94 14.63
CA TYR A 60 28.47 2.38 14.67
C TYR A 60 27.28 3.09 15.31
N LYS A 61 27.56 4.25 15.89
CA LYS A 61 26.51 5.02 16.55
C LYS A 61 26.10 6.17 15.63
N ILE A 62 24.81 6.21 15.33
CA ILE A 62 24.27 7.25 14.47
C ILE A 62 23.71 8.38 15.33
N ARG A 63 24.40 9.50 15.32
CA ARG A 63 23.99 10.66 16.08
C ARG A 63 23.08 11.56 15.24
N THR A 64 22.27 12.34 15.94
CA THR A 64 21.35 13.25 15.26
C THR A 64 21.92 14.67 15.24
N LEU A 65 21.46 15.45 14.28
CA LEU A 65 21.92 16.82 14.14
C LEU A 65 21.14 17.71 15.11
N ASP A 66 21.35 19.01 14.97
CA ASP A 66 20.68 19.97 15.82
C ASP A 66 19.18 19.69 15.83
N ASN A 67 18.57 19.93 14.68
CA ASN A 67 17.14 19.69 14.54
C ASN A 67 16.85 19.10 13.16
N GLY A 68 17.49 17.96 12.90
CA GLY A 68 17.32 17.28 11.63
C GLY A 68 18.68 16.92 11.01
N GLY A 69 18.84 15.63 10.72
CA GLY A 69 20.08 15.16 10.14
C GLY A 69 20.73 14.08 11.00
N PHE A 70 21.24 13.06 10.35
CA PHE A 70 21.88 11.95 11.05
C PHE A 70 23.30 11.72 10.53
N TYR A 71 24.24 11.75 11.45
CA TYR A 71 25.65 11.55 11.09
C TYR A 71 26.32 10.59 12.07
N ILE A 72 27.23 9.80 11.53
CA ILE A 72 27.96 8.83 12.34
C ILE A 72 29.33 9.41 12.70
N SER A 73 30.00 9.94 11.68
CA SER A 73 31.32 10.52 11.88
C SER A 73 31.27 12.04 11.63
N PRO A 74 32.10 12.78 12.40
CA PRO A 74 32.16 14.22 12.28
C PRO A 74 32.91 14.63 11.01
N ARG A 75 32.43 14.12 9.88
CA ARG A 75 33.04 14.43 8.60
C ARG A 75 31.96 14.68 7.54
N SER A 76 31.20 13.63 7.27
CA SER A 76 30.14 13.72 6.29
C SER A 76 28.79 13.35 6.93
N THR A 77 27.92 14.35 6.99
CA THR A 77 26.60 14.14 7.57
C THR A 77 25.55 13.97 6.48
N PHE A 78 24.38 13.49 6.88
CA PHE A 78 23.29 13.28 5.96
C PHE A 78 21.96 13.76 6.54
N SER A 79 21.15 14.36 5.69
CA SER A 79 19.85 14.86 6.10
C SER A 79 18.86 13.70 6.23
N THR A 80 19.13 12.65 5.49
CA THR A 80 18.26 11.48 5.51
C THR A 80 19.11 10.20 5.62
N LEU A 81 18.49 9.17 6.18
CA LEU A 81 19.16 7.89 6.34
C LEU A 81 19.23 7.17 5.00
N GLN A 82 18.28 7.52 4.14
CA GLN A 82 18.22 6.92 2.82
C GLN A 82 19.42 7.35 1.97
N GLU A 83 19.87 8.57 2.22
CA GLU A 83 21.01 9.12 1.50
C GLU A 83 22.32 8.60 2.11
N LEU A 84 22.24 8.27 3.39
CA LEU A 84 23.41 7.77 4.10
C LEU A 84 23.67 6.32 3.69
N VAL A 85 22.58 5.60 3.46
CA VAL A 85 22.68 4.20 3.06
C VAL A 85 23.11 4.12 1.60
N ASP A 86 22.73 5.16 0.85
CA ASP A 86 23.08 5.21 -0.56
C ASP A 86 24.54 5.66 -0.71
N HIS A 87 24.95 6.54 0.19
CA HIS A 87 26.30 7.04 0.17
C HIS A 87 27.28 5.93 0.58
N TYR A 88 26.82 5.10 1.50
CA TYR A 88 27.64 4.00 1.98
C TYR A 88 27.67 2.86 0.96
N LYS A 89 26.65 2.82 0.13
CA LYS A 89 26.55 1.79 -0.90
C LYS A 89 27.52 2.12 -2.04
N LYS A 90 27.78 3.41 -2.21
CA LYS A 90 28.68 3.87 -3.25
C LYS A 90 30.12 3.71 -2.77
N GLY A 91 30.30 3.79 -1.47
CA GLY A 91 31.62 3.65 -0.87
C GLY A 91 31.56 3.82 0.65
N ASN A 92 32.45 3.12 1.33
CA ASN A 92 32.50 3.18 2.78
C ASN A 92 32.42 4.65 3.22
N ASP A 93 33.26 5.46 2.61
CA ASP A 93 33.29 6.88 2.94
C ASP A 93 33.15 7.06 4.44
N GLY A 94 33.97 6.33 5.17
CA GLY A 94 33.95 6.40 6.62
C GLY A 94 34.02 5.00 7.25
N LEU A 95 33.13 4.13 6.77
CA LEU A 95 33.08 2.77 7.26
C LEU A 95 34.39 2.06 6.93
N CYS A 96 34.52 0.84 7.43
CA CYS A 96 35.71 0.05 7.19
C CYS A 96 35.66 -0.45 5.74
N GLN A 97 34.47 -0.82 5.31
CA GLN A 97 34.28 -1.31 3.95
C GLN A 97 32.92 -0.86 3.41
N LYS A 98 32.88 -0.68 2.10
CA LYS A 98 31.64 -0.26 1.45
C LYS A 98 30.53 -1.26 1.78
N LEU A 99 29.31 -0.86 1.50
CA LEU A 99 28.16 -1.70 1.76
C LEU A 99 27.90 -2.61 0.55
N SER A 100 27.64 -3.88 0.85
CA SER A 100 27.39 -4.85 -0.19
C SER A 100 25.87 -5.03 -0.39
N VAL A 101 25.28 -5.77 0.54
CA VAL A 101 23.85 -6.02 0.47
C VAL A 101 23.23 -5.80 1.85
N PRO A 102 21.93 -5.42 1.85
CA PRO A 102 21.22 -5.17 3.09
C PRO A 102 20.88 -6.48 3.81
N CYS A 103 20.70 -6.38 5.12
CA CYS A 103 20.37 -7.55 5.91
C CYS A 103 19.31 -8.37 5.16
N MET A 104 19.23 -9.64 5.51
CA MET A 104 18.27 -10.53 4.88
C MET A 104 17.09 -10.81 5.81
N SER A 105 15.96 -11.12 5.19
CA SER A 105 14.76 -11.42 5.95
C SER A 105 14.85 -12.82 6.56
N SER A 106 15.24 -12.86 7.82
CA SER A 106 15.37 -14.11 8.53
C SER A 106 15.29 -13.89 10.04
N LYS A 107 15.21 -14.98 10.77
CA LYS A 107 15.13 -14.92 12.22
C LYS A 107 16.34 -15.62 12.83
N MET A 1 4.79 -2.58 0.47
CA MET A 1 4.61 -3.49 -0.66
C MET A 1 3.13 -3.58 -1.06
N GLU A 2 2.90 -3.52 -2.36
CA GLU A 2 1.54 -3.60 -2.88
C GLU A 2 1.57 -3.60 -4.42
N THR A 3 0.89 -4.58 -4.99
CA THR A 3 0.82 -4.71 -6.43
C THR A 3 -0.60 -5.06 -6.87
N GLU A 4 -0.78 -5.10 -8.18
CA GLU A 4 -2.07 -5.43 -8.74
C GLU A 4 -2.01 -6.75 -9.51
N GLU A 5 -2.73 -7.74 -9.00
CA GLU A 5 -2.76 -9.05 -9.62
C GLU A 5 -4.19 -9.40 -10.04
N TRP A 6 -4.82 -8.46 -10.73
CA TRP A 6 -6.18 -8.65 -11.19
C TRP A 6 -6.12 -9.38 -12.53
N PHE A 7 -4.96 -9.31 -13.16
CA PHE A 7 -4.75 -9.95 -14.45
C PHE A 7 -4.06 -11.30 -14.28
N PHE A 8 -4.58 -12.29 -14.99
CA PHE A 8 -4.02 -13.64 -14.94
C PHE A 8 -3.53 -14.08 -16.31
N LYS A 9 -2.66 -15.08 -16.30
CA LYS A 9 -2.11 -15.62 -17.54
C LYS A 9 -2.51 -17.09 -17.67
N GLY A 10 -2.63 -17.52 -18.92
CA GLY A 10 -3.00 -18.90 -19.19
C GLY A 10 -4.11 -19.37 -18.25
N ILE A 11 -5.21 -18.63 -18.26
CA ILE A 11 -6.34 -18.97 -17.42
C ILE A 11 -7.50 -19.46 -18.29
N SER A 12 -8.47 -20.08 -17.64
CA SER A 12 -9.63 -20.61 -18.34
C SER A 12 -10.89 -19.88 -17.87
N ARG A 13 -11.97 -20.11 -18.59
CA ARG A 13 -13.24 -19.49 -18.26
C ARG A 13 -13.92 -20.24 -17.11
N LYS A 14 -13.59 -21.52 -17.01
CA LYS A 14 -14.14 -22.35 -15.96
C LYS A 14 -13.33 -22.18 -14.67
N ASP A 15 -12.03 -22.00 -14.86
CA ASP A 15 -11.12 -21.82 -13.73
C ASP A 15 -11.30 -20.42 -13.16
N ALA A 16 -11.56 -19.47 -14.05
CA ALA A 16 -11.75 -18.09 -13.67
C ALA A 16 -13.09 -17.96 -12.92
N GLU A 17 -14.05 -18.76 -13.35
CA GLU A 17 -15.37 -18.75 -12.75
C GLU A 17 -15.33 -19.43 -11.38
N ARG A 18 -14.34 -20.29 -11.20
CA ARG A 18 -14.18 -21.01 -9.95
C ARG A 18 -13.49 -20.12 -8.92
N GLN A 19 -12.48 -19.39 -9.39
CA GLN A 19 -11.73 -18.50 -8.50
C GLN A 19 -12.65 -17.46 -7.90
N LEU A 20 -13.53 -16.92 -8.73
CA LEU A 20 -14.47 -15.91 -8.28
C LEU A 20 -15.49 -16.55 -7.33
N LEU A 21 -16.09 -17.63 -7.80
CA LEU A 21 -17.08 -18.35 -7.01
C LEU A 21 -16.43 -18.82 -5.71
N ALA A 22 -15.11 -18.94 -5.74
CA ALA A 22 -14.37 -19.37 -4.58
C ALA A 22 -14.71 -18.48 -3.39
N PRO A 23 -14.40 -19.00 -2.17
CA PRO A 23 -14.67 -18.26 -0.95
C PRO A 23 -13.67 -17.12 -0.76
N GLY A 24 -12.50 -17.30 -1.34
CA GLY A 24 -11.45 -16.30 -1.24
C GLY A 24 -11.92 -14.96 -1.82
N ASN A 25 -12.84 -15.05 -2.77
CA ASN A 25 -13.37 -13.86 -3.40
C ASN A 25 -14.85 -13.73 -3.06
N MET A 26 -15.37 -12.52 -3.28
CA MET A 26 -16.78 -12.26 -2.99
C MET A 26 -17.33 -11.17 -3.91
N LEU A 27 -18.64 -11.08 -3.94
CA LEU A 27 -19.30 -10.09 -4.78
C LEU A 27 -18.53 -8.78 -4.72
N GLY A 28 -18.06 -8.34 -5.88
CA GLY A 28 -17.30 -7.11 -5.98
C GLY A 28 -15.91 -7.36 -6.56
N SER A 29 -15.46 -8.60 -6.41
CA SER A 29 -14.15 -8.98 -6.92
C SER A 29 -14.20 -9.12 -8.44
N PHE A 30 -13.25 -8.47 -9.09
CA PHE A 30 -13.17 -8.52 -10.54
C PHE A 30 -11.82 -9.05 -11.00
N MET A 31 -11.81 -9.60 -12.21
CA MET A 31 -10.60 -10.16 -12.78
C MET A 31 -10.57 -9.99 -14.30
N ILE A 32 -9.37 -9.86 -14.83
CA ILE A 32 -9.19 -9.71 -16.26
C ILE A 32 -8.29 -10.82 -16.80
N ARG A 33 -8.70 -11.38 -17.92
CA ARG A 33 -7.94 -12.45 -18.54
C ARG A 33 -7.91 -12.27 -20.06
N ASP A 34 -7.17 -13.15 -20.71
CA ASP A 34 -7.03 -13.09 -22.16
C ASP A 34 -8.04 -14.05 -22.80
N SER A 35 -8.40 -13.74 -24.04
CA SER A 35 -9.34 -14.56 -24.77
C SER A 35 -8.80 -15.99 -24.92
N GLU A 36 -9.65 -16.86 -25.45
CA GLU A 36 -9.27 -18.25 -25.65
C GLU A 36 -9.35 -18.61 -27.14
N THR A 37 -10.56 -18.50 -27.66
CA THR A 37 -10.79 -18.81 -29.07
C THR A 37 -10.48 -17.60 -29.94
N THR A 38 -10.63 -16.42 -29.34
CA THR A 38 -10.37 -15.18 -30.05
C THR A 38 -9.12 -14.50 -29.50
N LYS A 39 -7.98 -15.15 -29.72
CA LYS A 39 -6.71 -14.62 -29.26
C LYS A 39 -6.55 -13.19 -29.74
N GLY A 40 -5.88 -12.39 -28.93
CA GLY A 40 -5.64 -10.99 -29.27
C GLY A 40 -6.63 -10.08 -28.54
N SER A 41 -7.71 -10.69 -28.06
CA SER A 41 -8.73 -9.95 -27.33
C SER A 41 -8.69 -10.31 -25.85
N TYR A 42 -9.32 -9.46 -25.05
CA TYR A 42 -9.36 -9.67 -23.61
C TYR A 42 -10.80 -9.85 -23.14
N SER A 43 -10.95 -10.59 -22.05
CA SER A 43 -12.25 -10.85 -21.48
C SER A 43 -12.24 -10.56 -19.98
N LEU A 44 -13.17 -9.71 -19.56
CA LEU A 44 -13.28 -9.34 -18.16
C LEU A 44 -14.30 -10.24 -17.47
N SER A 45 -14.03 -10.53 -16.20
CA SER A 45 -14.92 -11.37 -15.42
C SER A 45 -15.10 -10.80 -14.02
N VAL A 46 -16.36 -10.58 -13.67
CA VAL A 46 -16.68 -10.03 -12.35
C VAL A 46 -17.79 -10.87 -11.72
N ARG A 47 -17.74 -10.94 -10.40
CA ARG A 47 -18.73 -11.70 -9.66
C ARG A 47 -20.02 -10.90 -9.49
N ASP A 48 -21.13 -11.59 -9.64
CA ASP A 48 -22.43 -10.94 -9.51
C ASP A 48 -23.44 -11.95 -8.94
N TYR A 49 -24.53 -11.41 -8.41
CA TYR A 49 -25.57 -12.24 -7.83
C TYR A 49 -26.95 -11.84 -8.36
N ASP A 50 -27.84 -12.81 -8.38
CA ASP A 50 -29.19 -12.58 -8.86
C ASP A 50 -30.19 -13.05 -7.80
N PRO A 51 -31.30 -12.27 -7.66
CA PRO A 51 -32.33 -12.59 -6.69
C PRO A 51 -33.18 -13.76 -7.17
N ARG A 52 -32.87 -14.24 -8.37
CA ARG A 52 -33.59 -15.35 -8.95
C ARG A 52 -32.75 -16.63 -8.87
N GLN A 53 -31.60 -16.58 -9.51
CA GLN A 53 -30.70 -17.72 -9.51
C GLN A 53 -29.86 -17.74 -8.24
N GLY A 54 -29.14 -16.65 -8.02
CA GLY A 54 -28.30 -16.53 -6.84
C GLY A 54 -26.89 -16.06 -7.22
N ASP A 55 -25.92 -16.89 -6.89
CA ASP A 55 -24.53 -16.57 -7.18
C ASP A 55 -24.28 -16.79 -8.67
N THR A 56 -23.63 -15.81 -9.28
CA THR A 56 -23.32 -15.88 -10.69
C THR A 56 -22.03 -15.11 -10.99
N VAL A 57 -21.54 -15.30 -12.21
CA VAL A 57 -20.32 -14.63 -12.64
C VAL A 57 -20.52 -14.05 -14.04
N LYS A 58 -20.33 -12.75 -14.15
CA LYS A 58 -20.49 -12.06 -15.42
C LYS A 58 -19.15 -12.04 -16.14
N HIS A 59 -19.23 -11.98 -17.47
CA HIS A 59 -18.03 -11.96 -18.30
C HIS A 59 -18.23 -10.97 -19.45
N TYR A 60 -17.42 -9.93 -19.43
CA TYR A 60 -17.50 -8.91 -20.47
C TYR A 60 -16.35 -9.07 -21.47
N LYS A 61 -16.48 -8.37 -22.60
CA LYS A 61 -15.47 -8.43 -23.64
C LYS A 61 -14.68 -7.12 -23.63
N ILE A 62 -13.43 -7.23 -24.07
CA ILE A 62 -12.56 -6.06 -24.12
C ILE A 62 -11.86 -6.01 -25.48
N ARG A 63 -12.32 -5.07 -26.30
CA ARG A 63 -11.75 -4.91 -27.63
C ARG A 63 -10.72 -3.78 -27.63
N THR A 64 -9.79 -3.87 -28.57
CA THR A 64 -8.74 -2.88 -28.69
C THR A 64 -9.02 -1.96 -29.88
N LEU A 65 -8.43 -0.77 -29.81
CA LEU A 65 -8.61 0.21 -30.87
C LEU A 65 -7.36 0.22 -31.76
N ASP A 66 -7.58 0.55 -33.02
CA ASP A 66 -6.48 0.59 -33.98
C ASP A 66 -5.39 1.52 -33.46
N ASN A 67 -5.81 2.71 -33.04
CA ASN A 67 -4.88 3.69 -32.50
C ASN A 67 -5.38 4.18 -31.15
N GLY A 68 -5.43 3.26 -30.20
CA GLY A 68 -5.89 3.59 -28.85
C GLY A 68 -5.39 2.56 -27.84
N GLY A 69 -6.33 1.96 -27.14
CA GLY A 69 -6.00 0.96 -26.14
C GLY A 69 -7.05 -0.15 -26.11
N PHE A 70 -7.89 -0.11 -25.08
CA PHE A 70 -8.94 -1.10 -24.92
C PHE A 70 -10.22 -0.45 -24.39
N TYR A 71 -11.34 -0.88 -24.97
CA TYR A 71 -12.63 -0.36 -24.58
C TYR A 71 -13.67 -1.49 -24.47
N ILE A 72 -14.62 -1.30 -23.56
CA ILE A 72 -15.66 -2.28 -23.35
C ILE A 72 -16.96 -1.78 -23.97
N SER A 73 -17.27 -0.51 -23.70
CA SER A 73 -18.48 0.09 -24.22
C SER A 73 -18.11 1.22 -25.20
N PRO A 74 -18.96 1.37 -26.24
CA PRO A 74 -18.74 2.41 -27.25
C PRO A 74 -19.10 3.79 -26.69
N ARG A 75 -18.48 4.13 -25.58
CA ARG A 75 -18.73 5.42 -24.95
C ARG A 75 -17.40 6.05 -24.49
N SER A 76 -16.78 5.40 -23.52
CA SER A 76 -15.52 5.87 -23.00
C SER A 76 -14.46 4.77 -23.07
N THR A 77 -13.43 5.04 -23.87
CA THR A 77 -12.36 4.08 -24.04
C THR A 77 -11.15 4.47 -23.18
N PHE A 78 -10.21 3.54 -23.07
CA PHE A 78 -9.01 3.78 -22.30
C PHE A 78 -7.76 3.28 -23.03
N SER A 79 -6.66 3.96 -22.79
CA SER A 79 -5.40 3.62 -23.42
C SER A 79 -4.76 2.44 -22.68
N THR A 80 -5.11 2.31 -21.41
CA THR A 80 -4.59 1.24 -20.58
C THR A 80 -5.71 0.56 -19.79
N LEU A 81 -5.50 -0.71 -19.48
CA LEU A 81 -6.47 -1.47 -18.74
C LEU A 81 -6.45 -1.04 -17.27
N GLN A 82 -5.32 -0.48 -16.88
CA GLN A 82 -5.15 -0.02 -15.51
C GLN A 82 -5.98 1.24 -15.26
N GLU A 83 -6.17 2.01 -16.33
CA GLU A 83 -6.95 3.23 -16.25
C GLU A 83 -8.44 2.93 -16.36
N LEU A 84 -8.73 1.79 -17.00
CA LEU A 84 -10.11 1.37 -17.19
C LEU A 84 -10.63 0.73 -15.90
N VAL A 85 -9.69 0.13 -15.16
CA VAL A 85 -10.04 -0.52 -13.91
C VAL A 85 -10.22 0.54 -12.82
N ASP A 86 -9.41 1.56 -12.91
CA ASP A 86 -9.47 2.65 -11.93
C ASP A 86 -10.82 3.36 -12.06
N HIS A 87 -11.19 3.63 -13.30
CA HIS A 87 -12.45 4.31 -13.56
C HIS A 87 -13.61 3.41 -13.14
N TYR A 88 -13.37 2.12 -13.20
CA TYR A 88 -14.39 1.15 -12.81
C TYR A 88 -14.44 0.98 -11.29
N LYS A 89 -13.39 1.45 -10.64
CA LYS A 89 -13.31 1.37 -9.20
C LYS A 89 -14.03 2.55 -8.57
N LYS A 90 -14.12 3.63 -9.34
CA LYS A 90 -14.78 4.84 -8.87
C LYS A 90 -16.28 4.72 -9.15
N GLY A 91 -16.61 3.96 -10.19
CA GLY A 91 -17.99 3.76 -10.57
C GLY A 91 -18.11 2.78 -11.74
N ASN A 92 -19.24 2.09 -11.77
CA ASN A 92 -19.48 1.11 -12.82
C ASN A 92 -19.48 1.82 -14.18
N ASP A 93 -20.19 2.93 -14.24
CA ASP A 93 -20.27 3.71 -15.46
C ASP A 93 -20.39 2.76 -16.66
N GLY A 94 -21.35 1.85 -16.56
CA GLY A 94 -21.58 0.88 -17.61
C GLY A 94 -21.88 -0.50 -17.03
N LEU A 95 -21.11 -0.87 -16.02
CA LEU A 95 -21.28 -2.15 -15.37
C LEU A 95 -22.53 -2.11 -14.48
N CYS A 96 -22.92 -3.28 -14.00
CA CYS A 96 -24.09 -3.39 -13.14
C CYS A 96 -23.68 -2.98 -11.72
N GLN A 97 -22.49 -3.40 -11.34
CA GLN A 97 -21.97 -3.08 -10.02
C GLN A 97 -20.53 -2.56 -10.12
N LYS A 98 -20.25 -1.55 -9.30
CA LYS A 98 -18.93 -0.95 -9.29
C LYS A 98 -17.91 -1.99 -8.81
N LEU A 99 -16.66 -1.72 -9.13
CA LEU A 99 -15.58 -2.62 -8.75
C LEU A 99 -15.23 -2.38 -7.27
N SER A 100 -14.83 -3.46 -6.61
CA SER A 100 -14.47 -3.39 -5.20
C SER A 100 -12.97 -3.63 -5.04
N VAL A 101 -12.61 -4.91 -5.09
CA VAL A 101 -11.22 -5.28 -4.95
C VAL A 101 -10.83 -6.22 -6.10
N PRO A 102 -9.50 -6.18 -6.44
CA PRO A 102 -9.00 -7.01 -7.51
C PRO A 102 -8.87 -8.47 -7.07
N CYS A 103 -9.02 -9.36 -8.05
CA CYS A 103 -8.93 -10.79 -7.77
C CYS A 103 -7.75 -11.02 -6.82
N MET A 104 -7.81 -12.16 -6.14
CA MET A 104 -6.75 -12.51 -5.20
C MET A 104 -5.77 -13.50 -5.82
N SER A 105 -4.55 -13.50 -5.30
CA SER A 105 -3.52 -14.39 -5.79
C SER A 105 -2.68 -14.92 -4.62
N SER A 106 -2.66 -16.24 -4.50
CA SER A 106 -1.90 -16.88 -3.43
C SER A 106 -0.99 -17.96 -4.02
N LYS A 107 0.28 -17.89 -3.63
CA LYS A 107 1.25 -18.85 -4.11
C LYS A 107 2.56 -18.68 -3.31
N MET A 1 4.79 -2.58 0.47
CA MET A 1 4.61 -3.49 -0.66
C MET A 1 3.50 -2.98 -1.59
N GLU A 2 3.90 -2.19 -2.56
CA GLU A 2 2.97 -1.64 -3.52
C GLU A 2 1.86 -0.87 -2.81
N THR A 3 2.08 0.43 -2.66
CA THR A 3 1.12 1.28 -1.99
C THR A 3 1.00 2.63 -2.72
N GLU A 4 0.23 3.52 -2.12
CA GLU A 4 0.04 4.85 -2.70
C GLU A 4 1.08 5.82 -2.15
N GLU A 5 1.90 6.32 -3.06
CA GLU A 5 2.94 7.26 -2.70
C GLU A 5 2.71 8.61 -3.38
N TRP A 6 1.48 9.10 -3.24
CA TRP A 6 1.12 10.37 -3.85
C TRP A 6 1.51 11.48 -2.87
N PHE A 7 1.70 11.09 -1.63
CA PHE A 7 2.08 12.03 -0.58
C PHE A 7 3.60 12.08 -0.41
N PHE A 8 4.13 13.29 -0.50
CA PHE A 8 5.57 13.49 -0.36
C PHE A 8 5.89 14.23 0.95
N LYS A 9 7.06 13.91 1.49
CA LYS A 9 7.50 14.53 2.73
C LYS A 9 8.62 15.52 2.43
N GLY A 10 8.70 16.56 3.25
CA GLY A 10 9.72 17.57 3.08
C GLY A 10 9.95 17.88 1.60
N ILE A 11 8.90 18.38 0.97
CA ILE A 11 8.97 18.72 -0.45
C ILE A 11 8.95 20.25 -0.60
N SER A 12 9.38 20.69 -1.77
CA SER A 12 9.41 22.12 -2.06
C SER A 12 8.36 22.47 -3.11
N ARG A 13 7.93 23.72 -3.08
CA ARG A 13 6.92 24.20 -4.01
C ARG A 13 7.50 24.25 -5.43
N LYS A 14 8.80 24.44 -5.51
CA LYS A 14 9.48 24.51 -6.79
C LYS A 14 9.70 23.10 -7.32
N ASP A 15 10.08 22.21 -6.40
CA ASP A 15 10.33 20.83 -6.77
C ASP A 15 9.02 20.18 -7.24
N ALA A 16 7.98 20.37 -6.44
CA ALA A 16 6.68 19.83 -6.77
C ALA A 16 6.23 20.37 -8.13
N GLU A 17 6.62 21.60 -8.39
CA GLU A 17 6.26 22.24 -9.65
C GLU A 17 7.09 21.64 -10.80
N ARG A 18 8.20 21.03 -10.43
CA ARG A 18 9.08 20.43 -11.41
C ARG A 18 8.68 18.97 -11.66
N GLN A 19 8.13 18.36 -10.62
CA GLN A 19 7.70 16.96 -10.72
C GLN A 19 6.38 16.87 -11.49
N LEU A 20 5.59 17.93 -11.40
CA LEU A 20 4.32 17.98 -12.08
C LEU A 20 4.54 18.39 -13.54
N LEU A 21 5.28 19.47 -13.71
CA LEU A 21 5.58 19.98 -15.05
C LEU A 21 6.52 19.01 -15.76
N ALA A 22 7.09 18.10 -14.97
CA ALA A 22 8.01 17.11 -15.51
C ALA A 22 7.30 16.32 -16.62
N PRO A 23 8.14 15.64 -17.46
CA PRO A 23 7.61 14.85 -18.56
C PRO A 23 7.00 13.54 -18.05
N GLY A 24 7.50 13.09 -16.91
CA GLY A 24 7.01 11.86 -16.31
C GLY A 24 5.50 11.93 -16.08
N ASN A 25 5.04 13.08 -15.61
CA ASN A 25 3.64 13.28 -15.34
C ASN A 25 3.02 14.08 -16.50
N MET A 26 1.70 14.18 -16.46
CA MET A 26 0.97 14.91 -17.49
C MET A 26 -0.35 15.46 -16.95
N LEU A 27 -0.89 16.44 -17.65
CA LEU A 27 -2.14 17.05 -17.26
C LEU A 27 -3.10 15.97 -16.75
N GLY A 28 -3.30 15.96 -15.45
CA GLY A 28 -4.19 14.99 -14.83
C GLY A 28 -3.54 14.36 -13.59
N SER A 29 -2.23 14.52 -13.51
CA SER A 29 -1.48 13.98 -12.38
C SER A 29 -1.64 14.89 -11.16
N PHE A 30 -1.98 14.26 -10.04
CA PHE A 30 -2.17 14.99 -8.80
C PHE A 30 -1.20 14.52 -7.72
N MET A 31 -0.94 15.40 -6.77
CA MET A 31 -0.04 15.08 -5.67
C MET A 31 -0.41 15.86 -4.42
N ILE A 32 -0.07 15.27 -3.27
CA ILE A 32 -0.36 15.91 -2.00
C ILE A 32 0.94 16.05 -1.20
N ARG A 33 1.01 17.12 -0.43
CA ARG A 33 2.19 17.38 0.39
C ARG A 33 1.81 18.18 1.64
N ASP A 34 2.51 17.89 2.72
CA ASP A 34 2.26 18.58 3.97
C ASP A 34 3.10 19.85 4.05
N SER A 35 2.67 20.76 4.91
CA SER A 35 3.38 22.02 5.07
C SER A 35 4.72 21.77 5.78
N GLU A 36 5.60 22.76 5.65
CA GLU A 36 6.92 22.67 6.25
C GLU A 36 7.03 23.63 7.44
N THR A 37 6.46 24.81 7.26
CA THR A 37 6.49 25.82 8.30
C THR A 37 5.25 25.69 9.19
N THR A 38 4.11 25.95 8.60
CA THR A 38 2.84 25.86 9.32
C THR A 38 2.36 24.41 9.39
N LYS A 39 3.12 23.60 10.10
CA LYS A 39 2.78 22.20 10.25
C LYS A 39 1.30 22.08 10.62
N GLY A 40 0.73 20.92 10.29
CA GLY A 40 -0.67 20.66 10.59
C GLY A 40 -1.55 20.98 9.38
N SER A 41 -1.00 21.78 8.48
CA SER A 41 -1.72 22.17 7.28
C SER A 41 -1.16 21.43 6.06
N TYR A 42 -2.06 21.06 5.17
CA TYR A 42 -1.66 20.35 3.96
C TYR A 42 -1.91 21.20 2.71
N SER A 43 -1.22 20.84 1.65
CA SER A 43 -1.36 21.56 0.39
C SER A 43 -1.34 20.58 -0.78
N LEU A 44 -2.42 20.60 -1.55
CA LEU A 44 -2.55 19.72 -2.70
C LEU A 44 -2.04 20.44 -3.95
N SER A 45 -1.51 19.65 -4.87
CA SER A 45 -0.99 20.21 -6.11
C SER A 45 -1.39 19.31 -7.29
N VAL A 46 -2.00 19.95 -8.28
CA VAL A 46 -2.44 19.23 -9.46
C VAL A 46 -2.01 19.99 -10.71
N ARG A 47 -1.71 19.25 -11.76
CA ARG A 47 -1.28 19.83 -13.01
C ARG A 47 -2.47 20.41 -13.77
N ASP A 48 -2.27 21.59 -14.34
CA ASP A 48 -3.33 22.25 -15.08
C ASP A 48 -2.70 23.05 -16.23
N TYR A 49 -3.55 23.39 -17.20
CA TYR A 49 -3.09 24.15 -18.35
C TYR A 49 -4.06 25.28 -18.67
N ASP A 50 -3.55 26.26 -19.40
CA ASP A 50 -4.37 27.41 -19.78
C ASP A 50 -4.18 27.68 -21.28
N PRO A 51 -5.29 28.10 -21.93
CA PRO A 51 -5.26 28.40 -23.35
C PRO A 51 -4.57 29.74 -23.62
N ARG A 52 -4.24 30.42 -22.52
CA ARG A 52 -3.58 31.72 -22.62
C ARG A 52 -2.10 31.58 -22.26
N GLN A 53 -1.86 31.11 -21.06
CA GLN A 53 -0.50 30.93 -20.57
C GLN A 53 0.10 29.63 -21.14
N GLY A 54 -0.55 28.53 -20.79
CA GLY A 54 -0.10 27.22 -21.24
C GLY A 54 -0.03 26.23 -20.09
N ASP A 55 1.18 25.73 -19.85
CA ASP A 55 1.40 24.78 -18.77
C ASP A 55 1.38 25.51 -17.43
N THR A 56 0.63 24.94 -16.50
CA THR A 56 0.51 25.53 -15.17
C THR A 56 0.31 24.43 -14.12
N VAL A 57 0.37 24.85 -12.86
CA VAL A 57 0.20 23.92 -11.76
C VAL A 57 -0.67 24.58 -10.68
N LYS A 58 -1.78 23.92 -10.37
CA LYS A 58 -2.70 24.42 -9.38
C LYS A 58 -2.31 23.85 -8.00
N HIS A 59 -2.49 24.69 -6.98
CA HIS A 59 -2.16 24.29 -5.63
C HIS A 59 -3.31 24.67 -4.68
N TYR A 60 -3.94 23.65 -4.13
CA TYR A 60 -5.04 23.86 -3.21
C TYR A 60 -4.60 23.70 -1.77
N LYS A 61 -5.29 24.41 -0.88
CA LYS A 61 -4.97 24.36 0.53
C LYS A 61 -5.92 23.37 1.23
N ILE A 62 -5.33 22.41 1.91
CA ILE A 62 -6.11 21.41 2.62
C ILE A 62 -6.14 21.76 4.11
N ARG A 63 -7.28 22.29 4.54
CA ARG A 63 -7.46 22.67 5.93
C ARG A 63 -8.07 21.51 6.73
N THR A 64 -7.93 21.60 8.03
CA THR A 64 -8.46 20.57 8.91
C THR A 64 -9.53 21.15 9.83
N LEU A 65 -10.50 20.31 10.17
CA LEU A 65 -11.58 20.72 11.04
C LEU A 65 -11.24 20.37 12.49
N ASP A 66 -11.97 21.00 13.41
CA ASP A 66 -11.74 20.75 14.82
C ASP A 66 -12.08 19.30 15.15
N ASN A 67 -13.26 18.89 14.71
CA ASN A 67 -13.71 17.53 14.95
C ASN A 67 -14.20 16.92 13.62
N GLY A 68 -13.24 16.69 12.74
CA GLY A 68 -13.56 16.11 11.44
C GLY A 68 -12.33 15.46 10.81
N GLY A 69 -11.80 16.13 9.80
CA GLY A 69 -10.62 15.63 9.12
C GLY A 69 -9.97 16.74 8.27
N PHE A 70 -10.16 16.63 6.97
CA PHE A 70 -9.60 17.61 6.04
C PHE A 70 -10.59 17.94 4.93
N TYR A 71 -10.71 19.24 4.66
CA TYR A 71 -11.62 19.70 3.63
C TYR A 71 -10.95 20.77 2.76
N ILE A 72 -11.37 20.80 1.50
CA ILE A 72 -10.82 21.76 0.56
C ILE A 72 -11.90 22.79 0.19
N SER A 73 -13.10 22.27 -0.05
CA SER A 73 -14.21 23.13 -0.42
C SER A 73 -15.26 23.10 0.69
N PRO A 74 -15.89 24.28 0.92
CA PRO A 74 -16.92 24.40 1.95
C PRO A 74 -18.22 23.75 1.49
N ARG A 75 -18.14 22.49 1.13
CA ARG A 75 -19.30 21.74 0.67
C ARG A 75 -19.32 20.34 1.29
N SER A 76 -18.27 19.59 0.99
CA SER A 76 -18.14 18.24 1.50
C SER A 76 -16.73 18.02 2.06
N THR A 77 -16.70 17.53 3.29
CA THR A 77 -15.42 17.28 3.96
C THR A 77 -15.14 15.77 3.99
N PHE A 78 -13.92 15.43 4.37
CA PHE A 78 -13.51 14.04 4.46
C PHE A 78 -12.65 13.79 5.69
N SER A 79 -13.06 12.78 6.46
CA SER A 79 -12.35 12.43 7.67
C SER A 79 -10.94 11.94 7.32
N THR A 80 -10.82 11.38 6.12
CA THR A 80 -9.54 10.88 5.65
C THR A 80 -9.19 11.49 4.30
N LEU A 81 -7.89 11.49 4.01
CA LEU A 81 -7.40 12.05 2.76
C LEU A 81 -7.57 11.01 1.65
N GLN A 82 -7.65 9.76 2.07
CA GLN A 82 -7.82 8.66 1.12
C GLN A 82 -9.24 8.68 0.54
N GLU A 83 -10.16 9.18 1.34
CA GLU A 83 -11.55 9.26 0.91
C GLU A 83 -11.78 10.53 0.08
N LEU A 84 -10.92 11.50 0.30
CA LEU A 84 -11.01 12.77 -0.43
C LEU A 84 -10.40 12.60 -1.82
N VAL A 85 -9.42 11.71 -1.90
CA VAL A 85 -8.74 11.45 -3.15
C VAL A 85 -9.61 10.51 -4.01
N ASP A 86 -10.36 9.65 -3.32
CA ASP A 86 -11.22 8.71 -3.99
C ASP A 86 -12.37 9.46 -4.67
N HIS A 87 -12.86 10.48 -3.99
CA HIS A 87 -13.94 11.29 -4.51
C HIS A 87 -13.44 12.14 -5.67
N TYR A 88 -12.18 12.54 -5.57
CA TYR A 88 -11.57 13.35 -6.60
C TYR A 88 -11.27 12.53 -7.85
N LYS A 89 -11.16 11.22 -7.65
CA LYS A 89 -10.88 10.31 -8.74
C LYS A 89 -12.19 9.96 -9.46
N LYS A 90 -13.29 10.08 -8.71
CA LYS A 90 -14.60 9.78 -9.25
C LYS A 90 -15.08 10.96 -10.10
N GLY A 91 -14.58 12.15 -9.75
CA GLY A 91 -14.95 13.35 -10.46
C GLY A 91 -14.40 14.59 -9.76
N ASN A 92 -14.48 15.71 -10.46
CA ASN A 92 -13.99 16.97 -9.92
C ASN A 92 -15.03 17.55 -8.96
N ASP A 93 -16.27 17.55 -9.44
CA ASP A 93 -17.37 18.07 -8.63
C ASP A 93 -16.91 19.33 -7.90
N GLY A 94 -16.36 20.26 -8.67
CA GLY A 94 -15.87 21.50 -8.10
C GLY A 94 -14.53 21.90 -8.72
N LEU A 95 -13.63 20.93 -8.75
CA LEU A 95 -12.31 21.16 -9.30
C LEU A 95 -12.43 21.54 -10.79
N CYS A 96 -11.29 21.79 -11.40
CA CYS A 96 -11.26 22.17 -12.80
C CYS A 96 -11.27 20.88 -13.64
N GLN A 97 -10.55 19.88 -13.14
CA GLN A 97 -10.45 18.61 -13.82
C GLN A 97 -10.32 17.47 -12.82
N LYS A 98 -11.06 16.40 -13.08
CA LYS A 98 -11.02 15.25 -12.20
C LYS A 98 -9.60 14.69 -12.13
N LEU A 99 -9.36 13.85 -11.14
CA LEU A 99 -8.06 13.25 -10.95
C LEU A 99 -7.97 11.97 -11.78
N SER A 100 -6.76 11.71 -12.28
CA SER A 100 -6.52 10.53 -13.08
C SER A 100 -5.60 9.56 -12.34
N VAL A 101 -4.32 9.90 -12.33
CA VAL A 101 -3.33 9.07 -11.65
C VAL A 101 -2.44 9.96 -10.77
N PRO A 102 -1.93 9.35 -9.68
CA PRO A 102 -1.08 10.07 -8.74
C PRO A 102 0.32 10.27 -9.33
N CYS A 103 1.02 11.25 -8.80
CA CYS A 103 2.37 11.56 -9.26
C CYS A 103 3.16 10.25 -9.29
N MET A 104 4.27 10.28 -10.03
CA MET A 104 5.12 9.11 -10.14
C MET A 104 6.37 9.26 -9.27
N SER A 105 6.88 8.12 -8.84
CA SER A 105 8.07 8.10 -8.00
C SER A 105 9.31 8.39 -8.84
N SER A 106 10.18 9.22 -8.28
CA SER A 106 11.41 9.59 -8.97
C SER A 106 12.42 10.17 -7.97
N LYS A 107 13.67 9.79 -8.17
CA LYS A 107 14.74 10.27 -7.30
C LYS A 107 16.01 10.48 -8.12
N MET A 1 4.79 -2.58 0.47
CA MET A 1 4.61 -3.49 -0.66
C MET A 1 3.97 -2.76 -1.85
N GLU A 2 2.83 -2.14 -1.59
CA GLU A 2 2.11 -1.43 -2.62
C GLU A 2 2.29 0.08 -2.44
N THR A 3 1.71 0.84 -3.37
CA THR A 3 1.80 2.29 -3.32
C THR A 3 0.41 2.90 -3.49
N GLU A 4 0.36 4.21 -3.28
CA GLU A 4 -0.90 4.93 -3.41
C GLU A 4 -0.87 5.83 -4.65
N GLU A 5 -1.69 5.46 -5.63
CA GLU A 5 -1.76 6.21 -6.87
C GLU A 5 -3.15 6.82 -7.02
N TRP A 6 -3.59 7.51 -5.97
CA TRP A 6 -4.88 8.16 -5.98
C TRP A 6 -4.73 9.53 -6.63
N PHE A 7 -3.47 9.90 -6.87
CA PHE A 7 -3.17 11.18 -7.49
C PHE A 7 -2.75 11.00 -8.95
N PHE A 8 -3.41 11.73 -9.82
CA PHE A 8 -3.12 11.67 -11.24
C PHE A 8 -2.40 12.93 -11.71
N LYS A 9 -1.59 12.77 -12.75
CA LYS A 9 -0.85 13.88 -13.31
C LYS A 9 -1.34 14.15 -14.72
N GLY A 10 -1.27 15.42 -15.11
CA GLY A 10 -1.69 15.82 -16.45
C GLY A 10 -2.93 15.05 -16.88
N ILE A 11 -4.06 15.43 -16.30
CA ILE A 11 -5.32 14.78 -16.61
C ILE A 11 -6.36 15.84 -17.01
N SER A 12 -7.39 15.38 -17.68
CA SER A 12 -8.46 16.28 -18.13
C SER A 12 -9.69 16.12 -17.23
N ARG A 13 -10.47 17.18 -17.16
CA ARG A 13 -11.68 17.17 -16.35
C ARG A 13 -12.70 16.21 -16.94
N LYS A 14 -12.65 16.08 -18.26
CA LYS A 14 -13.58 15.19 -18.96
C LYS A 14 -13.13 13.74 -18.77
N ASP A 15 -11.82 13.56 -18.65
CA ASP A 15 -11.26 12.24 -18.46
C ASP A 15 -11.51 11.79 -17.03
N ALA A 16 -11.35 12.73 -16.11
CA ALA A 16 -11.56 12.44 -14.70
C ALA A 16 -13.02 12.04 -14.47
N GLU A 17 -13.88 12.60 -15.30
CA GLU A 17 -15.30 12.32 -15.19
C GLU A 17 -15.65 11.02 -15.93
N ARG A 18 -14.75 10.63 -16.82
CA ARG A 18 -14.93 9.42 -17.60
C ARG A 18 -14.37 8.21 -16.85
N GLN A 19 -13.38 8.49 -16.01
CA GLN A 19 -12.74 7.44 -15.23
C GLN A 19 -13.58 7.14 -13.98
N LEU A 20 -14.26 8.16 -13.50
CA LEU A 20 -15.09 8.02 -12.32
C LEU A 20 -16.40 7.33 -12.70
N LEU A 21 -17.01 7.83 -13.77
CA LEU A 21 -18.26 7.27 -14.25
C LEU A 21 -18.00 5.90 -14.87
N ALA A 22 -16.75 5.68 -15.25
CA ALA A 22 -16.36 4.42 -15.85
C ALA A 22 -16.80 3.27 -14.96
N PRO A 23 -16.85 2.05 -15.56
CA PRO A 23 -17.26 0.87 -14.82
C PRO A 23 -16.15 0.39 -13.89
N GLY A 24 -14.94 0.85 -14.17
CA GLY A 24 -13.80 0.48 -13.36
C GLY A 24 -13.99 0.93 -11.91
N ASN A 25 -14.48 2.14 -11.75
CA ASN A 25 -14.72 2.70 -10.43
C ASN A 25 -16.21 2.60 -10.10
N MET A 26 -16.52 2.89 -8.84
CA MET A 26 -17.89 2.84 -8.38
C MET A 26 -18.11 3.77 -7.19
N LEU A 27 -19.38 4.05 -6.92
CA LEU A 27 -19.74 4.93 -5.81
C LEU A 27 -18.83 4.63 -4.62
N GLY A 28 -17.96 5.56 -4.33
CA GLY A 28 -17.03 5.41 -3.22
C GLY A 28 -15.59 5.66 -3.67
N SER A 29 -15.39 5.58 -4.97
CA SER A 29 -14.06 5.79 -5.54
C SER A 29 -13.79 7.29 -5.70
N PHE A 30 -12.66 7.71 -5.16
CA PHE A 30 -12.27 9.12 -5.24
C PHE A 30 -10.92 9.27 -5.93
N MET A 31 -10.68 10.48 -6.41
CA MET A 31 -9.44 10.79 -7.10
C MET A 31 -8.97 12.21 -6.81
N ILE A 32 -7.68 12.43 -7.00
CA ILE A 32 -7.10 13.74 -6.76
C ILE A 32 -6.27 14.17 -7.97
N ARG A 33 -6.53 15.38 -8.44
CA ARG A 33 -5.83 15.92 -9.59
C ARG A 33 -5.55 17.41 -9.40
N ASP A 34 -4.35 17.81 -9.80
CA ASP A 34 -3.96 19.20 -9.68
C ASP A 34 -4.56 20.00 -10.84
N SER A 35 -4.64 21.31 -10.62
CA SER A 35 -5.20 22.19 -11.63
C SER A 35 -4.14 22.51 -12.69
N GLU A 36 -4.49 22.22 -13.94
CA GLU A 36 -3.58 22.47 -15.04
C GLU A 36 -3.59 23.95 -15.42
N THR A 37 -4.71 24.60 -15.14
CA THR A 37 -4.86 26.01 -15.44
C THR A 37 -4.43 26.86 -14.23
N THR A 38 -5.05 26.57 -13.10
CA THR A 38 -4.74 27.30 -11.88
C THR A 38 -3.69 26.54 -11.06
N LYS A 39 -2.46 26.57 -11.56
CA LYS A 39 -1.37 25.90 -10.89
C LYS A 39 -1.30 26.38 -9.44
N GLY A 40 -0.77 25.51 -8.59
CA GLY A 40 -0.64 25.82 -7.18
C GLY A 40 -1.89 25.41 -6.40
N SER A 41 -2.92 25.04 -7.16
CA SER A 41 -4.18 24.62 -6.56
C SER A 41 -4.51 23.19 -7.01
N TYR A 42 -5.18 22.48 -6.11
CA TYR A 42 -5.57 21.11 -6.40
C TYR A 42 -7.10 20.99 -6.51
N SER A 43 -7.53 19.89 -7.13
CA SER A 43 -8.95 19.65 -7.31
C SER A 43 -9.25 18.17 -7.07
N LEU A 44 -10.19 17.94 -6.16
CA LEU A 44 -10.59 16.58 -5.83
C LEU A 44 -11.88 16.23 -6.58
N SER A 45 -12.02 14.95 -6.87
CA SER A 45 -13.20 14.47 -7.58
C SER A 45 -13.63 13.10 -7.04
N VAL A 46 -14.88 13.02 -6.63
CA VAL A 46 -15.42 11.79 -6.09
C VAL A 46 -16.73 11.45 -6.81
N ARG A 47 -17.04 10.17 -6.82
CA ARG A 47 -18.27 9.70 -7.47
C ARG A 47 -19.44 9.80 -6.50
N ASP A 48 -20.59 10.16 -7.06
CA ASP A 48 -21.80 10.29 -6.27
C ASP A 48 -23.02 9.97 -7.14
N TYR A 49 -24.14 9.73 -6.47
CA TYR A 49 -25.37 9.40 -7.16
C TYR A 49 -26.54 10.24 -6.64
N ASP A 50 -27.51 10.46 -7.50
CA ASP A 50 -28.68 11.24 -7.15
C ASP A 50 -29.94 10.52 -7.63
N PRO A 51 -31.02 10.65 -6.81
CA PRO A 51 -32.29 10.02 -7.15
C PRO A 51 -33.00 10.78 -8.26
N ARG A 52 -32.47 11.96 -8.55
CA ARG A 52 -33.05 12.80 -9.59
C ARG A 52 -32.30 12.60 -10.91
N GLN A 53 -31.01 12.90 -10.87
CA GLN A 53 -30.17 12.76 -12.05
C GLN A 53 -29.71 11.31 -12.20
N GLY A 54 -28.96 10.85 -11.20
CA GLY A 54 -28.46 9.48 -11.21
C GLY A 54 -26.95 9.46 -10.92
N ASP A 55 -26.23 8.74 -11.77
CA ASP A 55 -24.79 8.63 -11.62
C ASP A 55 -24.15 9.98 -11.95
N THR A 56 -23.61 10.61 -10.92
CA THR A 56 -22.95 11.89 -11.08
C THR A 56 -21.57 11.88 -10.45
N VAL A 57 -20.81 12.92 -10.71
CA VAL A 57 -19.46 13.04 -10.17
C VAL A 57 -19.30 14.42 -9.51
N LYS A 58 -18.90 14.38 -8.24
CA LYS A 58 -18.71 15.60 -7.49
C LYS A 58 -17.26 16.07 -7.66
N HIS A 59 -17.06 17.35 -7.39
CA HIS A 59 -15.73 17.94 -7.50
C HIS A 59 -15.55 19.01 -6.43
N TYR A 60 -14.59 18.75 -5.54
CA TYR A 60 -14.31 19.68 -4.46
C TYR A 60 -12.91 20.29 -4.62
N LYS A 61 -12.88 21.61 -4.60
CA LYS A 61 -11.62 22.33 -4.74
C LYS A 61 -10.78 22.13 -3.48
N ILE A 62 -9.50 22.46 -3.59
CA ILE A 62 -8.59 22.31 -2.48
C ILE A 62 -7.68 23.55 -2.40
N ARG A 63 -7.92 24.36 -1.38
CA ARG A 63 -7.14 25.57 -1.18
C ARG A 63 -6.00 25.31 -0.19
N THR A 64 -4.93 26.07 -0.37
CA THR A 64 -3.78 25.94 0.50
C THR A 64 -3.71 27.11 1.50
N LEU A 65 -3.12 26.83 2.65
CA LEU A 65 -2.98 27.85 3.68
C LEU A 65 -1.62 28.53 3.55
N ASP A 66 -1.61 29.83 3.82
CA ASP A 66 -0.40 30.61 3.73
C ASP A 66 0.75 29.84 4.39
N ASN A 67 0.49 29.39 5.61
CA ASN A 67 1.49 28.64 6.36
C ASN A 67 0.85 27.36 6.91
N GLY A 68 0.48 26.47 6.00
CA GLY A 68 -0.15 25.22 6.39
C GLY A 68 0.04 24.16 5.30
N GLY A 69 -1.08 23.66 4.80
CA GLY A 69 -1.06 22.64 3.77
C GLY A 69 -2.21 22.83 2.79
N PHE A 70 -3.20 21.96 2.91
CA PHE A 70 -4.36 22.02 2.05
C PHE A 70 -5.65 21.70 2.82
N TYR A 71 -6.64 22.56 2.63
CA TYR A 71 -7.92 22.38 3.31
C TYR A 71 -9.08 22.47 2.32
N ILE A 72 -10.17 21.80 2.66
CA ILE A 72 -11.35 21.78 1.82
C ILE A 72 -12.47 22.55 2.51
N SER A 73 -12.62 22.28 3.80
CA SER A 73 -13.66 22.95 4.58
C SER A 73 -13.01 23.74 5.72
N PRO A 74 -13.66 24.90 6.05
CA PRO A 74 -13.16 25.75 7.11
C PRO A 74 -13.46 25.15 8.49
N ARG A 75 -12.98 23.93 8.68
CA ARG A 75 -13.19 23.25 9.94
C ARG A 75 -11.88 22.57 10.40
N SER A 76 -11.44 21.61 9.61
CA SER A 76 -10.22 20.89 9.92
C SER A 76 -9.32 20.83 8.69
N THR A 77 -8.20 21.53 8.77
CA THR A 77 -7.25 21.57 7.68
C THR A 77 -6.19 20.46 7.85
N PHE A 78 -5.42 20.26 6.80
CA PHE A 78 -4.37 19.25 6.82
C PHE A 78 -3.08 19.79 6.21
N SER A 79 -1.97 19.35 6.80
CA SER A 79 -0.67 19.79 6.33
C SER A 79 -0.24 18.94 5.13
N THR A 80 -0.82 17.75 5.04
CA THR A 80 -0.51 16.84 3.95
C THR A 80 -1.79 16.24 3.38
N LEU A 81 -1.70 15.81 2.12
CA LEU A 81 -2.83 15.22 1.45
C LEU A 81 -3.02 13.78 1.95
N GLN A 82 -1.94 13.22 2.45
CA GLN A 82 -1.97 11.85 2.97
C GLN A 82 -2.79 11.80 4.26
N GLU A 83 -2.79 12.91 4.97
CA GLU A 83 -3.52 13.00 6.23
C GLU A 83 -4.97 13.42 5.97
N LEU A 84 -5.16 14.08 4.83
CA LEU A 84 -6.48 14.55 4.45
C LEU A 84 -7.29 13.37 3.90
N VAL A 85 -6.59 12.49 3.21
CA VAL A 85 -7.22 11.33 2.61
C VAL A 85 -7.51 10.29 3.71
N ASP A 86 -6.58 10.20 4.65
CA ASP A 86 -6.72 9.26 5.75
C ASP A 86 -7.89 9.70 6.63
N HIS A 87 -8.00 11.00 6.81
CA HIS A 87 -9.07 11.56 7.63
C HIS A 87 -10.41 11.32 6.94
N TYR A 88 -10.39 11.41 5.62
CA TYR A 88 -11.60 11.20 4.84
C TYR A 88 -11.94 9.72 4.73
N LYS A 89 -10.93 8.89 4.94
CA LYS A 89 -11.11 7.46 4.86
C LYS A 89 -11.83 6.97 6.13
N LYS A 90 -11.61 7.70 7.21
CA LYS A 90 -12.23 7.36 8.48
C LYS A 90 -13.67 7.87 8.48
N GLY A 91 -13.88 8.98 7.79
CA GLY A 91 -15.20 9.57 7.71
C GLY A 91 -15.20 10.78 6.76
N ASN A 92 -16.34 10.98 6.11
CA ASN A 92 -16.49 12.08 5.17
C ASN A 92 -16.07 13.39 5.87
N ASP A 93 -16.66 13.61 7.03
CA ASP A 93 -16.36 14.81 7.79
C ASP A 93 -16.27 16.01 6.84
N GLY A 94 -17.32 16.16 6.04
CA GLY A 94 -17.37 17.25 5.08
C GLY A 94 -17.88 16.77 3.72
N LEU A 95 -17.24 15.71 3.23
CA LEU A 95 -17.60 15.14 1.95
C LEU A 95 -19.04 14.59 2.03
N CYS A 96 -19.60 14.34 0.86
CA CYS A 96 -20.96 13.83 0.79
C CYS A 96 -20.94 12.37 1.23
N GLN A 97 -19.82 11.72 0.98
CA GLN A 97 -19.66 10.33 1.36
C GLN A 97 -18.20 10.03 1.70
N LYS A 98 -18.01 9.22 2.74
CA LYS A 98 -16.68 8.86 3.19
C LYS A 98 -15.92 8.23 2.02
N LEU A 99 -14.59 8.21 2.16
CA LEU A 99 -13.74 7.63 1.12
C LEU A 99 -13.64 6.12 1.35
N SER A 100 -14.02 5.38 0.33
CA SER A 100 -13.97 3.92 0.39
C SER A 100 -12.64 3.42 -0.15
N VAL A 101 -12.46 3.60 -1.45
CA VAL A 101 -11.23 3.17 -2.11
C VAL A 101 -10.74 4.29 -3.04
N PRO A 102 -9.40 4.32 -3.23
CA PRO A 102 -8.79 5.32 -4.09
C PRO A 102 -9.02 4.99 -5.57
N CYS A 103 -8.99 6.03 -6.39
CA CYS A 103 -9.20 5.86 -7.82
C CYS A 103 -8.39 4.64 -8.27
N MET A 104 -8.75 4.13 -9.44
CA MET A 104 -8.08 2.98 -10.00
C MET A 104 -7.34 3.34 -11.29
N SER A 105 -6.31 2.57 -11.57
CA SER A 105 -5.51 2.80 -12.77
C SER A 105 -5.91 1.80 -13.86
N SER A 106 -6.22 2.35 -15.03
CA SER A 106 -6.62 1.52 -16.16
C SER A 106 -6.42 2.29 -17.46
N LYS A 107 -5.74 1.65 -18.40
CA LYS A 107 -5.47 2.27 -19.69
C LYS A 107 -5.85 1.29 -20.80
N MET A 1 4.79 -2.58 0.47
CA MET A 1 4.61 -3.49 -0.66
C MET A 1 3.64 -2.90 -1.69
N GLU A 2 2.45 -2.55 -1.21
CA GLU A 2 1.44 -1.97 -2.07
C GLU A 2 0.40 -1.23 -1.25
N THR A 3 -0.46 -0.50 -1.95
CA THR A 3 -1.52 0.26 -1.29
C THR A 3 -2.89 -0.28 -1.69
N GLU A 4 -3.92 0.40 -1.21
CA GLU A 4 -5.28 0.01 -1.51
C GLU A 4 -5.58 0.18 -3.00
N GLU A 5 -5.77 -0.95 -3.66
CA GLU A 5 -6.06 -0.94 -5.09
C GLU A 5 -7.48 -1.47 -5.34
N TRP A 6 -8.43 -0.91 -4.62
CA TRP A 6 -9.82 -1.31 -4.76
C TRP A 6 -10.43 -0.51 -5.91
N PHE A 7 -9.71 0.53 -6.32
CA PHE A 7 -10.17 1.37 -7.41
C PHE A 7 -9.47 1.00 -8.72
N PHE A 8 -10.28 0.77 -9.75
CA PHE A 8 -9.76 0.41 -11.05
C PHE A 8 -9.98 1.54 -12.06
N LYS A 9 -9.10 1.61 -13.04
CA LYS A 9 -9.19 2.62 -14.08
C LYS A 9 -9.34 1.96 -15.44
N GLY A 10 -9.88 2.71 -16.38
CA GLY A 10 -10.08 2.20 -17.73
C GLY A 10 -10.60 0.76 -17.70
N ILE A 11 -11.53 0.52 -16.78
CA ILE A 11 -12.10 -0.81 -16.63
C ILE A 11 -13.45 -0.85 -17.36
N SER A 12 -13.86 -2.07 -17.70
CA SER A 12 -15.12 -2.26 -18.40
C SER A 12 -16.16 -2.88 -17.46
N ARG A 13 -17.41 -2.81 -17.88
CA ARG A 13 -18.50 -3.36 -17.09
C ARG A 13 -18.46 -4.89 -17.13
N LYS A 14 -17.96 -5.42 -18.24
CA LYS A 14 -17.86 -6.85 -18.41
C LYS A 14 -16.60 -7.36 -17.72
N ASP A 15 -15.57 -6.52 -17.73
CA ASP A 15 -14.30 -6.87 -17.11
C ASP A 15 -14.47 -6.86 -15.59
N ALA A 16 -15.13 -5.83 -15.10
CA ALA A 16 -15.37 -5.69 -13.68
C ALA A 16 -16.26 -6.84 -13.20
N GLU A 17 -17.16 -7.25 -14.08
CA GLU A 17 -18.07 -8.34 -13.76
C GLU A 17 -17.34 -9.69 -13.83
N ARG A 18 -16.20 -9.67 -14.51
CA ARG A 18 -15.41 -10.88 -14.67
C ARG A 18 -14.41 -11.01 -13.51
N GLN A 19 -13.89 -9.87 -13.09
CA GLN A 19 -12.93 -9.84 -12.01
C GLN A 19 -13.61 -10.19 -10.68
N LEU A 20 -14.90 -9.91 -10.64
CA LEU A 20 -15.69 -10.19 -9.44
C LEU A 20 -16.17 -11.64 -9.48
N LEU A 21 -16.66 -12.05 -10.64
CA LEU A 21 -17.16 -13.40 -10.81
C LEU A 21 -15.96 -14.37 -10.84
N ALA A 22 -14.79 -13.81 -11.10
CA ALA A 22 -13.58 -14.61 -11.16
C ALA A 22 -13.44 -15.42 -9.87
N PRO A 23 -12.50 -16.40 -9.91
CA PRO A 23 -12.27 -17.25 -8.75
C PRO A 23 -11.48 -16.49 -7.67
N GLY A 24 -11.55 -17.02 -6.46
CA GLY A 24 -10.86 -16.41 -5.34
C GLY A 24 -11.77 -15.41 -4.61
N ASN A 25 -12.75 -14.91 -5.35
CA ASN A 25 -13.69 -13.94 -4.79
C ASN A 25 -14.91 -14.68 -4.25
N MET A 26 -15.66 -13.98 -3.42
CA MET A 26 -16.87 -14.55 -2.83
C MET A 26 -17.85 -13.47 -2.41
N LEU A 27 -19.09 -13.89 -2.18
CA LEU A 27 -20.13 -12.96 -1.79
C LEU A 27 -19.55 -11.95 -0.79
N GLY A 28 -19.59 -10.69 -1.19
CA GLY A 28 -19.07 -9.62 -0.34
C GLY A 28 -18.01 -8.80 -1.08
N SER A 29 -17.45 -9.41 -2.11
CA SER A 29 -16.43 -8.75 -2.90
C SER A 29 -17.01 -7.49 -3.56
N PHE A 30 -16.23 -6.42 -3.50
CA PHE A 30 -16.65 -5.15 -4.08
C PHE A 30 -15.47 -4.42 -4.70
N MET A 31 -15.78 -3.54 -5.65
CA MET A 31 -14.76 -2.76 -6.32
C MET A 31 -15.30 -1.42 -6.78
N ILE A 32 -14.39 -0.51 -7.10
CA ILE A 32 -14.76 0.81 -7.56
C ILE A 32 -14.11 1.09 -8.91
N ARG A 33 -14.83 1.81 -9.74
CA ARG A 33 -14.33 2.15 -11.07
C ARG A 33 -14.98 3.44 -11.56
N ASP A 34 -14.22 4.19 -12.34
CA ASP A 34 -14.70 5.46 -12.88
C ASP A 34 -15.50 5.18 -14.16
N SER A 35 -16.39 6.10 -14.48
CA SER A 35 -17.21 5.97 -15.66
C SER A 35 -16.34 6.04 -16.92
N GLU A 36 -16.78 5.33 -17.95
CA GLU A 36 -16.05 5.30 -19.21
C GLU A 36 -16.77 6.16 -20.25
N THR A 37 -17.97 6.59 -19.90
CA THR A 37 -18.76 7.41 -20.79
C THR A 37 -18.98 8.81 -20.19
N THR A 38 -19.72 8.83 -19.09
CA THR A 38 -20.01 10.08 -18.41
C THR A 38 -18.94 10.38 -17.36
N LYS A 39 -17.75 10.72 -17.85
CA LYS A 39 -16.64 11.03 -16.97
C LYS A 39 -17.14 11.91 -15.82
N GLY A 40 -16.38 11.89 -14.73
CA GLY A 40 -16.73 12.68 -13.56
C GLY A 40 -17.65 11.88 -12.62
N SER A 41 -18.21 10.81 -13.16
CA SER A 41 -19.10 9.97 -12.39
C SER A 41 -18.43 8.62 -12.12
N TYR A 42 -18.69 8.11 -10.92
CA TYR A 42 -18.12 6.82 -10.52
C TYR A 42 -19.22 5.76 -10.38
N SER A 43 -18.80 4.51 -10.50
CA SER A 43 -19.73 3.39 -10.39
C SER A 43 -19.13 2.30 -9.51
N LEU A 44 -19.87 1.97 -8.45
CA LEU A 44 -19.41 0.94 -7.53
C LEU A 44 -20.02 -0.41 -7.94
N SER A 45 -19.19 -1.44 -7.90
CA SER A 45 -19.63 -2.77 -8.26
C SER A 45 -19.44 -3.72 -7.08
N VAL A 46 -20.54 -4.35 -6.68
CA VAL A 46 -20.50 -5.28 -5.57
C VAL A 46 -21.13 -6.61 -6.01
N ARG A 47 -20.72 -7.67 -5.32
CA ARG A 47 -21.23 -8.99 -5.62
C ARG A 47 -22.52 -9.26 -4.84
N ASP A 48 -23.45 -9.93 -5.51
CA ASP A 48 -24.72 -10.26 -4.89
C ASP A 48 -25.24 -11.58 -5.46
N TYR A 49 -26.18 -12.18 -4.74
CA TYR A 49 -26.76 -13.44 -5.16
C TYR A 49 -28.28 -13.40 -5.05
N ASP A 50 -28.92 -14.24 -5.86
CA ASP A 50 -30.37 -14.32 -5.85
C ASP A 50 -30.80 -15.79 -5.85
N PRO A 51 -31.91 -16.05 -5.11
CA PRO A 51 -32.43 -17.41 -5.01
C PRO A 51 -33.16 -17.81 -6.29
N ARG A 52 -33.20 -16.88 -7.22
CA ARG A 52 -33.86 -17.12 -8.50
C ARG A 52 -32.81 -17.22 -9.62
N GLN A 53 -32.03 -16.16 -9.75
CA GLN A 53 -31.00 -16.11 -10.77
C GLN A 53 -29.76 -16.87 -10.31
N GLY A 54 -29.13 -16.34 -9.27
CA GLY A 54 -27.93 -16.96 -8.72
C GLY A 54 -26.83 -15.93 -8.51
N ASP A 55 -25.62 -16.30 -8.90
CA ASP A 55 -24.48 -15.42 -8.76
C ASP A 55 -24.67 -14.20 -9.66
N THR A 56 -24.86 -13.06 -9.02
CA THR A 56 -25.06 -11.81 -9.74
C THR A 56 -24.09 -10.74 -9.23
N VAL A 57 -24.06 -9.63 -9.96
CA VAL A 57 -23.19 -8.53 -9.59
C VAL A 57 -23.96 -7.21 -9.72
N LYS A 58 -24.06 -6.51 -8.60
CA LYS A 58 -24.76 -5.23 -8.59
C LYS A 58 -23.77 -4.11 -8.87
N HIS A 59 -24.30 -3.03 -9.44
CA HIS A 59 -23.48 -1.88 -9.76
C HIS A 59 -24.22 -0.59 -9.39
N TYR A 60 -23.73 0.06 -8.35
CA TYR A 60 -24.34 1.29 -7.88
C TYR A 60 -23.63 2.51 -8.47
N LYS A 61 -24.32 3.64 -8.40
CA LYS A 61 -23.76 4.87 -8.94
C LYS A 61 -23.18 5.71 -7.79
N ILE A 62 -22.17 6.49 -8.13
CA ILE A 62 -21.51 7.33 -7.15
C ILE A 62 -21.46 8.77 -7.67
N ARG A 63 -22.33 9.61 -7.12
CA ARG A 63 -22.39 11.00 -7.51
C ARG A 63 -21.55 11.85 -6.57
N THR A 64 -21.07 12.97 -7.10
CA THR A 64 -20.25 13.89 -6.32
C THR A 64 -20.98 15.22 -6.13
N LEU A 65 -20.61 15.92 -5.07
CA LEU A 65 -21.21 17.20 -4.76
C LEU A 65 -20.51 18.29 -5.59
N ASP A 66 -20.97 19.52 -5.39
CA ASP A 66 -20.41 20.65 -6.10
C ASP A 66 -19.39 21.37 -5.20
N ASN A 67 -18.91 20.63 -4.20
CA ASN A 67 -17.95 21.17 -3.27
C ASN A 67 -16.84 20.15 -3.03
N GLY A 68 -17.26 18.91 -2.80
CA GLY A 68 -16.32 17.83 -2.56
C GLY A 68 -16.94 16.74 -1.68
N GLY A 69 -17.04 15.56 -2.26
CA GLY A 69 -17.62 14.42 -1.55
C GLY A 69 -18.40 13.51 -2.51
N PHE A 70 -18.43 12.24 -2.16
CA PHE A 70 -19.13 11.26 -2.97
C PHE A 70 -20.22 10.56 -2.16
N TYR A 71 -21.42 10.53 -2.73
CA TYR A 71 -22.55 9.90 -2.08
C TYR A 71 -23.34 9.04 -3.07
N ILE A 72 -23.86 7.93 -2.55
CA ILE A 72 -24.64 7.02 -3.38
C ILE A 72 -26.13 7.24 -3.11
N SER A 73 -26.46 7.32 -1.82
CA SER A 73 -27.84 7.52 -1.41
C SER A 73 -27.96 8.84 -0.63
N PRO A 74 -29.15 9.48 -0.80
CA PRO A 74 -29.41 10.74 -0.13
C PRO A 74 -29.69 10.52 1.37
N ARG A 75 -28.74 9.88 2.02
CA ARG A 75 -28.87 9.60 3.44
C ARG A 75 -27.54 9.87 4.16
N SER A 76 -26.53 9.10 3.78
CA SER A 76 -25.21 9.25 4.37
C SER A 76 -24.16 9.49 3.27
N THR A 77 -23.62 10.70 3.27
CA THR A 77 -22.62 11.06 2.28
C THR A 77 -21.22 10.98 2.90
N PHE A 78 -20.22 11.04 2.03
CA PHE A 78 -18.83 10.98 2.47
C PHE A 78 -17.96 11.92 1.65
N SER A 79 -17.03 12.57 2.35
CA SER A 79 -16.13 13.51 1.70
C SER A 79 -15.06 12.74 0.91
N THR A 80 -14.80 11.52 1.36
CA THR A 80 -13.81 10.68 0.71
C THR A 80 -14.39 9.30 0.41
N LEU A 81 -13.78 8.63 -0.54
CA LEU A 81 -14.22 7.29 -0.92
C LEU A 81 -13.65 6.26 0.06
N GLN A 82 -12.59 6.67 0.74
CA GLN A 82 -11.94 5.80 1.69
C GLN A 82 -12.80 5.65 2.94
N GLU A 83 -13.59 6.68 3.22
CA GLU A 83 -14.46 6.68 4.38
C GLU A 83 -15.78 5.98 4.05
N LEU A 84 -16.10 5.97 2.76
CA LEU A 84 -17.32 5.33 2.30
C LEU A 84 -17.09 3.83 2.16
N VAL A 85 -15.85 3.48 1.86
CA VAL A 85 -15.49 2.08 1.70
C VAL A 85 -15.32 1.44 3.08
N ASP A 86 -14.85 2.25 4.02
CA ASP A 86 -14.63 1.78 5.38
C ASP A 86 -15.98 1.61 6.08
N HIS A 87 -16.85 2.58 5.83
CA HIS A 87 -18.18 2.56 6.43
C HIS A 87 -18.96 1.36 5.89
N TYR A 88 -18.74 1.07 4.62
CA TYR A 88 -19.41 -0.03 3.96
C TYR A 88 -18.82 -1.37 4.39
N LYS A 89 -17.56 -1.32 4.81
CA LYS A 89 -16.86 -2.52 5.25
C LYS A 89 -17.33 -2.88 6.65
N LYS A 90 -17.81 -1.87 7.37
CA LYS A 90 -18.29 -2.08 8.73
C LYS A 90 -19.70 -2.65 8.68
N GLY A 91 -20.44 -2.24 7.65
CA GLY A 91 -21.81 -2.69 7.48
C GLY A 91 -22.45 -2.05 6.25
N ASN A 92 -23.52 -2.67 5.79
CA ASN A 92 -24.23 -2.17 4.62
C ASN A 92 -24.85 -0.81 4.96
N ASP A 93 -25.51 -0.75 6.11
CA ASP A 93 -26.14 0.48 6.55
C ASP A 93 -26.81 1.16 5.36
N GLY A 94 -27.65 0.40 4.68
CA GLY A 94 -28.35 0.92 3.51
C GLY A 94 -28.33 -0.09 2.36
N LEU A 95 -27.14 -0.57 2.08
CA LEU A 95 -26.95 -1.52 1.00
C LEU A 95 -27.72 -2.81 1.33
N CYS A 96 -27.56 -3.80 0.47
CA CYS A 96 -28.23 -5.08 0.66
C CYS A 96 -27.36 -5.95 1.56
N GLN A 97 -26.07 -5.94 1.27
CA GLN A 97 -25.12 -6.72 2.04
C GLN A 97 -23.87 -5.89 2.35
N LYS A 98 -23.26 -6.20 3.48
CA LYS A 98 -22.06 -5.49 3.91
C LYS A 98 -20.90 -5.85 2.98
N LEU A 99 -19.84 -5.07 3.08
CA LEU A 99 -18.66 -5.29 2.27
C LEU A 99 -17.67 -6.18 3.03
N SER A 100 -16.95 -6.98 2.28
CA SER A 100 -15.97 -7.88 2.87
C SER A 100 -14.56 -7.44 2.48
N VAL A 101 -14.18 -7.80 1.25
CA VAL A 101 -12.87 -7.44 0.74
C VAL A 101 -12.99 -6.98 -0.71
N PRO A 102 -12.02 -6.11 -1.11
CA PRO A 102 -12.01 -5.58 -2.46
C PRO A 102 -11.54 -6.63 -3.46
N CYS A 103 -12.06 -6.53 -4.67
CA CYS A 103 -11.71 -7.48 -5.73
C CYS A 103 -10.18 -7.62 -5.74
N MET A 104 -9.74 -8.86 -5.70
CA MET A 104 -8.31 -9.15 -5.71
C MET A 104 -7.74 -9.07 -7.14
N SER A 105 -6.43 -9.00 -7.21
CA SER A 105 -5.76 -8.93 -8.50
C SER A 105 -4.51 -9.82 -8.49
N SER A 106 -4.74 -11.11 -8.36
CA SER A 106 -3.66 -12.07 -8.33
C SER A 106 -4.22 -13.49 -8.32
N LYS A 107 -3.32 -14.46 -8.53
CA LYS A 107 -3.72 -15.85 -8.54
C LYS A 107 -2.48 -16.72 -8.79
N MET A 1 4.79 -2.58 0.47
CA MET A 1 4.61 -3.49 -0.66
C MET A 1 5.88 -3.58 -1.50
N GLU A 2 6.10 -2.54 -2.28
CA GLU A 2 7.28 -2.49 -3.14
C GLU A 2 7.59 -1.04 -3.52
N THR A 3 7.17 -0.12 -2.66
CA THR A 3 7.41 1.29 -2.89
C THR A 3 7.95 1.96 -1.62
N GLU A 4 8.81 2.94 -1.83
CA GLU A 4 9.40 3.65 -0.72
C GLU A 4 8.68 4.98 -0.50
N GLU A 5 8.14 5.13 0.71
CA GLU A 5 7.42 6.35 1.06
C GLU A 5 8.11 7.07 2.21
N TRP A 6 9.42 7.25 2.06
CA TRP A 6 10.21 7.92 3.08
C TRP A 6 10.05 9.43 2.88
N PHE A 7 9.59 9.78 1.69
CA PHE A 7 9.39 11.19 1.35
C PHE A 7 7.97 11.64 1.70
N PHE A 8 7.88 12.81 2.32
CA PHE A 8 6.59 13.36 2.70
C PHE A 8 6.25 14.59 1.85
N LYS A 9 4.96 14.83 1.71
CA LYS A 9 4.49 15.96 0.93
C LYS A 9 3.65 16.88 1.83
N GLY A 10 3.67 18.16 1.49
CA GLY A 10 2.92 19.14 2.26
C GLY A 10 3.02 18.86 3.75
N ILE A 11 4.25 18.87 4.25
CA ILE A 11 4.49 18.62 5.66
C ILE A 11 5.29 19.79 6.25
N SER A 12 5.18 19.93 7.56
CA SER A 12 5.88 21.00 8.25
C SER A 12 6.98 20.41 9.13
N ARG A 13 7.65 21.30 9.87
CA ARG A 13 8.72 20.88 10.76
C ARG A 13 8.15 20.45 12.11
N LYS A 14 7.02 21.04 12.45
CA LYS A 14 6.37 20.73 13.71
C LYS A 14 5.63 19.39 13.58
N ASP A 15 5.20 19.10 12.37
CA ASP A 15 4.49 17.86 12.11
C ASP A 15 5.49 16.73 11.95
N ALA A 16 6.67 17.08 11.47
CA ALA A 16 7.72 16.09 11.26
C ALA A 16 8.37 15.77 12.61
N GLU A 17 8.20 16.69 13.56
CA GLU A 17 8.75 16.51 14.89
C GLU A 17 7.85 15.58 15.71
N ARG A 18 6.55 15.73 15.50
CA ARG A 18 5.58 14.90 16.21
C ARG A 18 5.50 13.51 15.59
N GLN A 19 5.74 13.47 14.28
CA GLN A 19 5.69 12.20 13.56
C GLN A 19 6.82 11.29 14.02
N LEU A 20 8.01 11.86 14.11
CA LEU A 20 9.17 11.10 14.54
C LEU A 20 9.05 10.77 16.02
N LEU A 21 8.40 11.67 16.75
CA LEU A 21 8.20 11.49 18.17
C LEU A 21 6.94 10.66 18.41
N ALA A 22 6.19 10.47 17.33
CA ALA A 22 4.96 9.70 17.40
C ALA A 22 5.27 8.28 17.87
N PRO A 23 4.21 7.59 18.36
CA PRO A 23 4.35 6.23 18.84
C PRO A 23 4.51 5.25 17.67
N GLY A 24 5.76 4.91 17.39
CA GLY A 24 6.05 3.99 16.30
C GLY A 24 7.49 4.14 15.84
N ASN A 25 7.90 5.39 15.63
CA ASN A 25 9.25 5.68 15.19
C ASN A 25 10.18 5.75 16.41
N MET A 26 11.40 5.28 16.20
CA MET A 26 12.39 5.29 17.28
C MET A 26 13.75 5.76 16.76
N LEU A 27 14.61 6.14 17.70
CA LEU A 27 15.93 6.60 17.35
C LEU A 27 16.49 5.76 16.21
N GLY A 28 16.55 6.36 15.03
CA GLY A 28 17.07 5.67 13.86
C GLY A 28 16.16 5.91 12.65
N SER A 29 14.95 6.33 12.93
CA SER A 29 13.98 6.60 11.87
C SER A 29 14.27 7.96 11.25
N PHE A 30 14.36 7.95 9.93
CA PHE A 30 14.63 9.18 9.19
C PHE A 30 13.49 9.50 8.21
N MET A 31 13.47 10.74 7.76
CA MET A 31 12.44 11.18 6.83
C MET A 31 12.97 12.29 5.92
N ILE A 32 12.31 12.45 4.79
CA ILE A 32 12.69 13.46 3.83
C ILE A 32 11.45 14.24 3.38
N ARG A 33 11.58 15.57 3.41
CA ARG A 33 10.48 16.43 3.01
C ARG A 33 10.99 17.55 2.12
N ASP A 34 10.12 18.00 1.23
CA ASP A 34 10.46 19.08 0.31
C ASP A 34 10.11 20.43 0.94
N SER A 35 10.74 21.47 0.42
CA SER A 35 10.50 22.81 0.92
C SER A 35 9.10 23.29 0.49
N GLU A 36 8.58 24.25 1.24
CA GLU A 36 7.27 24.80 0.95
C GLU A 36 7.39 26.27 0.54
N THR A 37 8.34 26.96 1.17
CA THR A 37 8.56 28.36 0.88
C THR A 37 9.55 28.51 -0.26
N THR A 38 10.65 27.80 -0.15
CA THR A 38 11.69 27.84 -1.18
C THR A 38 11.67 26.56 -2.01
N LYS A 39 10.60 26.41 -2.78
CA LYS A 39 10.45 25.24 -3.63
C LYS A 39 11.76 24.98 -4.37
N GLY A 40 12.00 23.71 -4.66
CA GLY A 40 13.21 23.33 -5.36
C GLY A 40 14.27 22.81 -4.39
N SER A 41 14.06 23.14 -3.12
CA SER A 41 15.00 22.73 -2.09
C SER A 41 14.38 21.60 -1.24
N TYR A 42 15.25 20.82 -0.64
CA TYR A 42 14.80 19.70 0.19
C TYR A 42 15.36 19.83 1.61
N SER A 43 14.70 19.15 2.54
CA SER A 43 15.11 19.19 3.93
C SER A 43 14.97 17.79 4.54
N LEU A 44 16.08 17.29 5.07
CA LEU A 44 16.09 15.97 5.69
C LEU A 44 15.90 16.13 7.20
N SER A 45 15.34 15.08 7.80
CA SER A 45 15.10 15.08 9.23
C SER A 45 15.27 13.67 9.79
N VAL A 46 15.98 13.60 10.92
CA VAL A 46 16.22 12.32 11.55
C VAL A 46 16.05 12.48 13.07
N ARG A 47 15.70 11.38 13.71
CA ARG A 47 15.51 11.38 15.15
C ARG A 47 16.86 11.22 15.87
N ASP A 48 16.99 11.93 16.98
CA ASP A 48 18.22 11.88 17.77
C ASP A 48 17.89 12.12 19.24
N TYR A 49 18.82 11.73 20.09
CA TYR A 49 18.64 11.89 21.52
C TYR A 49 19.88 12.52 22.17
N ASP A 50 19.65 13.21 23.27
CA ASP A 50 20.73 13.86 23.98
C ASP A 50 20.69 13.45 25.46
N PRO A 51 21.90 13.26 26.04
CA PRO A 51 22.02 12.86 27.44
C PRO A 51 21.71 14.04 28.37
N ARG A 52 21.44 15.18 27.75
CA ARG A 52 21.13 16.39 28.51
C ARG A 52 19.65 16.75 28.35
N GLN A 53 19.26 16.94 27.10
CA GLN A 53 17.87 17.30 26.80
C GLN A 53 17.00 16.04 26.80
N GLY A 54 17.35 15.11 25.94
CA GLY A 54 16.61 13.86 25.84
C GLY A 54 16.22 13.57 24.39
N ASP A 55 14.92 13.37 24.19
CA ASP A 55 14.40 13.09 22.86
C ASP A 55 14.42 14.37 22.02
N THR A 56 15.11 14.28 20.89
CA THR A 56 15.21 15.43 19.99
C THR A 56 15.12 14.97 18.54
N VAL A 57 14.99 15.95 17.66
CA VAL A 57 14.89 15.67 16.23
C VAL A 57 15.78 16.64 15.45
N LYS A 58 16.62 16.07 14.61
CA LYS A 58 17.53 16.88 13.80
C LYS A 58 16.92 17.09 12.42
N HIS A 59 17.27 18.22 11.82
CA HIS A 59 16.77 18.56 10.50
C HIS A 59 17.91 19.12 9.65
N TYR A 60 18.29 18.36 8.64
CA TYR A 60 19.36 18.77 7.75
C TYR A 60 18.81 19.40 6.48
N LYS A 61 19.67 20.15 5.80
CA LYS A 61 19.26 20.81 4.57
C LYS A 61 19.86 20.05 3.38
N ILE A 62 19.11 20.07 2.29
CA ILE A 62 19.55 19.39 1.08
C ILE A 62 19.61 20.40 -0.08
N ARG A 63 20.82 20.76 -0.45
CA ARG A 63 21.02 21.71 -1.53
C ARG A 63 21.16 20.98 -2.86
N THR A 64 20.86 21.69 -3.93
CA THR A 64 20.94 21.13 -5.27
C THR A 64 22.08 21.78 -6.06
N LEU A 65 22.63 21.01 -6.99
CA LEU A 65 23.71 21.50 -7.82
C LEU A 65 23.16 21.93 -9.18
N ASP A 66 23.80 22.95 -9.74
CA ASP A 66 23.38 23.46 -11.04
C ASP A 66 23.23 22.29 -12.02
N ASN A 67 24.30 21.51 -12.14
CA ASN A 67 24.30 20.37 -13.03
C ASN A 67 24.72 19.12 -12.25
N GLY A 68 23.87 18.74 -11.30
CA GLY A 68 24.14 17.57 -10.49
C GLY A 68 22.84 16.96 -9.95
N GLY A 69 22.78 16.83 -8.64
CA GLY A 69 21.61 16.28 -8.00
C GLY A 69 21.30 17.01 -6.68
N PHE A 70 21.61 16.33 -5.58
CA PHE A 70 21.38 16.91 -4.27
C PHE A 70 22.48 16.50 -3.28
N TYR A 71 22.99 17.50 -2.57
CA TYR A 71 24.04 17.26 -1.61
C TYR A 71 23.72 17.92 -0.26
N ILE A 72 24.17 17.28 0.80
CA ILE A 72 23.94 17.80 2.14
C ILE A 72 25.22 18.45 2.66
N SER A 73 26.33 17.76 2.43
CA SER A 73 27.63 18.26 2.88
C SER A 73 28.53 18.51 1.67
N PRO A 74 29.37 19.56 1.79
CA PRO A 74 30.30 19.91 0.72
C PRO A 74 31.47 18.93 0.66
N ARG A 75 31.13 17.65 0.52
CA ARG A 75 32.14 16.62 0.45
C ARG A 75 31.76 15.59 -0.61
N SER A 76 30.70 14.86 -0.33
CA SER A 76 30.22 13.83 -1.24
C SER A 76 28.78 14.12 -1.65
N THR A 77 28.62 14.58 -2.88
CA THR A 77 27.30 14.90 -3.41
C THR A 77 26.70 13.67 -4.09
N PHE A 78 25.38 13.74 -4.28
CA PHE A 78 24.67 12.65 -4.93
C PHE A 78 23.80 13.16 -6.09
N SER A 79 23.57 12.28 -7.04
CA SER A 79 22.77 12.62 -8.20
C SER A 79 21.29 12.34 -7.92
N THR A 80 21.06 11.44 -6.98
CA THR A 80 19.71 11.07 -6.60
C THR A 80 19.59 10.90 -5.09
N LEU A 81 18.39 11.13 -4.58
CA LEU A 81 18.14 11.01 -3.16
C LEU A 81 18.14 9.54 -2.78
N GLN A 82 17.86 8.69 -3.76
CA GLN A 82 17.82 7.26 -3.54
C GLN A 82 19.23 6.75 -3.20
N GLU A 83 20.22 7.40 -3.77
CA GLU A 83 21.60 7.02 -3.55
C GLU A 83 22.13 7.67 -2.26
N LEU A 84 21.52 8.79 -1.92
CA LEU A 84 21.91 9.52 -0.73
C LEU A 84 21.34 8.83 0.51
N VAL A 85 20.13 8.30 0.34
CA VAL A 85 19.46 7.60 1.42
C VAL A 85 20.10 6.24 1.62
N ASP A 86 20.60 5.69 0.53
CA ASP A 86 21.23 4.39 0.56
C ASP A 86 22.60 4.51 1.23
N HIS A 87 23.35 5.52 0.80
CA HIS A 87 24.68 5.76 1.35
C HIS A 87 24.57 5.99 2.86
N TYR A 88 23.45 6.58 3.26
CA TYR A 88 23.21 6.86 4.66
C TYR A 88 22.80 5.59 5.41
N LYS A 89 22.22 4.66 4.66
CA LYS A 89 21.77 3.40 5.24
C LYS A 89 22.99 2.53 5.55
N LYS A 90 24.07 2.79 4.83
CA LYS A 90 25.30 2.03 5.02
C LYS A 90 26.08 2.64 6.18
N GLY A 91 25.95 3.95 6.33
CA GLY A 91 26.64 4.66 7.39
C GLY A 91 26.29 6.15 7.37
N ASN A 92 26.35 6.75 8.55
CA ASN A 92 26.04 8.17 8.68
C ASN A 92 26.90 8.96 7.69
N ASP A 93 28.19 8.68 7.72
CA ASP A 93 29.12 9.36 6.83
C ASP A 93 28.78 10.84 6.78
N GLY A 94 28.49 11.40 7.94
CA GLY A 94 28.14 12.81 8.04
C GLY A 94 27.09 13.04 9.12
N LEU A 95 26.01 12.27 9.02
CA LEU A 95 24.92 12.39 9.98
C LEU A 95 25.44 12.03 11.38
N CYS A 96 24.58 12.24 12.36
CA CYS A 96 24.94 11.94 13.73
C CYS A 96 24.92 10.43 13.93
N GLN A 97 24.00 9.78 13.21
CA GLN A 97 23.87 8.34 13.29
C GLN A 97 23.35 7.78 11.97
N LYS A 98 23.86 6.61 11.62
CA LYS A 98 23.47 5.96 10.38
C LYS A 98 21.94 5.84 10.34
N LEU A 99 21.45 5.53 9.15
CA LEU A 99 20.01 5.38 8.96
C LEU A 99 19.64 3.91 9.08
N SER A 100 18.61 3.65 9.89
CA SER A 100 18.14 2.30 10.10
C SER A 100 16.96 2.00 9.18
N VAL A 101 15.85 2.65 9.47
CA VAL A 101 14.64 2.47 8.67
C VAL A 101 14.00 3.83 8.41
N PRO A 102 13.28 3.92 7.26
CA PRO A 102 12.61 5.15 6.88
C PRO A 102 11.35 5.38 7.73
N CYS A 103 10.92 6.63 7.77
CA CYS A 103 9.73 6.98 8.53
C CYS A 103 8.61 6.01 8.16
N MET A 104 7.59 5.98 9.01
CA MET A 104 6.46 5.11 8.79
C MET A 104 5.31 5.86 8.11
N SER A 105 4.41 5.08 7.50
CA SER A 105 3.27 5.66 6.81
C SER A 105 1.98 4.98 7.28
N SER A 106 0.90 5.74 7.23
CA SER A 106 -0.39 5.22 7.65
C SER A 106 -1.49 5.80 6.76
N LYS A 107 -2.49 4.98 6.50
CA LYS A 107 -3.61 5.39 5.67
C LYS A 107 -4.89 5.39 6.50
#